data_5N98
#
_entry.id   5N98
#
_cell.length_a   303.408
_cell.length_b   51.615
_cell.length_c   164.965
_cell.angle_alpha   90.00
_cell.angle_beta   114.43
_cell.angle_gamma   90.00
#
_symmetry.space_group_name_H-M   'C 1 2 1'
#
loop_
_entity.id
_entity.type
_entity.pdbx_description
1 polymer 'CG9323, isoform A'
2 polymer "DNA (5'-D(P*TP*AP*GP*GP*GP*TP*TP*TP*T)-3')"
3 non-polymer 'PHOSPHATE ION'
4 water water
#
loop_
_entity_poly.entity_id
_entity_poly.type
_entity_poly.pdbx_seq_one_letter_code
_entity_poly.pdbx_strand_id
1 'polypeptide(L)'
;MQRDRDSSGSNARKGNRPPGLRGKDIGLYYRNLARQQKKDRGENAESKEPQIRLGCNVSAPSGVLERVKELMEDYSRAPS
RQNVDDKNVDAKFQQQFRHLLSVNFEEFVAETKERNADLDWVNPKLDERLQLELGQRQLEENAKKRLEARKKLPTMKYAD
DIIQAVRENQVILIVGSTGCGKTTQVPQILLDDAISRGCASSCRIICTQPRRISAIAIAEWVSYERCESLGNSVGYQIRL
ESRKARERASITYCTTGVLLQQLQSDPLMHNLSVLILDEIHERSVETDLLMGLLKVILPHRPDLKVILMSATVREQDFCD
YFNNCPMFRIEGVMFPVKMLYLEDVLSKTNYEFQKFRDRRPKRDPPERRMKHEAMIEPYLRRIRNSYDSRVLDKLRLPES
EGCEDIDFIADLVYYICENEPEGAILVFLPGYDKISQLYNILDKPKTSKGQRWRDHMAVFPLHSLMQSGEQQAVFRRPPA
GQRKVIISTIIAETSVTIDDVVYVINSGRTKATNYDIETNIQSLDEVWVTKANTQQRRGRAGRVRPGICYNLFSRAREDR
MDDIPTPEILRSKLESIILSLKLLHIDDPYRFLQTLINAPNPEAIKMGVELLKRIEALDQTGTLTPLGMHLAKLPIDPQM
GKMILMSALFCCLDPITSAAAALSFKSPFYSPLGKESRVDEIKRRMARNMRSDHLMVHNTIIAYRDSRYSHAERDFCYKN
FLSSMTLQQLERMKNQFSELLYNYKFLASSNCKDAASNKNSEKIPLLRAIIGAGLYPNMAHLRKSRQIKNRVRAIHTMAT
DDGRRVNFHPSSVNSGESGFDSAYFVYFQRQKSTDLFLLDSTMVFPMALIIFGDGVEAGVTQNTPYLCVAKTYYFKCNRE
TADVVIQLRSNLEKLLLKKALYPAPIEENGYEKQLIKAIELLLSLDERLGEDYISSDEIDDIVD
;
A,B
2 'polydeoxyribonucleotide' (DT)(DA)(DG)(DG)(DG)(DT)(DT)(DT)(DT) C,D
#
# COMPACT_ATOMS: atom_id res chain seq x y z
N ILE A 52 -17.01 -4.34 -62.07
CA ILE A 52 -16.85 -3.44 -60.93
C ILE A 52 -17.49 -2.06 -61.17
N ARG A 53 -18.34 -1.67 -60.21
CA ARG A 53 -18.93 -0.34 -60.13
C ARG A 53 -17.96 0.60 -59.44
N LEU A 54 -18.09 1.90 -59.73
CA LEU A 54 -17.15 2.88 -59.19
C LEU A 54 -17.88 4.02 -58.52
N GLY A 55 -17.51 4.29 -57.27
CA GLY A 55 -18.21 5.24 -56.45
C GLY A 55 -17.62 6.63 -56.60
N CYS A 56 -17.96 7.49 -55.65
CA CYS A 56 -17.68 8.91 -55.78
C CYS A 56 -16.19 9.20 -55.61
N ASN A 57 -15.75 10.33 -56.17
CA ASN A 57 -14.35 10.70 -56.09
C ASN A 57 -14.00 11.18 -54.69
N VAL A 58 -12.85 10.73 -54.18
CA VAL A 58 -12.44 11.00 -52.81
C VAL A 58 -11.04 11.61 -52.85
N SER A 59 -10.65 12.11 -54.02
CA SER A 59 -9.34 12.75 -54.12
C SER A 59 -9.35 14.05 -53.34
N ALA A 60 -8.19 14.37 -52.71
CA ALA A 60 -7.99 15.52 -51.84
C ALA A 60 -7.19 16.61 -52.55
N PRO A 61 -7.42 17.87 -52.20
CA PRO A 61 -6.69 18.96 -52.85
C PRO A 61 -5.21 18.89 -52.57
N SER A 62 -4.44 19.38 -53.56
CA SER A 62 -2.99 19.58 -53.48
C SER A 62 -2.54 20.17 -52.14
N GLY A 63 -3.13 21.29 -51.74
CA GLY A 63 -2.68 21.94 -50.52
C GLY A 63 -2.89 21.10 -49.27
N VAL A 64 -4.00 20.36 -49.22
CA VAL A 64 -4.25 19.51 -48.06
C VAL A 64 -3.29 18.33 -48.05
N LEU A 65 -3.01 17.74 -49.21
CA LEU A 65 -2.10 16.61 -49.28
C LEU A 65 -0.70 17.00 -48.83
N GLU A 66 -0.27 18.23 -49.18
CA GLU A 66 1.06 18.71 -48.81
C GLU A 66 1.20 18.88 -47.30
N ARG A 67 0.15 19.40 -46.64
CA ARG A 67 0.19 19.50 -45.18
C ARG A 67 0.24 18.11 -44.53
N VAL A 68 -0.47 17.12 -45.10
CA VAL A 68 -0.40 15.77 -44.54
C VAL A 68 0.99 15.17 -44.73
N LYS A 69 1.59 15.34 -45.90
CA LYS A 69 2.94 14.82 -46.06
C LYS A 69 3.89 15.43 -45.04
N GLU A 70 3.73 16.73 -44.75
CA GLU A 70 4.61 17.36 -43.77
C GLU A 70 4.35 16.83 -42.36
N LEU A 71 3.07 16.64 -42.00
CA LEU A 71 2.75 16.12 -40.69
C LEU A 71 3.32 14.73 -40.52
N MET A 72 3.12 13.86 -41.51
CA MET A 72 3.66 12.50 -41.40
C MET A 72 5.16 12.49 -41.33
N GLU A 73 5.81 13.44 -41.99
CA GLU A 73 7.26 13.46 -41.99
C GLU A 73 7.78 14.03 -40.69
N ASP A 74 7.00 14.87 -40.03
CA ASP A 74 7.36 15.27 -38.67
C ASP A 74 7.11 14.12 -37.68
N TYR A 75 6.03 13.36 -37.87
CA TYR A 75 5.80 12.16 -37.04
C TYR A 75 6.92 11.15 -37.22
N SER A 76 7.46 11.03 -38.43
CA SER A 76 8.48 10.03 -38.73
C SER A 76 9.88 10.42 -38.26
N ARG A 77 10.04 11.45 -37.46
CA ARG A 77 11.34 11.79 -36.89
C ARG A 77 11.27 11.75 -35.37
N ALA A 78 10.64 10.70 -34.85
CA ALA A 78 10.55 10.39 -33.44
C ALA A 78 11.48 9.23 -33.11
N PRO A 79 12.29 9.34 -32.04
CA PRO A 79 13.16 8.25 -31.60
C PRO A 79 12.38 7.07 -31.00
N ASP A 90 8.60 4.07 -19.84
CA ASP A 90 8.60 2.97 -18.88
C ASP A 90 7.36 2.08 -19.07
N ALA A 91 7.57 0.80 -19.37
CA ALA A 91 6.47 -0.06 -19.78
C ALA A 91 6.30 -1.21 -18.80
N LYS A 92 5.51 -0.97 -17.77
CA LYS A 92 5.03 -2.08 -16.96
C LYS A 92 4.11 -2.96 -17.80
N PHE A 93 3.35 -2.37 -18.72
CA PHE A 93 2.43 -3.18 -19.52
C PHE A 93 3.18 -4.13 -20.44
N GLN A 94 4.19 -3.62 -21.14
CA GLN A 94 5.01 -4.48 -21.98
C GLN A 94 5.55 -5.70 -21.22
N GLN A 95 6.13 -5.48 -20.04
CA GLN A 95 6.64 -6.60 -19.25
C GLN A 95 5.54 -7.62 -18.91
N GLN A 96 4.37 -7.14 -18.47
CA GLN A 96 3.27 -8.07 -18.16
C GLN A 96 2.77 -8.80 -19.40
N PHE A 97 2.72 -8.12 -20.55
CA PHE A 97 2.26 -8.79 -21.76
C PHE A 97 3.22 -9.90 -22.15
N ARG A 98 4.52 -9.67 -22.04
CA ARG A 98 5.43 -10.72 -22.42
C ARG A 98 5.46 -11.83 -21.38
N HIS A 99 5.26 -11.48 -20.11
CA HIS A 99 5.24 -12.51 -19.07
C HIS A 99 4.09 -13.48 -19.29
N LEU A 100 2.93 -12.96 -19.70
CA LEU A 100 1.81 -13.83 -19.98
C LEU A 100 2.11 -14.76 -21.15
N LEU A 101 2.84 -14.26 -22.15
CA LEU A 101 3.11 -15.07 -23.32
C LEU A 101 4.27 -16.05 -23.13
N SER A 102 5.15 -15.82 -22.16
CA SER A 102 6.26 -16.76 -21.96
C SER A 102 5.86 -17.97 -21.13
N VAL A 103 5.00 -17.79 -20.10
CA VAL A 103 4.76 -18.86 -19.13
C VAL A 103 3.78 -19.87 -19.72
N ASN A 104 3.99 -21.14 -19.36
CA ASN A 104 3.04 -22.21 -19.63
C ASN A 104 2.04 -22.29 -18.48
N PHE A 105 1.06 -23.20 -18.59
CA PHE A 105 -0.04 -23.23 -17.64
C PHE A 105 0.40 -23.67 -16.25
N GLU A 106 1.37 -24.59 -16.15
CA GLU A 106 1.89 -24.99 -14.85
C GLU A 106 2.51 -23.82 -14.09
N GLU A 107 3.35 -23.04 -14.79
CA GLU A 107 3.96 -21.86 -14.19
C GLU A 107 2.89 -20.83 -13.81
N PHE A 108 1.84 -20.73 -14.61
CA PHE A 108 0.80 -19.74 -14.35
C PHE A 108 -0.02 -20.09 -13.12
N VAL A 109 -0.19 -21.39 -12.83
CA VAL A 109 -0.92 -21.77 -11.62
C VAL A 109 -0.07 -21.58 -10.38
N ALA A 110 1.22 -21.92 -10.45
CA ALA A 110 2.15 -21.57 -9.39
C ALA A 110 2.12 -20.06 -9.11
N GLU A 111 2.30 -19.27 -10.17
CA GLU A 111 2.47 -17.84 -9.97
C GLU A 111 1.21 -17.18 -9.42
N THR A 112 0.03 -17.69 -9.76
CA THR A 112 -1.14 -17.04 -9.20
C THR A 112 -1.40 -17.45 -7.76
N LYS A 113 -0.75 -18.52 -7.29
CA LYS A 113 -0.99 -19.01 -5.95
C LYS A 113 -0.18 -18.27 -4.89
N GLU A 114 0.94 -17.64 -5.28
CA GLU A 114 1.69 -16.84 -4.32
C GLU A 114 1.15 -15.43 -4.22
N ARG A 115 0.62 -14.92 -5.35
CA ARG A 115 0.09 -13.56 -5.48
C ARG A 115 -1.28 -13.43 -4.81
N ASN A 116 -2.12 -14.46 -4.91
CA ASN A 116 -3.39 -14.52 -4.17
C ASN A 116 -3.26 -15.48 -2.98
N ALA A 117 -2.73 -14.96 -1.87
CA ALA A 117 -2.50 -15.76 -0.68
C ALA A 117 -3.21 -15.24 0.57
N ASP A 118 -4.14 -14.29 0.44
CA ASP A 118 -4.69 -13.63 1.63
C ASP A 118 -5.35 -14.64 2.58
N LEU A 119 -6.15 -15.58 2.04
CA LEU A 119 -6.83 -16.55 2.90
C LEU A 119 -5.92 -17.66 3.39
N ASP A 120 -4.61 -17.55 3.18
CA ASP A 120 -3.70 -18.31 4.00
C ASP A 120 -3.60 -17.76 5.42
N TRP A 121 -4.08 -16.54 5.69
CA TRP A 121 -3.94 -15.92 7.00
C TRP A 121 -5.30 -15.92 7.69
N VAL A 122 -5.31 -16.38 8.94
CA VAL A 122 -6.49 -16.40 9.81
C VAL A 122 -6.16 -15.67 11.10
N ASN A 123 -7.21 -15.21 11.76
CA ASN A 123 -7.09 -14.36 12.95
C ASN A 123 -7.81 -15.06 14.10
N PRO A 124 -7.08 -15.65 15.04
CA PRO A 124 -7.76 -16.50 16.05
C PRO A 124 -8.60 -15.70 17.04
N LYS A 125 -8.23 -14.45 17.34
CA LYS A 125 -9.01 -13.67 18.29
C LYS A 125 -10.29 -13.14 17.64
N LEU A 126 -10.27 -12.90 16.33
CA LEU A 126 -11.53 -12.62 15.64
C LEU A 126 -12.39 -13.87 15.55
N ASP A 127 -11.75 -15.02 15.27
CA ASP A 127 -12.48 -16.28 15.28
C ASP A 127 -13.15 -16.49 16.62
N GLU A 128 -12.42 -16.24 17.70
CA GLU A 128 -12.93 -16.53 19.03
C GLU A 128 -14.06 -15.57 19.42
N ARG A 129 -14.07 -14.35 18.86
CA ARG A 129 -15.04 -13.35 19.28
C ARG A 129 -16.34 -13.43 18.51
N LEU A 130 -16.30 -13.79 17.21
CA LEU A 130 -17.56 -14.05 16.52
C LEU A 130 -18.21 -15.33 17.02
N GLN A 131 -17.40 -16.29 17.48
CA GLN A 131 -17.97 -17.50 18.07
C GLN A 131 -18.76 -17.17 19.32
N LEU A 132 -18.19 -16.38 20.22
CA LEU A 132 -18.90 -16.07 21.47
C LEU A 132 -20.06 -15.12 21.21
N GLU A 133 -19.84 -14.14 20.33
CA GLU A 133 -20.91 -13.19 20.01
C GLU A 133 -22.10 -13.89 19.35
N LEU A 134 -21.84 -14.92 18.56
CA LEU A 134 -22.91 -15.66 17.91
C LEU A 134 -23.70 -16.47 18.93
N GLY A 135 -23.00 -17.19 19.81
CA GLY A 135 -23.68 -18.01 20.81
C GLY A 135 -24.64 -17.23 21.68
N GLN A 136 -24.25 -16.03 22.10
CA GLN A 136 -25.15 -15.28 22.96
C GLN A 136 -26.21 -14.50 22.19
N ARG A 137 -25.93 -14.05 20.97
CA ARG A 137 -27.00 -13.35 20.27
C ARG A 137 -28.11 -14.30 19.83
N GLN A 138 -27.86 -15.61 19.88
CA GLN A 138 -28.91 -16.62 19.74
C GLN A 138 -29.63 -16.90 21.04
N LEU A 139 -29.47 -16.01 22.03
CA LEU A 139 -30.31 -16.01 23.21
C LEU A 139 -31.09 -14.72 23.32
N GLU A 140 -30.99 -13.85 22.32
CA GLU A 140 -31.79 -12.64 22.34
C GLU A 140 -33.10 -12.90 21.63
N GLU A 141 -34.06 -12.00 21.84
CA GLU A 141 -35.37 -12.17 21.23
C GLU A 141 -35.51 -11.27 20.01
N ASN A 142 -34.45 -10.55 19.67
CA ASN A 142 -34.25 -10.09 18.30
C ASN A 142 -34.22 -11.30 17.38
N ALA A 143 -33.24 -12.19 17.62
CA ALA A 143 -33.25 -13.50 17.01
C ALA A 143 -34.19 -14.39 17.79
N LYS A 144 -34.24 -15.66 17.41
CA LYS A 144 -34.88 -16.75 18.13
C LYS A 144 -36.39 -16.62 17.98
N LYS A 145 -36.84 -15.53 17.36
CA LYS A 145 -38.09 -15.42 16.60
C LYS A 145 -37.78 -15.61 15.13
N ARG A 146 -36.70 -14.92 14.70
CA ARG A 146 -36.12 -15.09 13.37
C ARG A 146 -35.69 -16.52 13.14
N LEU A 147 -35.17 -17.16 14.20
CA LEU A 147 -34.51 -18.45 14.01
C LEU A 147 -35.52 -19.57 13.92
N GLU A 148 -36.65 -19.49 14.63
CA GLU A 148 -37.66 -20.52 14.45
C GLU A 148 -38.55 -20.25 13.25
N ALA A 149 -38.62 -19.00 12.78
CA ALA A 149 -39.23 -18.76 11.48
C ALA A 149 -38.32 -19.22 10.34
N ARG A 150 -37.01 -19.18 10.53
CA ARG A 150 -36.13 -19.82 9.56
C ARG A 150 -36.37 -21.32 9.53
N LYS A 151 -36.54 -21.96 10.70
CA LYS A 151 -36.67 -23.41 10.78
C LYS A 151 -37.94 -23.92 10.13
N LYS A 152 -38.85 -23.06 9.71
CA LYS A 152 -40.00 -23.49 8.93
C LYS A 152 -39.73 -23.52 7.44
N LEU A 153 -38.53 -23.23 7.04
CA LEU A 153 -38.18 -23.43 5.64
C LEU A 153 -37.55 -24.80 5.45
N PRO A 154 -37.94 -25.47 4.36
CA PRO A 154 -37.54 -26.87 4.20
C PRO A 154 -36.04 -27.09 4.16
N THR A 155 -35.27 -26.15 3.59
CA THR A 155 -33.83 -26.31 3.56
C THR A 155 -33.26 -26.56 4.96
N MET A 156 -33.80 -25.90 5.99
CA MET A 156 -33.15 -25.92 7.30
C MET A 156 -33.22 -27.28 7.98
N LYS A 157 -34.17 -28.13 7.57
CA LYS A 157 -34.14 -29.51 8.01
C LYS A 157 -33.10 -30.36 7.34
N TYR A 158 -32.45 -29.86 6.33
CA TYR A 158 -31.35 -30.63 5.82
C TYR A 158 -30.04 -29.99 6.20
N ALA A 159 -30.06 -29.07 7.18
CA ALA A 159 -28.86 -28.32 7.55
C ALA A 159 -27.66 -29.23 7.82
N ASP A 160 -27.83 -30.23 8.68
CA ASP A 160 -26.66 -31.03 9.03
C ASP A 160 -26.26 -31.98 7.92
N ASP A 161 -27.24 -32.53 7.18
CA ASP A 161 -26.86 -33.37 6.05
C ASP A 161 -26.05 -32.59 5.03
N ILE A 162 -26.32 -31.29 4.90
CA ILE A 162 -25.64 -30.45 3.94
C ILE A 162 -24.23 -30.11 4.43
N ILE A 163 -24.12 -29.72 5.70
CA ILE A 163 -22.81 -29.47 6.29
C ILE A 163 -21.89 -30.67 6.09
N GLN A 164 -22.41 -31.87 6.38
CA GLN A 164 -21.63 -33.10 6.26
C GLN A 164 -21.26 -33.38 4.81
N ALA A 165 -22.19 -33.15 3.88
CA ALA A 165 -21.87 -33.39 2.48
C ALA A 165 -20.78 -32.44 1.95
N VAL A 166 -20.82 -31.16 2.34
CA VAL A 166 -19.77 -30.24 1.89
C VAL A 166 -18.43 -30.61 2.51
N ARG A 167 -18.43 -31.15 3.72
CA ARG A 167 -17.16 -31.51 4.32
C ARG A 167 -16.55 -32.72 3.62
N GLU A 168 -17.38 -33.68 3.19
CA GLU A 168 -16.90 -34.93 2.60
C GLU A 168 -16.71 -34.85 1.08
N ASN A 169 -17.39 -33.93 0.39
CA ASN A 169 -17.30 -33.87 -1.06
C ASN A 169 -16.98 -32.46 -1.51
N GLN A 170 -16.26 -32.38 -2.64
CA GLN A 170 -15.83 -31.09 -3.15
C GLN A 170 -16.91 -30.36 -3.93
N VAL A 171 -17.79 -31.07 -4.63
CA VAL A 171 -18.89 -30.47 -5.37
C VAL A 171 -20.16 -31.18 -4.93
N ILE A 172 -21.14 -30.42 -4.43
CA ILE A 172 -22.46 -30.97 -4.24
C ILE A 172 -23.46 -30.14 -5.01
N LEU A 173 -24.67 -30.66 -5.12
CA LEU A 173 -25.73 -30.03 -5.89
C LEU A 173 -27.00 -30.10 -5.07
N ILE A 174 -27.64 -28.95 -4.87
CA ILE A 174 -28.89 -28.85 -4.12
C ILE A 174 -29.98 -28.50 -5.13
N VAL A 175 -30.99 -29.33 -5.23
CA VAL A 175 -32.10 -29.13 -6.16
C VAL A 175 -33.34 -28.76 -5.36
N GLY A 176 -34.03 -27.69 -5.77
CA GLY A 176 -35.23 -27.29 -5.05
C GLY A 176 -36.14 -26.28 -5.73
N SER A 177 -37.45 -26.52 -5.61
CA SER A 177 -38.45 -25.66 -6.22
C SER A 177 -38.52 -24.35 -5.45
N THR A 178 -39.18 -23.35 -6.01
CA THR A 178 -39.16 -22.06 -5.34
C THR A 178 -39.96 -22.15 -4.03
N GLY A 179 -39.55 -21.34 -3.06
CA GLY A 179 -40.08 -21.43 -1.73
C GLY A 179 -39.33 -22.39 -0.82
N CYS A 180 -38.30 -23.06 -1.33
CA CYS A 180 -37.56 -24.02 -0.53
C CYS A 180 -36.49 -23.38 0.34
N GLY A 181 -36.04 -22.16 -0.01
CA GLY A 181 -35.08 -21.40 0.79
C GLY A 181 -33.63 -21.75 0.60
N LYS A 182 -33.28 -22.50 -0.46
CA LYS A 182 -31.87 -22.85 -0.71
C LYS A 182 -30.97 -21.62 -0.81
N THR A 183 -31.44 -20.57 -1.49
CA THR A 183 -30.65 -19.36 -1.69
C THR A 183 -30.47 -18.59 -0.38
N THR A 184 -31.55 -18.39 0.35
CA THR A 184 -31.52 -17.79 1.67
C THR A 184 -30.65 -18.60 2.65
N GLN A 185 -30.86 -19.93 2.74
CA GLN A 185 -30.43 -20.67 3.94
C GLN A 185 -29.08 -21.36 3.80
N VAL A 186 -28.75 -21.87 2.63
CA VAL A 186 -27.50 -22.62 2.48
C VAL A 186 -26.28 -21.77 2.81
N PRO A 187 -26.16 -20.52 2.37
CA PRO A 187 -25.01 -19.73 2.82
C PRO A 187 -24.94 -19.57 4.34
N GLN A 188 -26.07 -19.41 5.05
CA GLN A 188 -25.90 -19.23 6.48
C GLN A 188 -25.67 -20.54 7.23
N ILE A 189 -26.20 -21.65 6.74
CA ILE A 189 -25.89 -22.93 7.36
C ILE A 189 -24.38 -23.14 7.36
N LEU A 190 -23.74 -22.86 6.23
CA LEU A 190 -22.29 -22.99 6.12
C LEU A 190 -21.56 -21.94 6.95
N LEU A 191 -22.01 -20.68 6.87
CA LEU A 191 -21.32 -19.61 7.57
C LEU A 191 -21.36 -19.84 9.08
N ASP A 192 -22.58 -20.01 9.61
CA ASP A 192 -22.75 -20.17 11.05
C ASP A 192 -22.06 -21.43 11.54
N ASP A 193 -21.91 -22.45 10.69
CA ASP A 193 -21.19 -23.64 11.12
C ASP A 193 -19.72 -23.31 11.30
N ALA A 194 -19.12 -22.62 10.33
CA ALA A 194 -17.72 -22.21 10.46
C ALA A 194 -17.49 -21.32 11.69
N ILE A 195 -18.40 -20.39 11.97
CA ILE A 195 -18.26 -19.55 13.17
C ILE A 195 -18.36 -20.40 14.43
N SER A 196 -19.32 -21.34 14.47
CA SER A 196 -19.51 -22.16 15.65
C SER A 196 -18.30 -23.05 15.91
N ARG A 197 -17.74 -23.62 14.85
CA ARG A 197 -16.56 -24.48 14.92
C ARG A 197 -15.26 -23.73 15.25
N GLY A 198 -15.30 -22.40 15.37
CA GLY A 198 -14.11 -21.64 15.69
C GLY A 198 -13.21 -21.29 14.52
N CYS A 199 -13.76 -21.28 13.30
CA CYS A 199 -12.99 -21.09 12.07
C CYS A 199 -13.51 -19.92 11.24
N ALA A 200 -14.01 -18.89 11.92
CA ALA A 200 -14.77 -17.80 11.28
C ALA A 200 -13.98 -17.13 10.15
N SER A 201 -12.73 -16.77 10.43
CA SER A 201 -11.97 -15.93 9.52
C SER A 201 -11.47 -16.71 8.32
N SER A 202 -11.67 -18.02 8.30
CA SER A 202 -11.35 -18.85 7.16
C SER A 202 -12.44 -18.87 6.12
N CYS A 203 -13.55 -18.22 6.39
CA CYS A 203 -14.78 -18.48 5.66
C CYS A 203 -15.12 -17.25 4.84
N ARG A 204 -15.12 -17.38 3.53
CA ARG A 204 -15.59 -16.31 2.67
C ARG A 204 -16.45 -16.98 1.62
N ILE A 205 -17.75 -16.65 1.64
CA ILE A 205 -18.76 -17.33 0.84
C ILE A 205 -19.21 -16.38 -0.26
N ILE A 206 -19.02 -16.80 -1.51
CA ILE A 206 -19.58 -16.07 -2.65
C ILE A 206 -20.73 -16.89 -3.22
N CYS A 207 -21.89 -16.26 -3.35
CA CYS A 207 -23.05 -16.86 -3.98
C CYS A 207 -23.49 -16.01 -5.18
N THR A 208 -23.41 -16.58 -6.38
CA THR A 208 -23.78 -15.89 -7.61
C THR A 208 -25.28 -15.97 -7.88
N GLN A 209 -25.79 -15.01 -8.64
CA GLN A 209 -27.18 -14.92 -9.10
C GLN A 209 -27.19 -14.41 -10.52
N PRO A 210 -28.21 -14.78 -11.32
CA PRO A 210 -28.23 -14.31 -12.71
C PRO A 210 -28.61 -12.84 -12.85
N ARG A 211 -29.51 -12.32 -12.03
CA ARG A 211 -30.08 -10.99 -12.21
C ARG A 211 -29.62 -10.01 -11.13
N ARG A 212 -29.41 -8.75 -11.52
CA ARG A 212 -28.99 -7.70 -10.57
C ARG A 212 -30.02 -7.51 -9.44
N ILE A 213 -31.31 -7.41 -9.77
CA ILE A 213 -32.32 -7.24 -8.72
C ILE A 213 -32.33 -8.37 -7.70
N SER A 214 -32.07 -9.61 -8.12
CA SER A 214 -32.13 -10.68 -7.13
C SER A 214 -30.98 -10.56 -6.14
N ALA A 215 -29.76 -10.33 -6.63
CA ALA A 215 -28.62 -10.21 -5.72
C ALA A 215 -28.87 -9.18 -4.62
N ILE A 216 -29.51 -8.07 -4.96
CA ILE A 216 -29.77 -7.04 -3.95
C ILE A 216 -30.83 -7.52 -2.96
N ALA A 217 -32.01 -7.90 -3.47
CA ALA A 217 -33.13 -8.21 -2.58
C ALA A 217 -32.80 -9.40 -1.68
N ILE A 218 -32.13 -10.42 -2.22
CA ILE A 218 -31.76 -11.57 -1.41
C ILE A 218 -30.76 -11.17 -0.32
N ALA A 219 -29.79 -10.31 -0.66
CA ALA A 219 -28.80 -9.87 0.34
C ALA A 219 -29.46 -9.03 1.43
N GLU A 220 -30.39 -8.17 1.06
CA GLU A 220 -31.09 -7.38 2.07
C GLU A 220 -31.97 -8.27 2.94
N TRP A 221 -32.44 -9.39 2.41
CA TRP A 221 -33.25 -10.31 3.20
C TRP A 221 -32.40 -11.09 4.19
N VAL A 222 -31.33 -11.73 3.72
CA VAL A 222 -30.45 -12.49 4.61
C VAL A 222 -29.88 -11.56 5.68
N SER A 223 -29.61 -10.29 5.34
CA SER A 223 -29.11 -9.34 6.34
C SER A 223 -30.16 -9.07 7.41
N TYR A 224 -31.41 -8.90 7.00
CA TYR A 224 -32.51 -8.77 7.95
C TYR A 224 -32.67 -10.04 8.81
N GLU A 225 -32.64 -11.23 8.17
CA GLU A 225 -32.76 -12.47 8.93
C GLU A 225 -31.70 -12.59 10.01
N ARG A 226 -30.60 -11.85 9.86
CA ARG A 226 -29.46 -11.89 10.78
C ARG A 226 -29.40 -10.69 11.69
N CYS A 227 -30.44 -9.84 11.70
CA CYS A 227 -30.55 -8.69 12.59
C CYS A 227 -29.36 -7.73 12.42
N GLU A 228 -28.93 -7.57 11.18
CA GLU A 228 -27.80 -6.71 10.87
C GLU A 228 -28.16 -5.72 9.76
N SER A 229 -27.56 -4.54 9.86
CA SER A 229 -27.54 -3.65 8.71
C SER A 229 -26.70 -4.28 7.61
N LEU A 230 -27.06 -3.97 6.37
CA LEU A 230 -26.37 -4.60 5.26
C LEU A 230 -24.94 -4.07 5.16
N GLY A 231 -24.01 -4.98 4.96
CA GLY A 231 -22.60 -4.68 4.93
C GLY A 231 -21.79 -5.25 6.06
N ASN A 232 -22.39 -5.78 7.15
CA ASN A 232 -21.52 -6.51 8.08
C ASN A 232 -21.25 -7.97 7.73
N SER A 233 -22.27 -8.82 7.70
CA SER A 233 -21.91 -10.22 7.46
C SER A 233 -22.27 -10.67 6.07
N VAL A 234 -23.23 -10.01 5.44
CA VAL A 234 -23.73 -10.36 4.11
C VAL A 234 -23.72 -9.09 3.28
N GLY A 235 -23.36 -9.22 2.01
CA GLY A 235 -23.32 -8.07 1.14
C GLY A 235 -23.66 -8.48 -0.28
N TYR A 236 -23.73 -7.49 -1.15
CA TYR A 236 -23.91 -7.77 -2.56
C TYR A 236 -22.94 -6.94 -3.37
N GLN A 237 -22.59 -7.48 -4.53
CA GLN A 237 -21.76 -6.77 -5.50
C GLN A 237 -22.32 -7.05 -6.89
N ILE A 238 -22.91 -6.03 -7.49
CA ILE A 238 -23.30 -6.07 -8.89
C ILE A 238 -22.42 -5.04 -9.58
N ARG A 239 -22.50 -4.93 -10.90
CA ARG A 239 -21.61 -4.01 -11.57
C ARG A 239 -21.98 -2.56 -11.27
N LEU A 240 -20.95 -1.77 -10.95
CA LEU A 240 -21.05 -0.35 -10.56
C LEU A 240 -22.01 -0.08 -9.41
N GLU A 241 -22.17 -1.02 -8.48
CA GLU A 241 -22.87 -0.76 -7.22
C GLU A 241 -22.54 -1.91 -6.30
N SER A 242 -22.11 -1.63 -5.07
CA SER A 242 -21.83 -2.71 -4.13
C SER A 242 -22.05 -2.21 -2.72
N ARG A 243 -22.59 -3.08 -1.88
CA ARG A 243 -22.51 -2.93 -0.43
C ARG A 243 -21.72 -4.13 0.09
N LYS A 244 -20.40 -3.96 0.22
CA LYS A 244 -19.51 -5.07 0.46
C LYS A 244 -19.66 -5.59 1.88
N ALA A 245 -19.62 -6.90 2.01
CA ALA A 245 -19.62 -7.50 3.33
C ALA A 245 -18.26 -7.28 4.00
N ARG A 246 -18.21 -7.51 5.32
CA ARG A 246 -16.92 -7.63 6.02
C ARG A 246 -16.01 -8.61 5.28
N GLU A 247 -14.71 -8.42 5.42
CA GLU A 247 -13.74 -9.17 4.61
C GLU A 247 -13.84 -10.69 4.81
N ARG A 248 -13.89 -11.16 6.06
CA ARG A 248 -13.91 -12.59 6.38
C ARG A 248 -15.13 -12.96 7.22
N ALA A 249 -15.51 -14.25 7.21
CA ALA A 249 -16.77 -14.73 7.81
C ALA A 249 -17.98 -13.98 7.23
N SER A 250 -18.19 -14.14 5.94
CA SER A 250 -19.14 -13.28 5.24
C SER A 250 -19.76 -14.03 4.06
N ILE A 251 -20.94 -13.55 3.66
CA ILE A 251 -21.63 -14.01 2.46
C ILE A 251 -21.80 -12.83 1.52
N THR A 252 -21.35 -12.99 0.29
CA THR A 252 -21.56 -11.97 -0.73
C THR A 252 -22.37 -12.57 -1.85
N TYR A 253 -23.44 -11.88 -2.22
CA TYR A 253 -24.22 -12.23 -3.40
C TYR A 253 -23.79 -11.30 -4.53
N CYS A 254 -23.54 -11.88 -5.71
CA CYS A 254 -23.11 -11.09 -6.85
C CYS A 254 -23.65 -11.74 -8.12
N THR A 255 -23.77 -10.93 -9.17
CA THR A 255 -24.12 -11.48 -10.48
C THR A 255 -22.97 -12.30 -11.01
N THR A 256 -23.30 -13.30 -11.82
CA THR A 256 -22.27 -14.20 -12.34
C THR A 256 -21.19 -13.43 -13.09
N GLY A 257 -21.57 -12.37 -13.78
CA GLY A 257 -20.60 -11.61 -14.53
C GLY A 257 -19.55 -10.94 -13.67
N VAL A 258 -19.93 -10.47 -12.47
CA VAL A 258 -18.94 -9.89 -11.56
C VAL A 258 -17.89 -10.93 -11.23
N LEU A 259 -18.35 -12.12 -10.84
CA LEU A 259 -17.42 -13.20 -10.54
C LEU A 259 -16.52 -13.47 -11.72
N LEU A 260 -17.10 -13.53 -12.93
CA LEU A 260 -16.28 -13.82 -14.11
C LEU A 260 -15.21 -12.76 -14.34
N GLN A 261 -15.52 -11.47 -14.12
CA GLN A 261 -14.49 -10.45 -14.28
C GLN A 261 -13.40 -10.59 -13.23
N GLN A 262 -13.73 -11.04 -12.01
CA GLN A 262 -12.70 -11.13 -10.99
C GLN A 262 -11.76 -12.30 -11.19
N LEU A 263 -12.02 -13.21 -12.15
CA LEU A 263 -11.03 -14.25 -12.43
C LEU A 263 -9.77 -13.70 -13.07
N GLN A 264 -9.87 -12.63 -13.85
CA GLN A 264 -8.68 -12.06 -14.45
C GLN A 264 -7.61 -11.76 -13.41
N SER A 265 -8.01 -11.32 -12.22
CA SER A 265 -7.06 -11.05 -11.14
C SER A 265 -6.82 -12.27 -10.25
N ASP A 266 -7.78 -13.18 -10.12
CA ASP A 266 -7.67 -14.37 -9.27
C ASP A 266 -8.22 -15.58 -10.01
N PRO A 267 -7.44 -16.14 -10.93
CA PRO A 267 -7.99 -17.13 -11.90
C PRO A 267 -8.21 -18.51 -11.32
N LEU A 268 -7.70 -18.80 -10.12
CA LEU A 268 -7.97 -20.08 -9.50
C LEU A 268 -8.72 -19.91 -8.18
N MET A 269 -9.44 -18.80 -8.04
CA MET A 269 -10.43 -18.63 -6.98
C MET A 269 -9.81 -18.84 -5.60
N HIS A 270 -8.66 -18.19 -5.36
CA HIS A 270 -7.97 -18.30 -4.08
C HIS A 270 -8.52 -17.35 -3.04
N ASN A 271 -9.41 -16.41 -3.43
CA ASN A 271 -9.91 -15.40 -2.52
C ASN A 271 -11.29 -15.71 -1.97
N LEU A 272 -11.75 -16.96 -2.10
CA LEU A 272 -13.01 -17.35 -1.50
C LEU A 272 -12.86 -18.79 -1.04
N SER A 273 -13.59 -19.14 0.00
CA SER A 273 -13.52 -20.49 0.56
C SER A 273 -14.66 -21.39 0.10
N VAL A 274 -15.81 -20.80 -0.27
CA VAL A 274 -17.00 -21.54 -0.70
C VAL A 274 -17.60 -20.79 -1.88
N LEU A 275 -17.96 -21.51 -2.94
CA LEU A 275 -18.65 -20.90 -4.06
C LEU A 275 -19.99 -21.58 -4.31
N ILE A 276 -21.03 -20.77 -4.43
CA ILE A 276 -22.39 -21.25 -4.62
C ILE A 276 -22.85 -20.67 -5.96
N LEU A 277 -23.21 -21.54 -6.92
CA LEU A 277 -23.81 -21.07 -8.17
C LEU A 277 -25.30 -21.35 -8.16
N ASP A 278 -26.09 -20.32 -8.38
CA ASP A 278 -27.52 -20.44 -8.24
C ASP A 278 -28.19 -20.38 -9.61
N GLU A 279 -29.43 -20.83 -9.63
CA GLU A 279 -30.31 -20.83 -10.78
C GLU A 279 -29.61 -21.28 -12.06
N ILE A 280 -28.75 -22.29 -11.97
CA ILE A 280 -27.95 -22.76 -13.11
C ILE A 280 -28.78 -23.47 -14.17
N HIS A 281 -29.93 -24.03 -13.81
CA HIS A 281 -30.83 -24.64 -14.78
C HIS A 281 -31.29 -23.65 -15.85
N GLU A 282 -31.25 -22.35 -15.58
CA GLU A 282 -31.58 -21.36 -16.59
C GLU A 282 -30.61 -21.37 -17.76
N ARG A 283 -29.48 -22.06 -17.61
CA ARG A 283 -28.38 -22.09 -18.58
C ARG A 283 -28.07 -20.73 -19.21
N SER A 284 -27.78 -19.76 -18.36
CA SER A 284 -27.13 -18.57 -18.86
C SER A 284 -25.75 -18.91 -19.39
N VAL A 285 -25.25 -18.07 -20.31
CA VAL A 285 -23.90 -18.28 -20.81
C VAL A 285 -22.94 -18.35 -19.61
N GLU A 286 -23.08 -17.39 -18.67
CA GLU A 286 -22.07 -17.19 -17.60
C GLU A 286 -21.92 -18.42 -16.72
N THR A 287 -23.03 -18.96 -16.21
CA THR A 287 -22.87 -20.11 -15.32
C THR A 287 -22.51 -21.36 -16.09
N ASP A 288 -22.86 -21.43 -17.37
CA ASP A 288 -22.36 -22.54 -18.17
C ASP A 288 -20.88 -22.37 -18.42
N LEU A 289 -20.46 -21.13 -18.56
CA LEU A 289 -19.05 -20.85 -18.70
C LEU A 289 -18.33 -21.18 -17.40
N LEU A 290 -18.95 -20.81 -16.28
CA LEU A 290 -18.30 -20.99 -14.99
C LEU A 290 -18.06 -22.46 -14.70
N MET A 291 -19.05 -23.31 -14.99
CA MET A 291 -18.88 -24.73 -14.71
C MET A 291 -17.77 -25.33 -15.56
N GLY A 292 -17.65 -24.88 -16.80
CA GLY A 292 -16.53 -25.31 -17.61
C GLY A 292 -15.20 -25.00 -16.96
N LEU A 293 -15.08 -23.83 -16.36
CA LEU A 293 -13.80 -23.48 -15.77
C LEU A 293 -13.59 -24.13 -14.43
N LEU A 294 -14.66 -24.52 -13.76
CA LEU A 294 -14.52 -25.27 -12.52
C LEU A 294 -13.81 -26.59 -12.74
N LYS A 295 -13.94 -27.17 -13.94
CA LYS A 295 -13.25 -28.41 -14.24
C LYS A 295 -11.78 -28.20 -14.52
N VAL A 296 -11.36 -26.94 -14.71
CA VAL A 296 -9.95 -26.59 -14.82
C VAL A 296 -9.36 -26.17 -13.47
N ILE A 297 -10.17 -25.53 -12.62
CA ILE A 297 -9.68 -24.94 -11.39
C ILE A 297 -9.61 -25.98 -10.27
N LEU A 298 -10.67 -26.77 -10.08
CA LEU A 298 -10.73 -27.58 -8.87
C LEU A 298 -9.69 -28.68 -8.77
N PRO A 299 -9.14 -29.22 -9.86
CA PRO A 299 -7.96 -30.06 -9.69
C PRO A 299 -6.77 -29.31 -9.06
N HIS A 300 -6.79 -27.99 -9.05
CA HIS A 300 -5.71 -27.22 -8.44
C HIS A 300 -6.16 -26.52 -7.17
N ARG A 301 -7.41 -26.73 -6.75
CA ARG A 301 -7.92 -26.13 -5.50
C ARG A 301 -8.69 -27.17 -4.71
N PRO A 302 -7.99 -28.06 -4.01
CA PRO A 302 -8.68 -29.12 -3.26
C PRO A 302 -9.42 -28.61 -2.04
N ASP A 303 -9.01 -27.45 -1.48
CA ASP A 303 -9.68 -26.92 -0.29
C ASP A 303 -10.93 -26.14 -0.64
N LEU A 304 -11.20 -25.91 -1.92
CA LEU A 304 -12.31 -25.08 -2.29
C LEU A 304 -13.56 -25.95 -2.38
N LYS A 305 -14.66 -25.41 -1.88
CA LYS A 305 -15.95 -26.11 -1.84
C LYS A 305 -16.87 -25.38 -2.80
N VAL A 306 -17.53 -26.12 -3.68
CA VAL A 306 -18.50 -25.49 -4.57
C VAL A 306 -19.82 -26.19 -4.35
N ILE A 307 -20.90 -25.41 -4.40
CA ILE A 307 -22.25 -25.91 -4.21
C ILE A 307 -23.10 -25.41 -5.35
N LEU A 308 -23.44 -26.33 -6.25
CA LEU A 308 -24.33 -26.04 -7.37
C LEU A 308 -25.78 -26.01 -6.88
N MET A 309 -26.55 -25.07 -7.39
CA MET A 309 -27.95 -25.00 -7.02
C MET A 309 -28.83 -24.83 -8.25
N SER A 310 -29.97 -25.53 -8.23
CA SER A 310 -30.80 -25.73 -9.42
C SER A 310 -32.25 -25.85 -9.03
N ALA A 311 -33.12 -25.52 -9.99
CA ALA A 311 -34.52 -25.86 -9.91
C ALA A 311 -34.74 -27.28 -10.45
N THR A 312 -35.98 -27.78 -10.38
CA THR A 312 -36.22 -29.15 -10.87
C THR A 312 -36.43 -29.17 -12.37
N VAL A 313 -35.47 -28.62 -13.12
CA VAL A 313 -35.54 -28.48 -14.56
C VAL A 313 -34.27 -29.14 -15.10
N ARG A 314 -34.38 -30.40 -15.51
CA ARG A 314 -33.25 -31.19 -15.98
C ARG A 314 -32.07 -31.17 -14.99
N GLU A 315 -32.39 -31.30 -13.70
CA GLU A 315 -31.44 -31.42 -12.61
C GLU A 315 -30.30 -32.39 -12.96
N GLN A 316 -30.64 -33.52 -13.59
CA GLN A 316 -29.70 -34.62 -13.72
C GLN A 316 -28.52 -34.24 -14.62
N ASP A 317 -28.73 -33.32 -15.57
CA ASP A 317 -27.63 -32.91 -16.46
C ASP A 317 -26.42 -32.45 -15.65
N PHE A 318 -26.64 -31.59 -14.65
CA PHE A 318 -25.53 -31.02 -13.89
C PHE A 318 -24.87 -32.05 -13.01
N CYS A 319 -25.68 -32.90 -12.37
CA CYS A 319 -25.13 -34.04 -11.66
C CYS A 319 -24.26 -34.89 -12.59
N ASP A 320 -24.72 -35.16 -13.81
CA ASP A 320 -23.91 -35.94 -14.74
C ASP A 320 -22.59 -35.24 -15.05
N TYR A 321 -22.62 -33.91 -15.19
CA TYR A 321 -21.42 -33.18 -15.59
C TYR A 321 -20.28 -33.34 -14.57
N PHE A 322 -20.62 -33.29 -13.26
CA PHE A 322 -19.75 -33.36 -12.07
C PHE A 322 -19.69 -34.72 -11.35
N ASN A 323 -18.85 -35.63 -11.81
CA ASN A 323 -19.19 -36.89 -12.49
C ASN A 323 -20.44 -37.61 -11.98
N ASN A 324 -20.53 -38.06 -10.71
CA ASN A 324 -21.87 -38.24 -10.13
C ASN A 324 -21.83 -37.67 -8.71
N CYS A 325 -22.12 -36.41 -8.58
CA CYS A 325 -21.95 -35.83 -7.25
C CYS A 325 -23.21 -36.01 -6.39
N PRO A 326 -23.06 -36.00 -5.06
CA PRO A 326 -24.23 -35.99 -4.17
C PRO A 326 -25.22 -34.90 -4.55
N MET A 327 -26.50 -35.26 -4.54
CA MET A 327 -27.57 -34.37 -4.97
C MET A 327 -28.69 -34.40 -3.93
N PHE A 328 -28.93 -33.28 -3.27
CA PHE A 328 -30.08 -33.13 -2.39
C PHE A 328 -31.29 -32.67 -3.18
N ARG A 329 -32.46 -33.17 -2.82
CA ARG A 329 -33.73 -32.61 -3.32
C ARG A 329 -34.50 -32.06 -2.13
N ILE A 330 -34.76 -30.75 -2.15
CA ILE A 330 -35.46 -30.05 -1.08
C ILE A 330 -36.86 -29.74 -1.58
N GLU A 331 -37.90 -30.16 -0.82
CA GLU A 331 -39.29 -29.82 -1.13
C GLU A 331 -39.49 -28.29 -1.16
N GLY A 332 -40.59 -27.84 -1.78
CA GLY A 332 -40.90 -26.43 -1.92
C GLY A 332 -42.16 -26.04 -1.16
N VAL A 333 -42.46 -24.75 -1.22
CA VAL A 333 -43.65 -24.17 -0.57
C VAL A 333 -44.35 -23.27 -1.59
N MET A 334 -45.36 -23.79 -2.27
CA MET A 334 -46.26 -22.94 -3.04
C MET A 334 -47.70 -23.40 -2.86
N PHE A 335 -48.71 -22.44 -3.24
CA PHE A 335 -50.04 -23.02 -3.20
C PHE A 335 -50.36 -23.72 -4.52
N PRO A 336 -51.23 -24.72 -4.49
CA PRO A 336 -51.52 -25.46 -5.72
C PRO A 336 -52.05 -24.52 -6.77
N VAL A 337 -51.54 -24.67 -7.98
CA VAL A 337 -52.06 -23.96 -9.15
C VAL A 337 -52.61 -25.00 -10.10
N LYS A 338 -53.93 -24.93 -10.34
CA LYS A 338 -54.58 -25.91 -11.19
C LYS A 338 -54.31 -25.55 -12.63
N MET A 339 -54.03 -26.55 -13.45
CA MET A 339 -53.67 -26.32 -14.83
C MET A 339 -54.77 -26.79 -15.77
N LEU A 340 -55.23 -25.89 -16.62
CA LEU A 340 -56.23 -26.12 -17.66
C LEU A 340 -55.57 -25.98 -19.03
N TYR A 341 -55.99 -26.79 -19.96
CA TYR A 341 -55.50 -26.69 -21.33
C TYR A 341 -56.65 -26.23 -22.23
N LEU A 342 -56.34 -26.07 -23.52
CA LEU A 342 -57.28 -25.47 -24.45
C LEU A 342 -58.63 -26.19 -24.44
N GLU A 343 -58.61 -27.53 -24.38
CA GLU A 343 -59.87 -28.28 -24.33
C GLU A 343 -60.66 -27.95 -23.07
N ASP A 344 -59.97 -27.66 -21.96
CA ASP A 344 -60.67 -27.32 -20.75
C ASP A 344 -61.25 -25.89 -20.80
N VAL A 345 -60.48 -24.93 -21.34
CA VAL A 345 -60.93 -23.55 -21.43
C VAL A 345 -62.19 -23.43 -22.30
N LEU A 346 -62.16 -24.02 -23.50
CA LEU A 346 -63.33 -24.02 -24.41
C LEU A 346 -64.55 -24.64 -23.75
N SER A 347 -64.38 -25.71 -22.98
CA SER A 347 -65.55 -26.32 -22.33
C SER A 347 -66.12 -25.44 -21.22
N LYS A 348 -65.36 -24.42 -20.78
CA LYS A 348 -65.86 -23.47 -19.79
C LYS A 348 -66.23 -22.11 -20.41
N THR A 349 -65.51 -21.66 -21.43
CA THR A 349 -65.86 -20.41 -22.10
C THR A 349 -66.90 -20.61 -23.21
N ASN A 350 -66.88 -21.78 -23.86
CA ASN A 350 -67.75 -22.10 -25.02
C ASN A 350 -67.66 -21.03 -26.10
N TYR A 351 -66.49 -20.41 -26.19
CA TYR A 351 -66.23 -19.40 -27.20
C TYR A 351 -66.33 -20.01 -28.60
N GLU A 352 -66.67 -19.17 -29.58
CA GLU A 352 -66.74 -19.60 -30.96
C GLU A 352 -65.93 -18.64 -31.83
N PHE A 353 -65.18 -19.21 -32.79
CA PHE A 353 -64.31 -18.42 -33.66
C PHE A 353 -65.02 -18.27 -35.00
N GLN A 354 -64.93 -17.09 -35.62
CA GLN A 354 -64.85 -16.78 -37.05
C GLN A 354 -64.60 -15.28 -37.17
N LYS A 355 -63.92 -14.85 -38.23
CA LYS A 355 -63.98 -13.42 -38.57
C LYS A 355 -64.95 -13.12 -39.73
N ARG A 369 -49.20 -24.73 -41.36
CA ARG A 369 -50.53 -25.05 -41.86
C ARG A 369 -50.92 -26.32 -41.12
N MET A 370 -51.27 -27.33 -41.88
CA MET A 370 -51.84 -28.55 -41.32
C MET A 370 -51.25 -29.83 -41.92
N LYS A 371 -50.43 -30.61 -41.19
CA LYS A 371 -49.31 -30.49 -40.15
C LYS A 371 -49.73 -30.08 -38.73
N HIS A 372 -51.01 -29.79 -38.61
CA HIS A 372 -51.73 -29.55 -37.37
C HIS A 372 -52.58 -30.77 -37.06
N GLU A 373 -53.23 -31.25 -38.12
CA GLU A 373 -54.12 -32.39 -38.07
C GLU A 373 -53.39 -33.63 -37.56
N ALA A 374 -52.16 -33.86 -38.03
CA ALA A 374 -51.39 -35.03 -37.64
C ALA A 374 -51.02 -34.99 -36.17
N MET A 375 -51.08 -33.81 -35.55
CA MET A 375 -50.85 -33.71 -34.12
C MET A 375 -52.14 -33.85 -33.31
N ILE A 376 -53.24 -33.28 -33.80
CA ILE A 376 -54.43 -33.13 -32.99
C ILE A 376 -55.44 -34.28 -33.19
N GLU A 377 -55.46 -34.95 -34.35
CA GLU A 377 -56.54 -35.92 -34.51
C GLU A 377 -56.33 -37.20 -33.72
N PRO A 378 -55.10 -37.75 -33.65
CA PRO A 378 -54.83 -38.82 -32.67
C PRO A 378 -55.24 -38.42 -31.27
N TYR A 379 -54.88 -37.20 -30.89
CA TYR A 379 -55.21 -36.69 -29.56
C TYR A 379 -56.72 -36.62 -29.35
N LEU A 380 -57.47 -36.07 -30.32
CA LEU A 380 -58.92 -35.98 -30.21
C LEU A 380 -59.59 -37.33 -30.07
N ARG A 381 -58.94 -38.44 -30.47
CA ARG A 381 -59.56 -39.74 -30.26
C ARG A 381 -59.33 -40.29 -28.85
N ARG A 382 -58.25 -39.91 -28.19
CA ARG A 382 -57.99 -40.45 -26.85
C ARG A 382 -58.70 -39.69 -25.76
N ILE A 383 -59.37 -38.58 -26.07
CA ILE A 383 -60.12 -37.82 -25.08
C ILE A 383 -61.58 -37.70 -25.48
N ARG A 384 -61.99 -38.44 -26.52
CA ARG A 384 -63.29 -38.26 -27.16
C ARG A 384 -64.44 -38.32 -26.14
N ASN A 385 -64.34 -39.19 -25.12
CA ASN A 385 -65.39 -39.42 -24.14
C ASN A 385 -65.26 -38.53 -22.91
N SER A 386 -64.24 -37.69 -22.85
CA SER A 386 -64.04 -36.76 -21.76
C SER A 386 -64.48 -35.33 -22.11
N TYR A 387 -64.92 -35.07 -23.34
CA TYR A 387 -65.29 -33.73 -23.74
C TYR A 387 -66.43 -33.78 -24.74
N ASP A 388 -67.25 -32.73 -24.74
CA ASP A 388 -68.28 -32.56 -25.75
C ASP A 388 -67.64 -32.60 -27.14
N SER A 389 -68.37 -33.14 -28.12
CA SER A 389 -67.82 -33.27 -29.47
C SER A 389 -67.56 -31.92 -30.11
N ARG A 390 -68.37 -30.92 -29.79
CA ARG A 390 -68.19 -29.60 -30.39
C ARG A 390 -67.00 -28.85 -29.77
N VAL A 391 -66.67 -29.14 -28.51
CA VAL A 391 -65.45 -28.58 -27.92
C VAL A 391 -64.23 -29.09 -28.68
N LEU A 392 -64.21 -30.40 -28.99
CA LEU A 392 -63.09 -31.00 -29.73
C LEU A 392 -63.01 -30.46 -31.16
N ASP A 393 -64.14 -30.11 -31.77
CA ASP A 393 -64.05 -29.63 -33.15
C ASP A 393 -63.36 -28.26 -33.25
N LYS A 394 -63.34 -27.49 -32.16
CA LYS A 394 -62.60 -26.22 -32.20
C LYS A 394 -61.09 -26.44 -32.11
N LEU A 395 -60.67 -27.54 -31.50
CA LEU A 395 -59.25 -27.88 -31.49
C LEU A 395 -58.74 -28.17 -32.89
N ARG A 396 -59.62 -28.60 -33.80
CA ARG A 396 -59.22 -28.84 -35.19
C ARG A 396 -58.79 -27.56 -35.90
N LEU A 397 -59.24 -26.39 -35.42
CA LEU A 397 -58.82 -25.10 -35.95
C LEU A 397 -57.40 -24.76 -35.54
N PRO A 398 -56.47 -24.56 -36.49
CA PRO A 398 -55.10 -24.16 -36.11
C PRO A 398 -54.99 -22.85 -35.35
N GLU A 399 -55.99 -21.97 -35.42
CA GLU A 399 -55.96 -20.66 -34.76
C GLU A 399 -56.40 -20.72 -33.31
N SER A 400 -57.02 -21.82 -32.87
CA SER A 400 -57.43 -21.98 -31.48
C SER A 400 -56.23 -22.08 -30.58
N GLU A 401 -55.11 -22.48 -31.15
CA GLU A 401 -53.86 -22.69 -30.46
C GLU A 401 -53.05 -21.39 -30.35
N GLY A 402 -52.42 -21.20 -29.20
CA GLY A 402 -51.55 -20.06 -29.06
C GLY A 402 -52.34 -18.79 -28.85
N CYS A 403 -51.96 -17.74 -29.55
CA CYS A 403 -52.61 -16.44 -29.44
C CYS A 403 -52.91 -15.84 -30.80
N GLU A 404 -53.44 -16.63 -31.73
CA GLU A 404 -53.71 -16.03 -33.03
C GLU A 404 -55.00 -15.21 -33.02
N ASP A 405 -55.99 -15.60 -32.21
CA ASP A 405 -57.24 -14.87 -32.04
C ASP A 405 -57.24 -14.16 -30.68
N ILE A 406 -57.04 -12.84 -30.70
CA ILE A 406 -57.02 -12.04 -29.48
C ILE A 406 -58.42 -11.84 -28.89
N ASP A 407 -59.46 -11.87 -29.73
CA ASP A 407 -60.83 -11.82 -29.23
C ASP A 407 -61.14 -12.99 -28.30
N PHE A 408 -60.47 -14.12 -28.52
CA PHE A 408 -60.66 -15.29 -27.68
C PHE A 408 -59.91 -15.13 -26.37
N ILE A 409 -58.75 -14.46 -26.41
CA ILE A 409 -58.08 -14.13 -25.17
C ILE A 409 -58.89 -13.07 -24.40
N ALA A 410 -59.46 -12.11 -25.12
CA ALA A 410 -60.28 -11.10 -24.44
C ALA A 410 -61.47 -11.76 -23.77
N ASP A 411 -62.08 -12.77 -24.43
CA ASP A 411 -63.20 -13.44 -23.82
C ASP A 411 -62.77 -14.19 -22.56
N LEU A 412 -61.62 -14.87 -22.60
CA LEU A 412 -61.23 -15.59 -21.39
C LEU A 412 -60.86 -14.63 -20.27
N VAL A 413 -60.37 -13.42 -20.60
CA VAL A 413 -60.22 -12.41 -19.56
C VAL A 413 -61.59 -12.02 -19.03
N TYR A 414 -62.53 -11.78 -19.94
CA TYR A 414 -63.88 -11.44 -19.53
C TYR A 414 -64.53 -12.56 -18.72
N TYR A 415 -64.16 -13.82 -19.00
CA TYR A 415 -64.76 -14.93 -18.27
C TYR A 415 -64.27 -14.96 -16.84
N ILE A 416 -62.97 -14.74 -16.64
CA ILE A 416 -62.42 -14.76 -15.29
C ILE A 416 -63.01 -13.62 -14.47
N CYS A 417 -63.35 -12.50 -15.11
CA CYS A 417 -63.90 -11.37 -14.36
C CYS A 417 -65.29 -11.68 -13.77
N GLU A 418 -66.12 -12.52 -14.41
CA GLU A 418 -67.51 -12.75 -14.01
C GLU A 418 -67.68 -13.85 -12.95
N ASN A 419 -66.88 -14.92 -13.06
CA ASN A 419 -66.80 -16.16 -12.28
C ASN A 419 -65.51 -16.11 -11.47
N GLU A 420 -65.15 -17.23 -10.77
CA GLU A 420 -63.71 -17.22 -10.46
C GLU A 420 -63.05 -16.10 -9.62
N PRO A 421 -63.32 -16.01 -8.30
CA PRO A 421 -63.20 -14.82 -7.45
C PRO A 421 -61.83 -14.20 -7.28
N GLU A 422 -61.76 -13.22 -6.38
CA GLU A 422 -60.88 -12.07 -6.43
C GLU A 422 -59.43 -12.42 -6.83
N GLY A 423 -58.82 -11.55 -7.58
CA GLY A 423 -57.42 -11.74 -7.91
C GLY A 423 -57.05 -11.25 -9.28
N ALA A 424 -55.77 -10.92 -9.41
CA ALA A 424 -55.29 -10.28 -10.62
C ALA A 424 -55.02 -11.32 -11.69
N ILE A 425 -55.13 -10.89 -12.95
CA ILE A 425 -54.93 -11.77 -14.11
C ILE A 425 -53.61 -11.39 -14.78
N LEU A 426 -52.77 -12.39 -15.03
CA LEU A 426 -51.49 -12.22 -15.70
C LEU A 426 -51.52 -12.94 -17.06
N VAL A 427 -51.47 -12.16 -18.14
CA VAL A 427 -51.55 -12.65 -19.52
C VAL A 427 -50.18 -12.56 -20.19
N PHE A 428 -49.65 -13.71 -20.64
CA PHE A 428 -48.37 -13.80 -21.34
C PHE A 428 -48.63 -13.81 -22.84
N LEU A 429 -48.29 -12.75 -23.52
CA LEU A 429 -48.32 -12.78 -24.97
C LEU A 429 -46.90 -12.69 -25.51
N PRO A 430 -46.67 -13.04 -26.78
CA PRO A 430 -45.26 -13.09 -27.25
C PRO A 430 -44.53 -11.76 -27.19
N GLY A 431 -45.06 -10.70 -27.79
CA GLY A 431 -44.28 -9.49 -27.96
C GLY A 431 -45.15 -8.26 -28.05
N TYR A 432 -44.47 -7.12 -28.28
CA TYR A 432 -45.12 -5.81 -28.29
C TYR A 432 -46.34 -5.77 -29.21
N ASP A 433 -46.25 -6.34 -30.41
CA ASP A 433 -47.36 -6.19 -31.33
C ASP A 433 -48.65 -6.78 -30.76
N LYS A 434 -48.56 -7.93 -30.06
CA LYS A 434 -49.80 -8.55 -29.62
C LYS A 434 -50.21 -8.12 -28.22
N ILE A 435 -49.31 -7.55 -27.42
CA ILE A 435 -49.75 -6.79 -26.25
C ILE A 435 -50.57 -5.59 -26.70
N SER A 436 -50.06 -4.85 -27.68
CA SER A 436 -50.80 -3.70 -28.19
C SER A 436 -52.21 -4.11 -28.62
N GLN A 437 -52.35 -5.28 -29.25
CA GLN A 437 -53.66 -5.69 -29.72
C GLN A 437 -54.60 -5.94 -28.55
N LEU A 438 -54.14 -6.66 -27.53
CA LEU A 438 -55.10 -7.03 -26.50
C LEU A 438 -55.35 -5.88 -25.55
N TYR A 439 -54.36 -4.98 -25.40
CA TYR A 439 -54.60 -3.75 -24.67
C TYR A 439 -55.76 -2.97 -25.27
N ASN A 440 -55.81 -2.87 -26.60
CA ASN A 440 -56.82 -2.02 -27.22
C ASN A 440 -58.20 -2.65 -27.25
N ILE A 441 -58.27 -3.98 -27.26
CA ILE A 441 -59.57 -4.63 -27.18
C ILE A 441 -60.16 -4.51 -25.78
N LEU A 442 -59.31 -4.59 -24.74
CA LEU A 442 -59.82 -4.38 -23.40
C LEU A 442 -59.99 -2.90 -23.04
N ASP A 443 -59.28 -2.00 -23.71
CA ASP A 443 -59.38 -0.58 -23.41
C ASP A 443 -60.54 0.10 -24.13
N LYS A 444 -60.71 -0.21 -25.40
CA LYS A 444 -61.79 0.37 -26.21
C LYS A 444 -62.52 -0.78 -26.88
N PRO A 445 -63.37 -1.48 -26.12
CA PRO A 445 -63.95 -2.73 -26.62
C PRO A 445 -64.97 -2.47 -27.71
N LYS A 446 -65.02 -3.38 -28.67
CA LYS A 446 -66.01 -3.39 -29.73
C LYS A 446 -67.26 -4.17 -29.33
N THR A 447 -67.08 -5.27 -28.60
CA THR A 447 -68.15 -6.08 -28.02
C THR A 447 -68.81 -5.43 -26.81
N SER A 448 -70.11 -5.72 -26.64
CA SER A 448 -70.84 -5.26 -25.45
C SER A 448 -70.39 -5.98 -24.18
N LYS A 449 -70.04 -7.27 -24.29
CA LYS A 449 -69.44 -7.98 -23.16
C LYS A 449 -68.24 -7.23 -22.62
N GLY A 450 -67.41 -6.67 -23.52
CA GLY A 450 -66.23 -5.93 -23.11
C GLY A 450 -66.50 -4.53 -22.60
N GLN A 451 -67.55 -3.86 -23.14
CA GLN A 451 -67.88 -2.53 -22.67
C GLN A 451 -68.37 -2.59 -21.23
N ARG A 452 -69.10 -3.65 -20.92
CA ARG A 452 -69.39 -4.05 -19.55
C ARG A 452 -68.18 -3.93 -18.62
N TRP A 453 -67.03 -4.44 -19.05
CA TRP A 453 -65.89 -4.61 -18.15
C TRP A 453 -64.84 -3.52 -18.25
N ARG A 454 -64.98 -2.58 -19.19
CA ARG A 454 -63.92 -1.59 -19.40
C ARG A 454 -63.64 -0.83 -18.13
N ASP A 455 -64.69 -0.45 -17.38
CA ASP A 455 -64.52 0.42 -16.22
C ASP A 455 -64.07 -0.36 -14.99
N HIS A 456 -64.15 -1.68 -15.01
CA HIS A 456 -63.82 -2.48 -13.84
C HIS A 456 -62.52 -3.27 -14.00
N MET A 457 -61.68 -2.87 -14.95
CA MET A 457 -60.33 -3.40 -15.08
C MET A 457 -59.33 -2.26 -15.02
N ALA A 458 -58.24 -2.50 -14.31
CA ALA A 458 -57.06 -1.65 -14.34
C ALA A 458 -56.00 -2.42 -15.10
N VAL A 459 -55.75 -2.01 -16.35
CA VAL A 459 -55.01 -2.80 -17.33
C VAL A 459 -53.58 -2.28 -17.41
N PHE A 460 -52.60 -3.16 -17.25
CA PHE A 460 -51.19 -2.78 -17.26
C PHE A 460 -50.46 -3.60 -18.30
N PRO A 461 -49.93 -2.98 -19.36
CA PRO A 461 -48.96 -3.67 -20.23
C PRO A 461 -47.60 -3.72 -19.56
N LEU A 462 -46.87 -4.80 -19.84
CA LEU A 462 -45.56 -5.03 -19.23
C LEU A 462 -44.60 -5.52 -20.29
N HIS A 463 -43.50 -4.80 -20.47
CA HIS A 463 -42.60 -5.02 -21.59
C HIS A 463 -41.34 -4.20 -21.31
N SER A 464 -40.17 -4.75 -21.67
CA SER A 464 -38.91 -4.14 -21.26
C SER A 464 -38.66 -2.77 -21.86
N LEU A 465 -39.41 -2.38 -22.90
CA LEU A 465 -39.34 -1.04 -23.46
C LEU A 465 -40.48 -0.16 -23.01
N MET A 466 -41.23 -0.59 -22.01
CA MET A 466 -42.37 0.15 -21.50
C MET A 466 -42.08 0.62 -20.09
N GLN A 467 -42.76 1.68 -19.69
CA GLN A 467 -42.39 2.30 -18.44
C GLN A 467 -42.99 1.57 -17.23
N SER A 468 -44.10 0.85 -17.42
CA SER A 468 -44.88 0.29 -16.31
C SER A 468 -44.04 -0.48 -15.29
N GLY A 469 -42.98 -1.17 -15.74
CA GLY A 469 -42.14 -1.89 -14.80
C GLY A 469 -41.37 -1.01 -13.84
N GLU A 470 -41.11 0.25 -14.19
CA GLU A 470 -40.29 1.14 -13.39
C GLU A 470 -41.12 2.19 -12.67
N GLN A 471 -42.44 1.99 -12.61
CA GLN A 471 -43.35 2.64 -11.67
C GLN A 471 -43.81 1.62 -10.63
N GLN A 472 -44.70 2.07 -9.75
CA GLN A 472 -45.07 1.37 -8.52
C GLN A 472 -46.54 0.97 -8.49
N ALA A 473 -47.25 1.07 -9.62
CA ALA A 473 -48.67 0.75 -9.64
C ALA A 473 -48.95 -0.67 -10.08
N VAL A 474 -48.25 -1.11 -11.11
CA VAL A 474 -48.27 -2.51 -11.53
C VAL A 474 -48.09 -3.49 -10.38
N PHE A 475 -47.34 -3.13 -9.29
CA PHE A 475 -47.18 -4.08 -8.18
C PHE A 475 -48.13 -3.85 -7.00
N ARG A 476 -48.83 -2.72 -6.93
CA ARG A 476 -49.79 -2.51 -5.86
C ARG A 476 -51.17 -3.06 -6.23
N ARG A 477 -52.00 -3.24 -5.21
CA ARG A 477 -53.30 -3.83 -5.50
C ARG A 477 -54.28 -2.80 -6.06
N PRO A 478 -55.21 -3.26 -6.91
CA PRO A 478 -55.98 -2.33 -7.72
C PRO A 478 -57.01 -1.62 -6.88
N PRO A 479 -57.59 -0.53 -7.39
CA PRO A 479 -58.60 0.18 -6.63
C PRO A 479 -59.83 -0.71 -6.42
N ALA A 480 -60.59 -0.36 -5.38
CA ALA A 480 -61.76 -1.17 -5.04
C ALA A 480 -62.72 -1.23 -6.21
N GLY A 481 -63.19 -2.44 -6.52
CA GLY A 481 -64.10 -2.62 -7.62
C GLY A 481 -63.44 -2.73 -8.98
N GLN A 482 -62.12 -2.68 -9.05
CA GLN A 482 -61.43 -2.94 -10.30
C GLN A 482 -60.54 -4.15 -10.12
N ARG A 483 -60.41 -4.95 -11.18
CA ARG A 483 -59.58 -6.15 -11.16
C ARG A 483 -58.38 -5.92 -12.07
N LYS A 484 -57.20 -6.29 -11.59
CA LYS A 484 -55.99 -5.99 -12.31
C LYS A 484 -55.77 -7.01 -13.43
N VAL A 485 -55.46 -6.51 -14.62
CA VAL A 485 -55.14 -7.34 -15.77
C VAL A 485 -53.78 -6.88 -16.31
N ILE A 486 -52.81 -7.79 -16.31
CA ILE A 486 -51.44 -7.50 -16.74
C ILE A 486 -51.18 -8.25 -18.04
N ILE A 487 -50.74 -7.51 -19.06
CA ILE A 487 -50.53 -8.03 -20.41
C ILE A 487 -49.03 -7.98 -20.67
N SER A 488 -48.38 -9.12 -20.55
CA SER A 488 -46.93 -9.16 -20.37
C SER A 488 -46.28 -10.09 -21.37
N THR A 489 -45.04 -9.76 -21.72
CA THR A 489 -44.12 -10.71 -22.34
C THR A 489 -43.49 -11.60 -21.27
N ILE A 490 -42.47 -12.36 -21.66
CA ILE A 490 -41.84 -13.30 -20.72
C ILE A 490 -41.12 -12.57 -19.60
N ILE A 491 -41.09 -11.24 -19.67
CA ILE A 491 -40.48 -10.43 -18.61
C ILE A 491 -41.05 -10.83 -17.24
N ALA A 492 -42.34 -11.18 -17.18
CA ALA A 492 -42.97 -11.53 -15.91
C ALA A 492 -42.79 -13.00 -15.53
N GLU A 493 -42.06 -13.76 -16.34
CA GLU A 493 -41.74 -15.13 -15.94
C GLU A 493 -40.72 -15.13 -14.81
N THR A 494 -39.56 -14.47 -15.00
CA THR A 494 -38.68 -14.35 -13.84
C THR A 494 -38.27 -12.92 -13.49
N SER A 495 -38.00 -12.09 -14.51
CA SER A 495 -37.33 -10.80 -14.28
C SER A 495 -38.16 -9.88 -13.38
N VAL A 496 -39.46 -9.78 -13.64
CA VAL A 496 -40.39 -8.91 -12.92
C VAL A 496 -41.35 -9.78 -12.12
N THR A 497 -41.76 -9.32 -10.93
CA THR A 497 -42.48 -10.17 -9.99
C THR A 497 -43.68 -9.43 -9.38
N ILE A 498 -44.88 -9.95 -9.64
CA ILE A 498 -46.14 -9.38 -9.15
C ILE A 498 -46.81 -10.36 -8.17
N ASP A 499 -47.10 -9.89 -6.96
CA ASP A 499 -47.40 -10.80 -5.87
C ASP A 499 -48.86 -11.22 -5.74
N ASP A 500 -49.83 -10.38 -6.12
CA ASP A 500 -51.24 -10.73 -5.91
C ASP A 500 -51.88 -11.42 -7.12
N VAL A 501 -51.08 -11.86 -8.08
CA VAL A 501 -51.57 -12.60 -9.23
C VAL A 501 -52.16 -13.93 -8.79
N VAL A 502 -53.36 -14.25 -9.25
CA VAL A 502 -53.97 -15.54 -8.97
C VAL A 502 -54.20 -16.34 -10.25
N TYR A 503 -54.36 -15.67 -11.37
CA TYR A 503 -54.68 -16.33 -12.62
C TYR A 503 -53.68 -15.97 -13.71
N VAL A 504 -53.14 -17.00 -14.36
CA VAL A 504 -52.19 -16.86 -15.45
C VAL A 504 -52.86 -17.37 -16.73
N ILE A 505 -52.86 -16.55 -17.76
CA ILE A 505 -53.25 -17.00 -19.10
C ILE A 505 -51.96 -17.18 -19.90
N ASN A 506 -51.64 -18.43 -20.22
CA ASN A 506 -50.40 -18.78 -20.90
C ASN A 506 -50.72 -19.03 -22.39
N SER A 507 -50.56 -17.99 -23.20
CA SER A 507 -50.43 -18.10 -24.65
C SER A 507 -49.60 -19.31 -25.10
N GLY A 508 -48.43 -19.52 -24.49
CA GLY A 508 -47.55 -20.54 -25.00
C GLY A 508 -46.66 -20.07 -26.14
N ARG A 509 -46.69 -18.78 -26.44
CA ARG A 509 -45.86 -18.26 -27.52
C ARG A 509 -45.03 -17.10 -27.00
N THR A 510 -43.76 -17.08 -27.40
CA THR A 510 -42.88 -15.97 -27.12
C THR A 510 -42.05 -15.71 -28.38
N LYS A 511 -41.09 -14.78 -28.29
CA LYS A 511 -40.16 -14.55 -29.39
C LYS A 511 -38.75 -14.92 -28.95
N ALA A 512 -37.95 -15.39 -29.90
CA ALA A 512 -36.58 -15.80 -29.63
C ALA A 512 -35.70 -15.39 -30.80
N THR A 513 -34.41 -15.17 -30.51
CA THR A 513 -33.43 -14.82 -31.52
C THR A 513 -32.74 -16.07 -32.01
N ASN A 514 -32.61 -16.17 -33.32
CA ASN A 514 -32.04 -17.35 -33.93
C ASN A 514 -30.90 -16.87 -34.81
N TYR A 515 -29.68 -17.23 -34.44
CA TYR A 515 -28.55 -16.96 -35.32
C TYR A 515 -28.29 -18.19 -36.19
N ASP A 516 -28.31 -18.01 -37.51
CA ASP A 516 -28.00 -19.08 -38.46
C ASP A 516 -26.57 -18.87 -38.97
N ILE A 517 -25.66 -19.80 -38.63
CA ILE A 517 -24.25 -19.73 -39.02
C ILE A 517 -24.09 -19.74 -40.52
N GLU A 518 -25.02 -20.38 -41.19
CA GLU A 518 -24.94 -20.72 -42.60
C GLU A 518 -25.07 -19.47 -43.44
N THR A 519 -26.06 -18.64 -43.14
CA THR A 519 -26.34 -17.40 -43.87
C THR A 519 -25.86 -16.13 -43.16
N ASN A 520 -25.26 -16.24 -41.97
CA ASN A 520 -24.97 -15.09 -41.12
C ASN A 520 -26.15 -14.10 -41.09
N ILE A 521 -27.33 -14.63 -40.75
CA ILE A 521 -28.55 -13.84 -40.55
C ILE A 521 -29.09 -14.16 -39.16
N GLN A 522 -29.11 -13.17 -38.29
CA GLN A 522 -29.83 -13.29 -37.04
C GLN A 522 -31.28 -12.89 -37.27
N SER A 523 -32.20 -13.72 -36.79
CA SER A 523 -33.62 -13.47 -36.97
C SER A 523 -34.31 -13.41 -35.61
N LEU A 524 -35.46 -12.73 -35.61
CA LEU A 524 -36.35 -12.70 -34.45
C LEU A 524 -37.67 -13.34 -34.88
N ASP A 525 -37.96 -14.53 -34.35
CA ASP A 525 -39.09 -15.33 -34.75
C ASP A 525 -39.99 -15.59 -33.55
N GLU A 526 -41.27 -15.73 -33.83
CA GLU A 526 -42.20 -16.16 -32.81
C GLU A 526 -42.22 -17.69 -32.81
N VAL A 527 -42.11 -18.27 -31.61
CA VAL A 527 -41.93 -19.72 -31.45
C VAL A 527 -42.75 -20.20 -30.25
N TRP A 528 -42.89 -21.51 -30.14
CA TRP A 528 -43.50 -22.09 -28.95
C TRP A 528 -42.55 -22.04 -27.76
N VAL A 529 -43.13 -21.82 -26.57
CA VAL A 529 -42.42 -21.90 -25.31
C VAL A 529 -42.14 -23.36 -24.97
N THR A 530 -41.26 -23.59 -24.00
CA THR A 530 -40.85 -24.92 -23.57
C THR A 530 -41.65 -25.34 -22.33
N LYS A 531 -41.58 -26.62 -22.01
CA LYS A 531 -42.22 -27.14 -20.80
C LYS A 531 -41.65 -26.49 -19.53
N ALA A 532 -40.34 -26.23 -19.48
CA ALA A 532 -39.80 -25.46 -18.36
C ALA A 532 -40.42 -24.08 -18.29
N ASN A 533 -40.66 -23.45 -19.43
CA ASN A 533 -41.32 -22.16 -19.42
C ASN A 533 -42.69 -22.24 -18.78
N THR A 534 -43.56 -23.15 -19.25
CA THR A 534 -44.93 -23.11 -18.73
C THR A 534 -44.97 -23.43 -17.24
N GLN A 535 -44.01 -24.21 -16.73
CA GLN A 535 -44.07 -24.56 -15.32
C GLN A 535 -43.69 -23.37 -14.46
N GLN A 536 -42.78 -22.52 -14.96
CA GLN A 536 -42.45 -21.26 -14.30
C GLN A 536 -43.66 -20.33 -14.26
N ARG A 537 -44.43 -20.27 -15.36
CA ARG A 537 -45.61 -19.38 -15.42
C ARG A 537 -46.71 -19.89 -14.52
N ARG A 538 -46.83 -21.20 -14.36
CA ARG A 538 -47.83 -21.73 -13.45
C ARG A 538 -47.47 -21.38 -12.00
N GLY A 539 -46.17 -21.34 -11.70
CA GLY A 539 -45.71 -20.96 -10.39
C GLY A 539 -46.10 -19.55 -9.99
N ARG A 540 -46.19 -18.63 -10.96
CA ARG A 540 -46.57 -17.25 -10.71
C ARG A 540 -48.02 -17.09 -10.26
N ALA A 541 -48.81 -18.16 -10.24
CA ALA A 541 -50.19 -18.08 -9.78
C ALA A 541 -50.36 -18.57 -8.35
N GLY A 542 -49.30 -19.08 -7.74
CA GLY A 542 -49.46 -19.63 -6.41
C GLY A 542 -48.62 -18.99 -5.34
N ARG A 543 -48.42 -17.67 -5.41
CA ARG A 543 -47.67 -17.00 -4.36
C ARG A 543 -48.59 -16.50 -3.25
N VAL A 544 -49.88 -16.38 -3.53
CA VAL A 544 -50.82 -15.87 -2.55
C VAL A 544 -51.88 -16.91 -2.21
N ARG A 545 -52.61 -17.39 -3.20
CA ARG A 545 -53.69 -18.31 -2.88
C ARG A 545 -53.54 -19.48 -3.83
N PRO A 546 -54.26 -20.56 -3.62
CA PRO A 546 -54.45 -21.50 -4.74
C PRO A 546 -54.90 -20.80 -6.01
N GLY A 547 -54.11 -20.87 -7.09
CA GLY A 547 -54.44 -20.19 -8.32
C GLY A 547 -54.84 -21.12 -9.45
N ILE A 548 -55.18 -20.51 -10.59
CA ILE A 548 -55.59 -21.23 -11.78
C ILE A 548 -54.71 -20.74 -12.93
N CYS A 549 -54.26 -21.66 -13.77
CA CYS A 549 -53.45 -21.30 -14.93
C CYS A 549 -54.11 -21.88 -16.18
N TYR A 550 -54.43 -21.02 -17.14
CA TYR A 550 -55.07 -21.42 -18.38
C TYR A 550 -54.04 -21.39 -19.50
N ASN A 551 -53.87 -22.53 -20.16
CA ASN A 551 -52.93 -22.65 -21.27
C ASN A 551 -53.71 -22.68 -22.58
N LEU A 552 -53.38 -21.77 -23.48
CA LEU A 552 -54.16 -21.69 -24.71
C LEU A 552 -53.57 -22.60 -25.78
N PHE A 553 -53.42 -23.87 -25.42
CA PHE A 553 -52.98 -24.91 -26.33
C PHE A 553 -53.33 -26.26 -25.71
N SER A 554 -53.51 -27.27 -26.55
CA SER A 554 -53.86 -28.60 -26.12
C SER A 554 -52.73 -29.28 -25.37
N ARG A 555 -53.07 -30.33 -24.62
CA ARG A 555 -52.05 -31.23 -24.10
C ARG A 555 -51.27 -31.92 -25.21
N ALA A 556 -51.86 -32.06 -26.41
CA ALA A 556 -51.09 -32.59 -27.53
C ALA A 556 -49.99 -31.62 -27.95
N ARG A 557 -50.25 -30.32 -27.87
CA ARG A 557 -49.19 -29.37 -28.20
C ARG A 557 -48.08 -29.44 -27.15
N GLU A 558 -48.44 -29.48 -25.87
CA GLU A 558 -47.43 -29.60 -24.82
C GLU A 558 -46.54 -30.82 -25.02
N ASP A 559 -47.11 -31.92 -25.52
CA ASP A 559 -46.32 -33.13 -25.71
C ASP A 559 -45.16 -32.90 -26.67
N ARG A 560 -45.35 -32.05 -27.67
CA ARG A 560 -44.31 -31.81 -28.68
C ARG A 560 -43.40 -30.64 -28.33
N MET A 561 -43.58 -30.04 -27.15
CA MET A 561 -42.72 -28.96 -26.71
C MET A 561 -41.38 -29.50 -26.22
N ASP A 562 -40.34 -28.69 -26.40
CA ASP A 562 -39.02 -29.03 -25.92
C ASP A 562 -38.99 -28.94 -24.39
N ASP A 563 -38.01 -29.61 -23.80
CA ASP A 563 -37.83 -29.53 -22.35
C ASP A 563 -37.48 -28.11 -21.92
N ILE A 564 -36.39 -27.57 -22.46
CA ILE A 564 -35.88 -26.27 -22.03
C ILE A 564 -35.61 -25.45 -23.28
N PRO A 565 -35.48 -24.12 -23.14
CA PRO A 565 -35.02 -23.31 -24.28
C PRO A 565 -33.60 -23.70 -24.66
N THR A 566 -33.28 -23.47 -25.92
CA THR A 566 -31.92 -23.66 -26.39
C THR A 566 -30.94 -22.93 -25.47
N PRO A 567 -29.96 -23.61 -24.87
CA PRO A 567 -29.04 -22.92 -23.97
C PRO A 567 -28.33 -21.82 -24.74
N GLU A 568 -28.33 -20.61 -24.16
CA GLU A 568 -28.06 -19.44 -24.98
C GLU A 568 -26.64 -19.39 -25.52
N ILE A 569 -25.69 -20.09 -24.91
CA ILE A 569 -24.34 -20.05 -25.46
C ILE A 569 -24.28 -20.64 -26.87
N LEU A 570 -25.24 -21.49 -27.25
CA LEU A 570 -25.23 -21.99 -28.62
C LEU A 570 -25.71 -20.92 -29.58
N ARG A 571 -26.29 -19.83 -29.08
CA ARG A 571 -26.72 -18.73 -29.93
C ARG A 571 -25.76 -17.55 -29.95
N SER A 572 -24.84 -17.47 -29.00
CA SER A 572 -24.09 -16.24 -28.85
C SER A 572 -22.86 -16.29 -29.72
N LYS A 573 -22.38 -15.12 -30.11
CA LYS A 573 -21.05 -15.09 -30.65
C LYS A 573 -20.00 -14.95 -29.57
N LEU A 574 -18.83 -15.51 -29.89
CA LEU A 574 -17.80 -15.95 -28.97
C LEU A 574 -16.55 -15.07 -28.95
N GLU A 575 -16.48 -14.01 -29.76
CA GLU A 575 -15.29 -13.16 -29.76
C GLU A 575 -14.98 -12.66 -28.35
N SER A 576 -16.00 -12.25 -27.59
CA SER A 576 -15.73 -11.74 -26.26
C SER A 576 -15.25 -12.84 -25.30
N ILE A 577 -15.84 -14.02 -25.40
CA ILE A 577 -15.43 -15.10 -24.53
C ILE A 577 -14.03 -15.62 -24.88
N ILE A 578 -13.74 -15.84 -26.16
CA ILE A 578 -12.42 -16.31 -26.57
C ILE A 578 -11.34 -15.36 -26.08
N LEU A 579 -11.60 -14.06 -26.18
CA LEU A 579 -10.61 -13.10 -25.70
C LEU A 579 -10.44 -13.20 -24.19
N SER A 580 -11.56 -13.32 -23.46
CA SER A 580 -11.45 -13.44 -21.99
C SER A 580 -10.72 -14.70 -21.56
N LEU A 581 -10.85 -15.79 -22.31
CA LEU A 581 -10.18 -17.03 -21.93
C LEU A 581 -8.65 -16.87 -21.96
N LYS A 582 -8.12 -16.14 -22.97
CA LYS A 582 -6.67 -15.99 -23.07
C LYS A 582 -6.05 -15.28 -21.88
N LEU A 583 -6.83 -14.47 -21.15
CA LEU A 583 -6.33 -13.94 -19.89
C LEU A 583 -6.31 -14.98 -18.78
N LEU A 584 -7.09 -16.05 -18.89
CA LEU A 584 -6.98 -17.14 -17.92
C LEU A 584 -6.02 -18.23 -18.38
N HIS A 585 -5.19 -17.92 -19.39
CA HIS A 585 -4.19 -18.83 -19.94
C HIS A 585 -4.80 -20.09 -20.51
N ILE A 586 -6.04 -19.96 -20.98
CA ILE A 586 -6.70 -20.98 -21.78
C ILE A 586 -6.56 -20.50 -23.23
N ASP A 587 -5.53 -21.00 -23.91
CA ASP A 587 -5.22 -20.43 -25.20
C ASP A 587 -5.92 -21.12 -26.35
N ASP A 588 -6.39 -22.35 -26.18
CA ASP A 588 -7.09 -22.98 -27.30
C ASP A 588 -8.58 -22.99 -27.01
N PRO A 589 -9.38 -22.21 -27.72
CA PRO A 589 -10.80 -22.12 -27.39
C PRO A 589 -11.59 -23.29 -27.95
N TYR A 590 -11.12 -23.89 -29.04
CA TYR A 590 -11.78 -25.11 -29.55
C TYR A 590 -11.72 -26.23 -28.50
N ARG A 591 -10.55 -26.42 -27.89
CA ARG A 591 -10.38 -27.43 -26.86
C ARG A 591 -11.30 -27.18 -25.67
N PHE A 592 -11.28 -25.95 -25.11
CA PHE A 592 -11.96 -25.77 -23.84
C PHE A 592 -13.47 -25.68 -24.03
N LEU A 593 -13.92 -24.92 -25.05
CA LEU A 593 -15.35 -24.77 -25.28
C LEU A 593 -16.02 -26.10 -25.60
N GLN A 594 -15.29 -27.04 -26.18
CA GLN A 594 -15.82 -28.38 -26.41
C GLN A 594 -16.18 -29.07 -25.10
N THR A 595 -15.66 -28.60 -23.97
CA THR A 595 -15.90 -29.27 -22.70
C THR A 595 -17.08 -28.71 -21.92
N LEU A 596 -17.85 -27.79 -22.47
CA LEU A 596 -19.01 -27.37 -21.69
C LEU A 596 -20.17 -28.37 -21.83
N ILE A 597 -21.23 -28.13 -21.05
CA ILE A 597 -22.38 -29.03 -21.07
C ILE A 597 -22.92 -29.16 -22.48
N ASN A 598 -23.15 -28.02 -23.13
CA ASN A 598 -23.54 -27.98 -24.53
C ASN A 598 -22.42 -27.23 -25.23
N ALA A 599 -21.63 -27.96 -26.02
CA ALA A 599 -20.50 -27.39 -26.73
C ALA A 599 -21.00 -26.58 -27.93
N PRO A 600 -20.54 -25.34 -28.11
CA PRO A 600 -20.98 -24.56 -29.27
C PRO A 600 -20.44 -25.14 -30.57
N ASN A 601 -21.08 -24.74 -31.67
CA ASN A 601 -20.65 -25.17 -32.99
C ASN A 601 -19.20 -24.74 -33.14
N PRO A 602 -18.27 -25.65 -33.46
CA PRO A 602 -16.87 -25.21 -33.65
C PRO A 602 -16.70 -24.21 -34.78
N GLU A 603 -17.64 -24.14 -35.72
CA GLU A 603 -17.58 -23.11 -36.75
C GLU A 603 -17.88 -21.73 -36.18
N ALA A 604 -18.72 -21.63 -35.14
CA ALA A 604 -18.92 -20.34 -34.48
C ALA A 604 -17.63 -19.86 -33.81
N ILE A 605 -16.85 -20.79 -33.26
CA ILE A 605 -15.55 -20.42 -32.70
C ILE A 605 -14.62 -19.93 -33.80
N LYS A 606 -14.58 -20.66 -34.93
CA LYS A 606 -13.80 -20.24 -36.09
C LYS A 606 -14.18 -18.82 -36.48
N MET A 607 -15.48 -18.53 -36.47
CA MET A 607 -15.96 -17.19 -36.83
C MET A 607 -15.59 -16.16 -35.79
N GLY A 608 -15.61 -16.53 -34.51
CA GLY A 608 -15.17 -15.61 -33.48
C GLY A 608 -13.68 -15.31 -33.58
N VAL A 609 -12.88 -16.34 -33.84
CA VAL A 609 -11.45 -16.14 -33.94
C VAL A 609 -11.11 -15.28 -35.16
N GLU A 610 -11.86 -15.42 -36.25
CA GLU A 610 -11.51 -14.65 -37.44
C GLU A 610 -11.84 -13.19 -37.25
N LEU A 611 -12.92 -12.88 -36.53
CA LEU A 611 -13.19 -11.49 -36.17
C LEU A 611 -12.06 -10.91 -35.33
N LEU A 612 -11.68 -11.62 -34.25
CA LEU A 612 -10.61 -11.14 -33.38
C LEU A 612 -9.31 -11.00 -34.14
N LYS A 613 -9.10 -11.82 -35.17
CA LYS A 613 -7.94 -11.61 -36.03
C LYS A 613 -8.09 -10.34 -36.84
N ARG A 614 -9.32 -10.09 -37.33
CA ARG A 614 -9.53 -8.93 -38.18
C ARG A 614 -9.27 -7.63 -37.43
N ILE A 615 -9.89 -7.47 -36.26
CA ILE A 615 -9.67 -6.26 -35.45
C ILE A 615 -8.30 -6.27 -34.79
N GLU A 616 -7.52 -7.35 -35.01
CA GLU A 616 -6.11 -7.47 -34.61
C GLU A 616 -5.96 -7.52 -33.08
N ALA A 617 -6.94 -8.14 -32.40
CA ALA A 617 -6.78 -8.54 -31.01
C ALA A 617 -6.01 -9.84 -30.85
N LEU A 618 -6.05 -10.71 -31.86
CA LEU A 618 -5.14 -11.81 -32.00
C LEU A 618 -4.38 -11.62 -33.30
N ASP A 619 -3.15 -12.11 -33.36
CA ASP A 619 -2.43 -12.06 -34.63
C ASP A 619 -2.89 -13.23 -35.52
N GLN A 620 -2.25 -13.42 -36.67
CA GLN A 620 -2.55 -14.51 -37.63
C GLN A 620 -1.99 -15.87 -37.25
N THR A 621 -1.30 -16.03 -36.13
CA THR A 621 -1.14 -17.38 -35.58
C THR A 621 -2.14 -17.64 -34.46
N GLY A 622 -2.94 -16.64 -34.09
CA GLY A 622 -3.95 -16.76 -33.06
C GLY A 622 -3.55 -16.40 -31.65
N THR A 623 -2.36 -15.81 -31.45
CA THR A 623 -1.91 -15.45 -30.11
C THR A 623 -2.37 -14.04 -29.76
N LEU A 624 -2.59 -13.79 -28.46
CA LEU A 624 -3.03 -12.49 -27.97
C LEU A 624 -2.03 -11.41 -28.38
N THR A 625 -2.52 -10.29 -28.89
CA THR A 625 -1.69 -9.13 -29.18
C THR A 625 -1.75 -8.17 -28.01
N PRO A 626 -0.83 -7.18 -27.93
CA PRO A 626 -0.97 -6.13 -26.91
C PRO A 626 -2.32 -5.42 -26.95
N LEU A 627 -2.80 -5.05 -28.15
CA LEU A 627 -4.13 -4.47 -28.24
C LEU A 627 -5.18 -5.42 -27.66
N GLY A 628 -5.08 -6.71 -27.99
CA GLY A 628 -6.04 -7.68 -27.51
C GLY A 628 -6.06 -7.81 -25.99
N MET A 629 -4.91 -7.66 -25.34
CA MET A 629 -4.91 -7.72 -23.88
C MET A 629 -5.70 -6.55 -23.27
N HIS A 630 -5.58 -5.34 -23.85
CA HIS A 630 -6.37 -4.25 -23.30
C HIS A 630 -7.86 -4.49 -23.50
N LEU A 631 -8.24 -4.96 -24.69
CA LEU A 631 -9.64 -5.25 -24.97
C LEU A 631 -10.20 -6.31 -24.05
N ALA A 632 -9.38 -7.29 -23.68
CA ALA A 632 -9.86 -8.35 -22.81
C ALA A 632 -10.16 -7.82 -21.44
N LYS A 633 -9.48 -6.74 -21.03
CA LYS A 633 -9.67 -6.18 -19.71
C LYS A 633 -10.81 -5.18 -19.65
N LEU A 634 -11.41 -4.79 -20.82
CA LEU A 634 -12.56 -3.90 -20.77
C LEU A 634 -13.87 -4.69 -20.75
N PRO A 635 -14.76 -4.39 -19.87
CA PRO A 635 -16.03 -5.12 -19.72
C PRO A 635 -17.04 -4.76 -20.80
N ILE A 636 -16.69 -5.00 -22.05
CA ILE A 636 -17.51 -4.57 -23.17
C ILE A 636 -17.05 -5.38 -24.36
N ASP A 637 -17.94 -5.66 -25.30
CA ASP A 637 -17.55 -6.42 -26.48
C ASP A 637 -16.32 -5.80 -27.16
N PRO A 638 -15.43 -6.62 -27.74
CA PRO A 638 -14.11 -6.13 -28.14
C PRO A 638 -14.13 -5.13 -29.28
N GLN A 639 -15.11 -5.18 -30.18
CA GLN A 639 -15.16 -4.12 -31.19
C GLN A 639 -15.39 -2.77 -30.52
N MET A 640 -16.39 -2.69 -29.67
CA MET A 640 -16.68 -1.44 -29.01
C MET A 640 -15.59 -1.09 -28.00
N GLY A 641 -14.89 -2.09 -27.47
CA GLY A 641 -13.72 -1.78 -26.69
C GLY A 641 -12.72 -0.99 -27.51
N LYS A 642 -12.47 -1.46 -28.74
CA LYS A 642 -11.52 -0.78 -29.64
C LYS A 642 -11.96 0.65 -29.95
N MET A 643 -13.25 0.83 -30.22
CA MET A 643 -13.76 2.17 -30.50
C MET A 643 -13.45 3.10 -29.32
N ILE A 644 -13.56 2.61 -28.09
CA ILE A 644 -13.31 3.44 -26.93
C ILE A 644 -11.83 3.83 -26.85
N LEU A 645 -10.91 2.86 -27.04
CA LEU A 645 -9.48 3.19 -27.11
C LEU A 645 -9.22 4.25 -28.18
N MET A 646 -9.77 4.06 -29.38
CA MET A 646 -9.58 5.03 -30.44
C MET A 646 -10.00 6.41 -29.98
N SER A 647 -11.15 6.50 -29.30
CA SER A 647 -11.60 7.83 -28.92
C SER A 647 -10.70 8.45 -27.87
N ALA A 648 -9.96 7.64 -27.11
CA ALA A 648 -8.97 8.17 -26.18
C ALA A 648 -7.80 8.78 -26.94
N LEU A 649 -7.32 8.12 -28.00
CA LEU A 649 -6.20 8.66 -28.79
C LEU A 649 -6.63 9.73 -29.78
N PHE A 650 -7.91 9.81 -30.14
CA PHE A 650 -8.41 10.83 -31.03
C PHE A 650 -9.24 11.90 -30.31
N CYS A 651 -9.15 11.95 -28.96
CA CYS A 651 -9.69 13.07 -28.18
C CYS A 651 -11.20 13.32 -28.38
N CYS A 652 -11.98 12.26 -28.50
CA CYS A 652 -13.42 12.41 -28.64
C CYS A 652 -14.15 11.45 -27.69
N LEU A 653 -13.71 11.42 -26.43
CA LEU A 653 -14.02 10.32 -25.54
C LEU A 653 -15.45 10.39 -25.02
N ASP A 654 -16.03 11.57 -24.89
CA ASP A 654 -17.32 11.58 -24.21
C ASP A 654 -18.43 11.12 -25.16
N PRO A 655 -18.50 11.62 -26.39
CA PRO A 655 -19.52 11.07 -27.32
C PRO A 655 -19.31 9.60 -27.66
N ILE A 656 -18.07 9.12 -27.75
CA ILE A 656 -17.86 7.76 -28.21
C ILE A 656 -18.18 6.77 -27.11
N THR A 657 -17.80 7.06 -25.85
CA THR A 657 -18.21 6.15 -24.77
C THR A 657 -19.73 6.17 -24.58
N SER A 658 -20.42 7.25 -25.01
CA SER A 658 -21.88 7.22 -25.01
C SER A 658 -22.41 6.25 -26.05
N ALA A 659 -21.86 6.28 -27.27
CA ALA A 659 -22.27 5.30 -28.27
C ALA A 659 -22.00 3.87 -27.80
N ALA A 660 -20.84 3.63 -27.18
CA ALA A 660 -20.46 2.30 -26.72
C ALA A 660 -21.39 1.79 -25.61
N ALA A 661 -21.59 2.61 -24.57
CA ALA A 661 -22.45 2.21 -23.48
C ALA A 661 -23.84 1.82 -23.98
N ALA A 662 -24.41 2.61 -24.89
CA ALA A 662 -25.79 2.38 -25.31
C ALA A 662 -25.92 1.07 -26.08
N LEU A 663 -24.93 0.72 -26.91
CA LEU A 663 -24.98 -0.52 -27.69
C LEU A 663 -24.77 -1.78 -26.87
N SER A 664 -24.10 -1.68 -25.71
CA SER A 664 -23.76 -2.83 -24.87
C SER A 664 -24.89 -3.11 -23.87
N PHE A 665 -25.43 -2.03 -23.32
CA PHE A 665 -26.66 -1.82 -22.56
C PHE A 665 -27.76 -1.51 -23.57
N LYS A 666 -28.90 -1.01 -23.13
CA LYS A 666 -29.99 -0.71 -24.04
C LYS A 666 -30.14 0.80 -24.18
N SER A 667 -31.04 1.20 -25.09
CA SER A 667 -31.34 2.61 -25.37
C SER A 667 -32.28 3.16 -24.30
N PRO A 668 -32.10 4.42 -23.90
CA PRO A 668 -32.92 4.97 -22.82
C PRO A 668 -34.33 5.38 -23.21
N PHE A 669 -34.79 5.12 -24.44
CA PHE A 669 -36.13 5.54 -24.87
C PHE A 669 -37.16 4.44 -24.60
N TYR A 670 -38.29 4.83 -24.00
CA TYR A 670 -39.45 3.97 -23.92
C TYR A 670 -40.18 3.94 -25.28
N SER A 671 -41.07 2.95 -25.43
CA SER A 671 -41.93 2.86 -26.61
C SER A 671 -43.36 2.61 -26.12
N PRO A 672 -43.96 3.59 -25.45
CA PRO A 672 -45.26 3.34 -24.81
C PRO A 672 -46.33 3.09 -25.86
N LEU A 673 -47.41 2.45 -25.43
CA LEU A 673 -48.43 2.05 -26.37
C LEU A 673 -49.13 3.26 -26.93
N GLY A 674 -49.44 3.21 -28.23
CA GLY A 674 -50.12 4.31 -28.88
C GLY A 674 -49.28 5.50 -29.27
N LYS A 675 -48.05 5.62 -28.77
CA LYS A 675 -47.22 6.81 -28.97
C LYS A 675 -46.08 6.58 -29.96
N GLU A 676 -46.20 5.60 -30.86
CA GLU A 676 -45.04 5.26 -31.68
C GLU A 676 -44.63 6.39 -32.61
N SER A 677 -45.60 7.06 -33.24
CA SER A 677 -45.25 8.13 -34.16
C SER A 677 -44.72 9.36 -33.42
N ARG A 678 -45.16 9.59 -32.18
CA ARG A 678 -44.60 10.65 -31.37
C ARG A 678 -43.17 10.32 -30.91
N VAL A 679 -42.89 9.07 -30.54
CA VAL A 679 -41.53 8.68 -30.21
C VAL A 679 -40.62 8.85 -31.42
N ASP A 680 -41.14 8.60 -32.63
CA ASP A 680 -40.35 8.84 -33.84
C ASP A 680 -39.91 10.29 -33.93
N GLU A 681 -40.81 11.24 -33.63
CA GLU A 681 -40.43 12.65 -33.70
C GLU A 681 -39.33 12.97 -32.69
N ILE A 682 -39.43 12.42 -31.47
CA ILE A 682 -38.44 12.74 -30.44
C ILE A 682 -37.05 12.30 -30.87
N LYS A 683 -36.91 11.06 -31.35
CA LYS A 683 -35.60 10.57 -31.79
C LYS A 683 -35.08 11.40 -32.96
N ARG A 684 -35.97 11.76 -33.89
CA ARG A 684 -35.56 12.62 -35.00
C ARG A 684 -34.98 13.94 -34.47
N ARG A 685 -35.57 14.49 -33.40
CA ARG A 685 -35.11 15.79 -32.91
C ARG A 685 -33.82 15.65 -32.12
N MET A 686 -33.68 14.57 -31.34
CA MET A 686 -32.43 14.35 -30.60
C MET A 686 -31.29 13.97 -31.52
N ALA A 687 -31.61 13.50 -32.72
CA ALA A 687 -30.57 13.16 -33.70
C ALA A 687 -29.96 14.41 -34.32
N ARG A 688 -30.63 15.54 -34.21
CA ARG A 688 -30.16 16.82 -34.76
C ARG A 688 -29.68 16.65 -36.20
N ASN A 689 -30.40 15.82 -36.96
CA ASN A 689 -30.15 15.62 -38.39
C ASN A 689 -28.73 15.10 -38.67
N MET A 690 -28.07 14.46 -37.71
CA MET A 690 -26.73 13.93 -37.93
C MET A 690 -26.74 12.48 -38.41
N ARG A 691 -27.90 11.94 -38.75
CA ARG A 691 -28.04 10.67 -39.47
C ARG A 691 -27.31 9.51 -38.76
N SER A 692 -27.40 9.47 -37.44
CA SER A 692 -26.75 8.41 -36.70
C SER A 692 -27.51 8.11 -35.40
N ASP A 693 -27.85 6.83 -35.21
CA ASP A 693 -28.53 6.46 -33.97
C ASP A 693 -27.57 6.56 -32.78
N HIS A 694 -26.28 6.35 -33.03
CA HIS A 694 -25.29 6.42 -31.97
C HIS A 694 -25.10 7.83 -31.46
N LEU A 695 -24.87 8.80 -32.35
CA LEU A 695 -24.71 10.14 -31.84
C LEU A 695 -26.01 10.72 -31.30
N MET A 696 -27.16 10.19 -31.74
CA MET A 696 -28.43 10.63 -31.19
C MET A 696 -28.49 10.39 -29.69
N VAL A 697 -28.15 9.17 -29.27
CA VAL A 697 -28.05 8.86 -27.85
C VAL A 697 -27.16 9.88 -27.14
N HIS A 698 -25.96 10.11 -27.68
CA HIS A 698 -25.05 11.03 -26.98
C HIS A 698 -25.69 12.38 -26.83
N ASN A 699 -26.42 12.83 -27.85
CA ASN A 699 -27.12 14.11 -27.73
C ASN A 699 -28.23 14.02 -26.70
N THR A 700 -28.87 12.85 -26.58
CA THR A 700 -29.87 12.67 -25.54
C THR A 700 -29.23 12.81 -24.15
N ILE A 701 -28.03 12.25 -23.98
CA ILE A 701 -27.32 12.31 -22.71
C ILE A 701 -26.88 13.74 -22.41
N ILE A 702 -26.43 14.48 -23.43
CA ILE A 702 -26.09 15.88 -23.24
C ILE A 702 -27.31 16.67 -22.80
N ALA A 703 -28.48 16.38 -23.39
CA ALA A 703 -29.70 17.06 -22.94
C ALA A 703 -30.12 16.63 -21.53
N TYR A 704 -29.85 15.38 -21.15
CA TYR A 704 -30.22 14.96 -19.80
C TYR A 704 -29.37 15.64 -18.74
N ARG A 705 -28.08 15.91 -19.01
CA ARG A 705 -27.25 16.60 -18.04
C ARG A 705 -27.70 18.04 -17.86
N ASP A 706 -28.07 18.67 -18.98
CA ASP A 706 -28.60 20.03 -18.95
C ASP A 706 -29.96 20.07 -18.26
N SER A 707 -30.76 19.01 -18.43
CA SER A 707 -31.99 18.89 -17.67
C SER A 707 -31.71 18.81 -16.16
N ARG A 708 -30.61 18.15 -15.77
CA ARG A 708 -30.32 18.08 -14.34
C ARG A 708 -29.71 19.36 -13.83
N TYR A 709 -28.78 19.94 -14.59
CA TYR A 709 -28.26 21.25 -14.23
C TYR A 709 -29.38 22.28 -14.06
N SER A 710 -30.49 22.10 -14.79
CA SER A 710 -31.64 23.01 -14.75
C SER A 710 -32.70 22.64 -13.71
N HIS A 711 -32.53 21.57 -12.92
CA HIS A 711 -33.60 21.08 -12.04
C HIS A 711 -34.88 20.87 -12.83
N ALA A 712 -34.76 20.35 -14.06
CA ALA A 712 -35.92 20.05 -14.87
C ALA A 712 -35.90 18.59 -15.33
N GLU A 713 -35.29 17.74 -14.53
CA GLU A 713 -35.03 16.38 -14.99
C GLU A 713 -36.32 15.61 -15.21
N ARG A 714 -37.25 15.65 -14.27
CA ARG A 714 -38.42 14.82 -14.47
C ARG A 714 -39.25 15.35 -15.69
N ASP A 715 -39.53 16.66 -15.80
CA ASP A 715 -40.22 17.18 -17.01
C ASP A 715 -39.51 16.80 -18.31
N PHE A 716 -38.17 16.90 -18.36
CA PHE A 716 -37.43 16.46 -19.54
C PHE A 716 -37.67 14.98 -19.85
N CYS A 717 -37.55 14.13 -18.84
CA CYS A 717 -37.83 12.71 -19.06
C CYS A 717 -39.29 12.45 -19.41
N TYR A 718 -40.21 13.27 -18.90
CA TYR A 718 -41.62 13.09 -19.24
C TYR A 718 -41.88 13.38 -20.71
N LYS A 719 -41.38 14.52 -21.19
CA LYS A 719 -41.70 15.01 -22.52
C LYS A 719 -41.01 14.22 -23.62
N ASN A 720 -39.97 13.46 -23.29
CA ASN A 720 -39.18 12.82 -24.34
C ASN A 720 -39.22 11.30 -24.26
N PHE A 721 -40.06 10.75 -23.39
CA PHE A 721 -40.19 9.31 -23.22
C PHE A 721 -38.83 8.65 -22.98
N LEU A 722 -38.13 9.14 -21.96
CA LEU A 722 -36.85 8.59 -21.58
C LEU A 722 -36.88 8.10 -20.14
N SER A 723 -36.12 7.02 -19.90
CA SER A 723 -36.01 6.44 -18.57
C SER A 723 -34.82 7.08 -17.84
N SER A 724 -35.14 7.82 -16.79
CA SER A 724 -34.15 8.35 -15.86
C SER A 724 -33.12 7.30 -15.46
N MET A 725 -33.60 6.11 -15.11
CA MET A 725 -32.72 5.10 -14.53
C MET A 725 -31.76 4.54 -15.57
N THR A 726 -32.22 4.40 -16.81
CA THR A 726 -31.32 3.94 -17.86
C THR A 726 -30.25 4.99 -18.16
N LEU A 727 -30.67 6.26 -18.23
CA LEU A 727 -29.72 7.35 -18.46
C LEU A 727 -28.67 7.41 -17.36
N GLN A 728 -29.13 7.26 -16.09
CA GLN A 728 -28.20 7.29 -14.98
C GLN A 728 -27.26 6.10 -15.01
N GLN A 729 -27.69 4.98 -15.59
CA GLN A 729 -26.81 3.82 -15.72
C GLN A 729 -25.82 3.99 -16.87
N LEU A 730 -26.26 4.56 -17.98
CA LEU A 730 -25.32 4.82 -19.05
C LEU A 730 -24.23 5.79 -18.61
N GLU A 731 -24.55 6.73 -17.71
CA GLU A 731 -23.52 7.65 -17.25
C GLU A 731 -22.55 6.95 -16.30
N ARG A 732 -23.04 6.01 -15.49
CA ARG A 732 -22.10 5.24 -14.68
C ARG A 732 -21.22 4.36 -15.56
N MET A 733 -21.71 3.91 -16.71
CA MET A 733 -20.84 3.10 -17.58
C MET A 733 -19.79 3.95 -18.29
N LYS A 734 -20.14 5.15 -18.75
CA LYS A 734 -19.14 5.99 -19.42
C LYS A 734 -18.02 6.37 -18.44
N ASN A 735 -18.37 6.59 -17.19
CA ASN A 735 -17.34 6.87 -16.21
C ASN A 735 -16.53 5.62 -15.88
N GLN A 736 -17.15 4.43 -15.91
CA GLN A 736 -16.35 3.22 -15.72
C GLN A 736 -15.31 3.08 -16.82
N PHE A 737 -15.70 3.37 -18.06
CA PHE A 737 -14.76 3.24 -19.18
C PHE A 737 -13.62 4.27 -19.08
N SER A 738 -13.95 5.53 -18.78
CA SER A 738 -12.86 6.49 -18.68
C SER A 738 -11.94 6.15 -17.51
N GLU A 739 -12.48 5.64 -16.41
CA GLU A 739 -11.63 5.34 -15.27
C GLU A 739 -10.74 4.15 -15.55
N LEU A 740 -11.27 3.16 -16.29
CA LEU A 740 -10.44 2.06 -16.75
C LEU A 740 -9.35 2.58 -17.67
N LEU A 741 -9.73 3.41 -18.66
CA LEU A 741 -8.74 3.94 -19.59
C LEU A 741 -7.73 4.83 -18.87
N TYR A 742 -8.18 5.56 -17.84
CA TYR A 742 -7.22 6.33 -17.06
C TYR A 742 -6.29 5.40 -16.32
N ASN A 743 -6.82 4.29 -15.77
CA ASN A 743 -5.97 3.34 -15.06
C ASN A 743 -4.96 2.69 -15.99
N TYR A 744 -5.34 2.43 -17.24
CA TYR A 744 -4.44 1.82 -18.21
C TYR A 744 -3.52 2.83 -18.90
N LYS A 745 -3.49 4.08 -18.43
CA LYS A 745 -2.56 5.11 -18.92
C LYS A 745 -2.88 5.53 -20.36
N PHE A 746 -4.15 5.49 -20.78
CA PHE A 746 -4.53 6.00 -22.10
C PHE A 746 -5.16 7.38 -22.04
N LEU A 747 -5.60 7.81 -20.86
CA LEU A 747 -6.14 9.14 -20.70
C LEU A 747 -5.39 9.87 -19.60
N ALA A 748 -5.32 11.19 -19.76
CA ALA A 748 -4.72 12.03 -18.74
C ALA A 748 -5.62 12.17 -17.52
N SER A 749 -6.94 12.15 -17.73
CA SER A 749 -7.91 12.32 -16.65
C SER A 749 -8.93 11.17 -16.68
N SER A 750 -9.46 10.82 -15.51
CA SER A 750 -10.51 9.81 -15.41
C SER A 750 -11.91 10.34 -15.73
N ASN A 751 -12.10 11.66 -15.78
CA ASN A 751 -13.41 12.24 -16.01
C ASN A 751 -13.70 12.22 -17.49
N CYS A 752 -14.73 11.48 -17.89
CA CYS A 752 -14.88 11.33 -19.33
C CYS A 752 -15.38 12.60 -20.01
N LYS A 753 -15.81 13.61 -19.26
CA LYS A 753 -16.15 14.89 -19.87
C LYS A 753 -15.02 15.91 -19.77
N ASP A 754 -13.78 15.45 -19.57
CA ASP A 754 -12.63 16.35 -19.45
C ASP A 754 -12.35 17.08 -20.76
N ALA A 755 -11.96 18.36 -20.64
CA ALA A 755 -11.71 19.17 -21.82
C ALA A 755 -10.58 18.59 -22.67
N ALA A 756 -9.51 18.08 -22.03
CA ALA A 756 -8.37 17.58 -22.81
C ALA A 756 -8.72 16.29 -23.54
N SER A 757 -9.60 15.48 -22.93
CA SER A 757 -9.98 14.24 -23.58
C SER A 757 -11.05 14.44 -24.63
N ASN A 758 -11.49 15.70 -24.87
CA ASN A 758 -12.60 15.99 -25.79
C ASN A 758 -12.34 17.19 -26.68
N LYS A 759 -11.08 17.45 -27.03
CA LYS A 759 -10.77 18.57 -27.91
C LYS A 759 -11.41 18.42 -29.28
N ASN A 760 -11.75 17.20 -29.68
CA ASN A 760 -12.34 17.00 -30.99
C ASN A 760 -13.80 16.58 -30.92
N SER A 761 -14.42 16.66 -29.76
CA SER A 761 -15.71 16.04 -29.57
C SER A 761 -16.81 16.73 -30.34
N GLU A 762 -16.57 17.90 -30.90
CA GLU A 762 -17.57 18.61 -31.68
C GLU A 762 -17.36 18.44 -33.17
N LYS A 763 -16.28 17.78 -33.58
CA LYS A 763 -15.98 17.60 -35.00
C LYS A 763 -16.70 16.35 -35.46
N ILE A 764 -17.91 16.57 -36.00
CA ILE A 764 -18.79 15.45 -36.38
C ILE A 764 -18.14 14.49 -37.36
N PRO A 765 -17.46 14.92 -38.43
CA PRO A 765 -16.86 13.90 -39.32
C PRO A 765 -15.88 12.99 -38.60
N LEU A 766 -15.14 13.52 -37.64
CA LEU A 766 -14.25 12.65 -36.86
C LEU A 766 -15.03 11.63 -36.01
N LEU A 767 -16.21 11.98 -35.48
CA LEU A 767 -16.95 10.99 -34.70
C LEU A 767 -17.47 9.87 -35.55
N ARG A 768 -17.84 10.13 -36.80
CA ARG A 768 -18.26 9.00 -37.62
C ARG A 768 -17.08 8.08 -37.92
N ALA A 769 -15.88 8.66 -38.05
CA ALA A 769 -14.69 7.84 -38.30
C ALA A 769 -14.41 6.89 -37.13
N ILE A 770 -14.54 7.36 -35.89
CA ILE A 770 -14.22 6.51 -34.75
C ILE A 770 -15.30 5.45 -34.55
N ILE A 771 -16.59 5.83 -34.73
CA ILE A 771 -17.69 4.87 -34.71
C ILE A 771 -17.48 3.77 -35.76
N GLY A 772 -17.14 4.15 -36.99
CA GLY A 772 -16.87 3.16 -38.02
C GLY A 772 -15.67 2.28 -37.69
N ALA A 773 -14.64 2.87 -37.05
CA ALA A 773 -13.48 2.08 -36.67
C ALA A 773 -13.86 0.96 -35.72
N GLY A 774 -14.98 1.09 -35.01
CA GLY A 774 -15.46 0.04 -34.14
C GLY A 774 -16.44 -0.89 -34.82
N LEU A 775 -17.35 -0.34 -35.64
CA LEU A 775 -18.41 -1.14 -36.25
C LEU A 775 -17.96 -1.86 -37.52
N TYR A 776 -16.86 -1.44 -38.11
CA TYR A 776 -16.30 -2.11 -39.26
C TYR A 776 -16.07 -3.59 -38.93
N PRO A 777 -16.39 -4.52 -39.83
CA PRO A 777 -16.76 -4.32 -41.23
C PRO A 777 -18.26 -4.27 -41.54
N ASN A 778 -19.12 -3.96 -40.59
CA ASN A 778 -20.56 -3.97 -40.85
C ASN A 778 -20.93 -2.70 -41.63
N MET A 779 -20.90 -2.80 -42.97
CA MET A 779 -21.18 -1.68 -43.85
C MET A 779 -22.43 -1.94 -44.68
N ALA A 780 -23.11 -0.87 -45.08
CA ALA A 780 -24.18 -0.97 -46.06
C ALA A 780 -24.13 0.26 -46.97
N HIS A 781 -24.55 0.06 -48.23
CA HIS A 781 -24.51 1.08 -49.26
C HIS A 781 -25.93 1.34 -49.76
N LEU A 782 -26.35 2.62 -49.79
CA LEU A 782 -27.67 3.03 -50.25
C LEU A 782 -27.63 3.48 -51.70
N ARG A 783 -28.70 3.16 -52.46
CA ARG A 783 -28.74 3.38 -53.91
C ARG A 783 -29.97 4.14 -54.47
N LYS A 784 -31.13 4.17 -53.80
CA LYS A 784 -32.32 4.81 -54.36
C LYS A 784 -33.16 5.51 -53.31
N SER A 785 -34.20 6.23 -53.77
CA SER A 785 -35.00 7.14 -52.94
C SER A 785 -36.46 7.21 -53.41
N ARG A 786 -37.22 8.08 -52.73
CA ARG A 786 -38.63 8.43 -52.99
C ARG A 786 -39.09 9.59 -52.08
N ARG A 793 -41.89 10.39 -46.29
CA ARG A 793 -41.18 9.11 -46.19
C ARG A 793 -40.71 8.61 -47.56
N ALA A 794 -39.70 7.73 -47.58
CA ALA A 794 -39.07 7.31 -48.82
C ALA A 794 -38.81 5.80 -48.82
N ILE A 795 -38.69 5.25 -50.02
CA ILE A 795 -38.38 3.83 -50.22
C ILE A 795 -36.88 3.72 -50.54
N HIS A 796 -36.19 2.81 -49.86
CA HIS A 796 -34.74 2.68 -49.95
C HIS A 796 -34.35 1.42 -50.70
N THR A 797 -33.43 1.56 -51.64
CA THR A 797 -32.76 0.40 -52.24
C THR A 797 -31.35 0.34 -51.64
N MET A 798 -31.15 -0.57 -50.69
CA MET A 798 -29.89 -0.60 -49.97
C MET A 798 -29.46 -2.05 -49.79
N ALA A 799 -28.16 -2.25 -49.55
CA ALA A 799 -27.62 -3.59 -49.40
C ALA A 799 -26.40 -3.56 -48.48
N THR A 800 -26.26 -4.60 -47.67
CA THR A 800 -25.04 -4.77 -46.88
C THR A 800 -23.87 -5.11 -47.81
N ASP A 801 -22.66 -5.05 -47.24
CA ASP A 801 -21.43 -5.31 -47.99
C ASP A 801 -21.45 -6.66 -48.72
N ASP A 802 -22.23 -7.62 -48.21
CA ASP A 802 -22.31 -8.97 -48.75
C ASP A 802 -23.33 -9.12 -49.88
N GLY A 803 -24.14 -8.09 -50.16
CA GLY A 803 -25.05 -8.11 -51.29
C GLY A 803 -26.51 -8.26 -50.94
N ARG A 804 -26.82 -8.63 -49.70
CA ARG A 804 -28.20 -8.79 -49.29
C ARG A 804 -28.91 -7.45 -49.18
N ARG A 805 -30.14 -7.39 -49.68
CA ARG A 805 -30.93 -6.16 -49.54
C ARG A 805 -31.40 -6.00 -48.10
N VAL A 806 -31.20 -4.80 -47.56
CA VAL A 806 -31.58 -4.47 -46.18
C VAL A 806 -32.37 -3.17 -46.18
N ASN A 807 -32.97 -2.89 -45.04
CA ASN A 807 -33.61 -1.61 -44.77
C ASN A 807 -33.30 -1.21 -43.32
N PHE A 808 -33.40 0.08 -43.01
CA PHE A 808 -33.24 0.49 -41.61
C PHE A 808 -34.45 0.08 -40.81
N HIS A 809 -34.21 -0.39 -39.59
CA HIS A 809 -35.33 -0.78 -38.76
C HIS A 809 -36.16 0.46 -38.48
N PRO A 810 -37.49 0.37 -38.55
CA PRO A 810 -38.32 1.56 -38.35
C PRO A 810 -38.08 2.29 -37.04
N SER A 811 -37.48 1.63 -36.04
CA SER A 811 -37.11 2.30 -34.81
C SER A 811 -35.81 3.10 -34.93
N SER A 812 -35.05 2.91 -36.01
CA SER A 812 -33.85 3.69 -36.27
C SER A 812 -34.20 5.07 -36.80
N VAL A 813 -33.35 6.05 -36.48
CA VAL A 813 -33.59 7.42 -36.93
C VAL A 813 -33.49 7.60 -38.46
N ASN A 814 -32.84 6.68 -39.18
CA ASN A 814 -32.63 6.81 -40.63
C ASN A 814 -33.68 6.09 -41.47
N SER A 815 -34.62 5.37 -40.85
CA SER A 815 -35.72 4.80 -41.59
C SER A 815 -36.53 5.88 -42.29
N GLY A 816 -36.72 5.71 -43.60
CA GLY A 816 -37.58 6.54 -44.42
C GLY A 816 -37.01 7.91 -44.78
N GLU A 817 -35.84 8.26 -44.29
CA GLU A 817 -35.32 9.59 -44.52
C GLU A 817 -34.84 9.75 -45.96
N SER A 818 -34.79 11.00 -46.39
CA SER A 818 -34.41 11.34 -47.75
C SER A 818 -33.27 12.35 -47.72
N GLY A 819 -32.35 12.22 -48.66
CA GLY A 819 -31.26 13.18 -48.71
C GLY A 819 -30.11 12.99 -47.73
N PHE A 820 -29.43 11.86 -47.82
CA PHE A 820 -28.23 11.62 -47.02
C PHE A 820 -27.02 12.22 -47.72
N ASP A 821 -26.16 12.92 -46.96
CA ASP A 821 -24.95 13.49 -47.57
C ASP A 821 -24.05 12.40 -48.12
N SER A 822 -24.08 11.22 -47.52
CA SER A 822 -23.32 10.07 -47.95
C SER A 822 -24.26 8.88 -48.05
N ALA A 823 -23.94 7.95 -48.95
CA ALA A 823 -24.73 6.75 -49.16
C ALA A 823 -24.23 5.53 -48.40
N TYR A 824 -23.29 5.70 -47.46
CA TYR A 824 -22.65 4.59 -46.79
C TYR A 824 -22.96 4.60 -45.30
N PHE A 825 -23.18 3.41 -44.73
CA PHE A 825 -23.53 3.30 -43.33
C PHE A 825 -22.77 2.15 -42.68
N VAL A 826 -22.56 2.31 -41.37
CA VAL A 826 -22.11 1.22 -40.49
C VAL A 826 -23.22 0.91 -39.48
N TYR A 827 -23.20 -0.31 -38.98
CA TYR A 827 -24.26 -0.80 -38.11
C TYR A 827 -23.69 -1.80 -37.12
N PHE A 828 -24.40 -1.96 -36.00
CA PHE A 828 -24.01 -2.93 -34.99
C PHE A 828 -24.68 -4.30 -35.19
N GLN A 829 -25.99 -4.31 -35.46
CA GLN A 829 -26.76 -5.55 -35.54
C GLN A 829 -27.71 -5.50 -36.73
N ARG A 830 -27.56 -6.47 -37.65
CA ARG A 830 -28.55 -6.87 -38.66
C ARG A 830 -29.54 -7.87 -38.05
N GLN A 831 -30.84 -7.76 -38.41
CA GLN A 831 -31.87 -8.67 -37.88
C GLN A 831 -33.01 -8.86 -38.87
N LYS A 832 -33.41 -10.12 -39.11
CA LYS A 832 -34.57 -10.40 -39.96
C LYS A 832 -35.79 -10.64 -39.08
N SER A 833 -36.83 -9.78 -39.14
CA SER A 833 -38.13 -10.32 -38.78
C SER A 833 -39.21 -10.37 -39.86
N THR A 834 -39.56 -9.24 -40.47
CA THR A 834 -40.46 -9.14 -41.62
C THR A 834 -39.69 -8.90 -42.90
N ASP A 835 -38.44 -8.48 -42.73
CA ASP A 835 -37.50 -8.05 -43.73
C ASP A 835 -36.18 -8.02 -42.96
N LEU A 836 -35.09 -7.82 -43.68
CA LEU A 836 -33.76 -7.79 -43.09
C LEU A 836 -33.45 -6.33 -42.72
N PHE A 837 -33.46 -6.03 -41.44
CA PHE A 837 -33.30 -4.66 -40.98
C PHE A 837 -31.94 -4.47 -40.33
N LEU A 838 -31.50 -3.22 -40.36
CA LEU A 838 -30.40 -2.74 -39.54
C LEU A 838 -31.02 -2.08 -38.32
N LEU A 839 -30.62 -2.52 -37.13
CA LEU A 839 -31.29 -2.00 -35.94
C LEU A 839 -30.72 -0.65 -35.48
N ASP A 840 -29.65 -0.18 -36.11
CA ASP A 840 -28.93 1.00 -35.70
C ASP A 840 -27.94 1.28 -36.80
N SER A 841 -27.59 2.55 -36.99
CA SER A 841 -26.72 2.86 -38.11
C SER A 841 -26.19 4.26 -37.98
N THR A 842 -24.98 4.45 -38.46
CA THR A 842 -24.43 5.78 -38.64
C THR A 842 -24.04 5.95 -40.10
N MET A 843 -24.54 7.03 -40.73
CA MET A 843 -23.96 7.51 -41.99
C MET A 843 -22.48 7.84 -41.84
N VAL A 844 -21.67 7.26 -42.74
CA VAL A 844 -20.21 7.31 -42.70
C VAL A 844 -19.68 7.80 -44.04
N PHE A 845 -18.45 8.32 -44.01
CA PHE A 845 -17.85 8.78 -45.25
C PHE A 845 -16.76 7.84 -45.78
N PRO A 846 -16.65 7.72 -47.11
CA PRO A 846 -15.65 6.80 -47.71
C PRO A 846 -14.22 6.97 -47.20
N MET A 847 -13.71 8.21 -47.07
CA MET A 847 -12.33 8.41 -46.63
C MET A 847 -12.10 7.89 -45.22
N ALA A 848 -13.13 7.91 -44.37
CA ALA A 848 -13.00 7.34 -43.04
C ALA A 848 -12.87 5.83 -43.09
N LEU A 849 -13.72 5.17 -43.90
CA LEU A 849 -13.57 3.72 -44.06
C LEU A 849 -12.19 3.39 -44.60
N ILE A 850 -11.71 4.18 -45.57
CA ILE A 850 -10.42 3.89 -46.17
C ILE A 850 -9.33 3.91 -45.10
N ILE A 851 -9.34 4.95 -44.25
CA ILE A 851 -8.24 5.14 -43.32
C ILE A 851 -8.25 4.08 -42.23
N PHE A 852 -9.43 3.70 -41.75
CA PHE A 852 -9.50 2.81 -40.61
C PHE A 852 -9.83 1.35 -40.97
N GLY A 853 -10.14 1.06 -42.23
CA GLY A 853 -10.53 -0.28 -42.65
C GLY A 853 -9.37 -1.13 -43.09
N ASP A 854 -9.69 -2.20 -43.79
CA ASP A 854 -8.68 -3.08 -44.35
C ASP A 854 -9.06 -3.34 -45.80
N GLY A 855 -8.31 -4.20 -46.47
CA GLY A 855 -8.63 -4.45 -47.87
C GLY A 855 -8.50 -3.19 -48.69
N VAL A 856 -7.53 -2.35 -48.38
CA VAL A 856 -7.29 -1.11 -49.10
C VAL A 856 -6.22 -1.37 -50.16
N GLU A 857 -6.52 -1.06 -51.42
CA GLU A 857 -5.50 -1.11 -52.46
C GLU A 857 -5.77 0.01 -53.46
N ALA A 858 -4.73 0.32 -54.23
CA ALA A 858 -4.83 1.32 -55.29
C ALA A 858 -4.63 0.62 -56.61
N GLY A 859 -5.25 1.16 -57.65
CA GLY A 859 -5.11 0.59 -58.98
C GLY A 859 -5.93 1.37 -59.97
N VAL A 860 -6.08 0.77 -61.15
CA VAL A 860 -6.85 1.34 -62.26
C VAL A 860 -7.86 0.30 -62.74
N THR A 861 -9.11 0.69 -62.95
CA THR A 861 -9.96 -0.28 -63.60
C THR A 861 -10.48 0.11 -64.98
N GLN A 862 -11.19 1.23 -65.20
CA GLN A 862 -11.70 1.27 -66.57
C GLN A 862 -10.66 1.78 -67.56
N ASN A 863 -10.26 3.04 -67.39
CA ASN A 863 -8.93 3.61 -67.44
C ASN A 863 -8.79 4.66 -66.35
N THR A 864 -9.54 4.49 -65.25
CA THR A 864 -9.62 5.47 -64.20
C THR A 864 -8.93 4.96 -62.93
N PRO A 865 -8.25 5.81 -62.16
CA PRO A 865 -7.61 5.29 -60.95
C PRO A 865 -8.59 5.20 -59.80
N TYR A 866 -8.52 4.08 -59.08
CA TYR A 866 -9.45 3.76 -58.01
C TYR A 866 -8.70 3.64 -56.69
N LEU A 867 -9.48 3.70 -55.60
CA LEU A 867 -9.00 3.23 -54.31
C LEU A 867 -10.17 2.68 -53.50
N CYS A 868 -10.00 1.49 -52.92
CA CYS A 868 -11.09 0.67 -52.42
C CYS A 868 -10.90 0.34 -50.95
N VAL A 869 -11.97 -0.18 -50.35
CA VAL A 869 -11.96 -0.68 -48.97
C VAL A 869 -12.72 -2.00 -48.95
N ALA A 870 -12.24 -2.95 -48.14
CA ALA A 870 -12.71 -4.34 -48.06
C ALA A 870 -12.67 -5.09 -49.39
N LYS A 871 -11.92 -4.56 -50.36
CA LYS A 871 -11.97 -4.93 -51.77
C LYS A 871 -13.42 -5.10 -52.19
N THR A 872 -14.31 -4.27 -51.65
CA THR A 872 -15.72 -4.36 -51.96
C THR A 872 -16.29 -3.09 -52.59
N TYR A 873 -15.99 -1.97 -51.96
CA TYR A 873 -16.44 -0.65 -52.37
C TYR A 873 -15.27 0.10 -52.98
N TYR A 874 -15.41 0.46 -54.27
CA TYR A 874 -14.34 1.07 -55.06
C TYR A 874 -14.67 2.53 -55.35
N PHE A 875 -13.68 3.40 -55.15
CA PHE A 875 -13.88 4.84 -55.20
C PHE A 875 -12.91 5.47 -56.19
N LYS A 876 -13.40 6.39 -57.02
CA LYS A 876 -12.50 7.14 -57.90
C LYS A 876 -11.53 7.94 -57.04
N CYS A 877 -10.24 7.86 -57.35
CA CYS A 877 -9.23 8.49 -56.51
C CYS A 877 -7.95 8.73 -57.28
N ASN A 878 -7.52 9.98 -57.36
CA ASN A 878 -6.26 10.31 -58.03
C ASN A 878 -5.11 9.60 -57.34
N ARG A 879 -3.96 9.59 -58.02
CA ARG A 879 -2.83 8.82 -57.53
C ARG A 879 -2.06 9.56 -56.45
N GLU A 880 -2.06 10.90 -56.48
CA GLU A 880 -1.44 11.66 -55.40
C GLU A 880 -2.09 11.41 -54.05
N THR A 881 -3.42 11.39 -53.99
CA THR A 881 -4.13 11.13 -52.74
C THR A 881 -3.95 9.67 -52.32
N ALA A 882 -3.97 8.75 -53.29
CA ALA A 882 -3.84 7.35 -52.92
C ALA A 882 -2.45 7.03 -52.37
N ASP A 883 -1.40 7.65 -52.93
CA ASP A 883 -0.07 7.50 -52.35
C ASP A 883 -0.02 8.00 -50.90
N VAL A 884 -0.65 9.15 -50.62
CA VAL A 884 -0.61 9.74 -49.28
C VAL A 884 -1.45 8.93 -48.29
N VAL A 885 -2.63 8.46 -48.73
CA VAL A 885 -3.49 7.70 -47.83
C VAL A 885 -2.85 6.36 -47.47
N ILE A 886 -2.21 5.71 -48.44
CA ILE A 886 -1.56 4.44 -48.15
C ILE A 886 -0.42 4.63 -47.18
N GLN A 887 0.38 5.67 -47.38
CA GLN A 887 1.45 5.93 -46.43
C GLN A 887 0.89 6.40 -45.08
N LEU A 888 -0.26 7.09 -45.06
CA LEU A 888 -0.87 7.51 -43.80
C LEU A 888 -1.43 6.32 -43.03
N ARG A 889 -1.94 5.31 -43.74
CA ARG A 889 -2.41 4.11 -43.05
C ARG A 889 -1.25 3.35 -42.43
N SER A 890 -0.11 3.29 -43.12
CA SER A 890 1.02 2.54 -42.59
C SER A 890 1.54 3.21 -41.32
N ASN A 891 1.51 4.55 -41.24
CA ASN A 891 1.95 5.18 -40.01
C ASN A 891 0.91 5.06 -38.91
N LEU A 892 -0.38 5.03 -39.27
CA LEU A 892 -1.41 4.78 -38.28
C LEU A 892 -1.34 3.35 -37.74
N GLU A 893 -0.93 2.39 -38.57
CA GLU A 893 -0.74 1.05 -38.05
C GLU A 893 0.40 1.03 -37.06
N LYS A 894 1.46 1.78 -37.32
CA LYS A 894 2.61 1.75 -36.43
C LYS A 894 2.31 2.46 -35.12
N LEU A 895 1.53 3.54 -35.19
CA LEU A 895 1.24 4.32 -34.00
C LEU A 895 0.39 3.52 -33.01
N LEU A 896 -0.67 2.86 -33.53
CA LEU A 896 -1.52 2.02 -32.67
C LEU A 896 -0.75 0.90 -32.02
N LEU A 897 0.15 0.25 -32.78
CA LEU A 897 0.98 -0.81 -32.18
C LEU A 897 1.82 -0.27 -31.03
N LYS A 898 2.29 0.99 -31.14
CA LYS A 898 3.06 1.54 -30.03
C LYS A 898 2.18 1.89 -28.84
N LYS A 899 1.00 2.50 -29.06
CA LYS A 899 0.21 2.93 -27.91
C LYS A 899 -0.40 1.75 -27.18
N ALA A 900 -0.63 0.63 -27.87
CA ALA A 900 -1.04 -0.57 -27.16
C ALA A 900 0.10 -1.12 -26.32
N LEU A 901 1.33 -1.13 -26.89
CA LEU A 901 2.46 -1.75 -26.19
C LEU A 901 3.03 -0.84 -25.10
N TYR A 902 3.07 0.47 -25.34
CA TYR A 902 3.53 1.45 -24.35
C TYR A 902 2.45 2.50 -24.16
N PRO A 903 1.48 2.21 -23.31
CA PRO A 903 0.38 3.15 -23.11
C PRO A 903 0.86 4.45 -22.48
N ALA A 904 0.42 5.55 -23.08
CA ALA A 904 0.59 6.89 -22.54
C ALA A 904 -0.43 7.75 -23.23
N PRO A 905 -0.90 8.79 -22.58
CA PRO A 905 -1.74 9.78 -23.30
C PRO A 905 -0.93 10.37 -24.45
N ILE A 906 -1.62 10.66 -25.55
CA ILE A 906 -0.98 11.39 -26.64
C ILE A 906 -0.77 12.84 -26.22
N GLU A 907 0.50 13.26 -26.11
CA GLU A 907 0.86 14.61 -25.71
C GLU A 907 0.43 15.64 -26.75
N GLU A 908 -0.14 16.77 -26.28
CA GLU A 908 -0.84 17.69 -27.17
C GLU A 908 0.09 18.42 -28.13
N ASN A 909 1.41 18.45 -27.87
CA ASN A 909 2.36 19.14 -28.74
C ASN A 909 3.53 18.23 -29.10
N GLY A 910 3.26 16.99 -29.47
CA GLY A 910 4.36 16.09 -29.82
C GLY A 910 4.35 15.46 -31.20
N TYR A 911 5.23 14.48 -31.41
CA TYR A 911 5.31 13.80 -32.71
C TYR A 911 4.02 13.02 -33.02
N GLU A 912 3.45 12.35 -32.01
CA GLU A 912 2.27 11.51 -32.30
C GLU A 912 1.06 12.37 -32.60
N LYS A 913 0.92 13.52 -31.95
CA LYS A 913 -0.14 14.45 -32.31
C LYS A 913 -0.07 14.86 -33.77
N GLN A 914 1.15 14.94 -34.32
CA GLN A 914 1.29 15.35 -35.72
C GLN A 914 0.57 14.38 -36.65
N LEU A 915 0.71 13.08 -36.38
CA LEU A 915 -0.01 12.07 -37.16
C LEU A 915 -1.51 12.20 -36.97
N ILE A 916 -1.94 12.44 -35.73
CA ILE A 916 -3.37 12.63 -35.47
C ILE A 916 -3.92 13.80 -36.27
N LYS A 917 -3.21 14.94 -36.23
CA LYS A 917 -3.64 16.11 -36.99
C LYS A 917 -3.74 15.81 -38.47
N ALA A 918 -2.86 14.95 -38.99
CA ALA A 918 -2.97 14.56 -40.39
C ALA A 918 -4.30 13.91 -40.67
N ILE A 919 -4.80 13.10 -39.73
CA ILE A 919 -6.07 12.42 -39.91
C ILE A 919 -7.22 13.37 -39.68
N GLU A 920 -7.18 14.19 -38.61
CA GLU A 920 -8.16 15.26 -38.46
C GLU A 920 -8.34 16.06 -39.77
N LEU A 921 -7.22 16.44 -40.43
CA LEU A 921 -7.29 17.23 -41.66
C LEU A 921 -8.04 16.52 -42.77
N LEU A 922 -7.65 15.27 -43.07
CA LEU A 922 -8.29 14.55 -44.18
C LEU A 922 -9.78 14.36 -43.95
N LEU A 923 -10.18 13.95 -42.75
CA LEU A 923 -11.59 13.65 -42.52
C LEU A 923 -12.45 14.92 -42.52
N SER A 924 -11.89 16.05 -42.09
CA SER A 924 -12.62 17.31 -42.06
C SER A 924 -13.10 17.75 -43.45
N LEU A 925 -12.45 17.28 -44.52
CA LEU A 925 -12.88 17.65 -45.86
C LEU A 925 -14.35 17.31 -46.13
N ASP A 926 -14.96 16.44 -45.33
CA ASP A 926 -16.33 16.02 -45.57
C ASP A 926 -17.34 16.68 -44.63
N GLU A 927 -17.10 17.90 -44.12
CA GLU A 927 -18.13 18.48 -43.25
C GLU A 927 -19.24 19.09 -44.11
N ARG A 928 -20.52 19.09 -43.63
CA ARG A 928 -21.54 19.79 -44.44
C ARG A 928 -21.37 21.29 -44.35
N LEU A 929 -21.24 21.92 -45.50
CA LEU A 929 -21.09 23.33 -45.61
C LEU A 929 -22.35 24.15 -45.31
N LEU B 54 31.40 47.72 25.16
CA LEU B 54 30.67 48.00 23.90
C LEU B 54 31.50 47.74 22.61
N GLY B 55 30.95 46.90 21.73
CA GLY B 55 31.68 46.33 20.62
C GLY B 55 31.59 47.12 19.32
N CYS B 56 31.99 46.44 18.24
CA CYS B 56 32.27 47.04 16.94
C CYS B 56 31.00 47.41 16.19
N ASN B 57 31.16 48.30 15.20
CA ASN B 57 30.03 48.80 14.44
C ASN B 57 29.50 47.75 13.48
N VAL B 58 28.19 47.64 13.43
CA VAL B 58 27.54 46.57 12.71
C VAL B 58 26.52 47.16 11.73
N SER B 59 26.63 48.47 11.48
CA SER B 59 25.70 49.16 10.58
C SER B 59 25.94 48.80 9.13
N ALA B 60 24.83 48.83 8.34
CA ALA B 60 24.80 48.50 6.91
C ALA B 60 24.68 49.76 6.02
N PRO B 61 25.24 49.74 4.81
CA PRO B 61 25.10 50.89 3.89
C PRO B 61 23.68 51.08 3.37
N SER B 62 23.34 52.33 3.03
CA SER B 62 22.05 52.72 2.43
C SER B 62 21.54 51.75 1.36
N GLY B 63 22.36 51.50 0.33
CA GLY B 63 21.90 50.70 -0.79
C GLY B 63 21.53 49.28 -0.42
N VAL B 64 22.28 48.65 0.49
CA VAL B 64 21.89 47.32 0.88
C VAL B 64 20.61 47.37 1.70
N LEU B 65 20.48 48.35 2.60
CA LEU B 65 19.28 48.46 3.43
C LEU B 65 18.02 48.73 2.60
N GLU B 66 18.11 49.60 1.59
CA GLU B 66 16.93 49.86 0.79
C GLU B 66 16.55 48.59 0.01
N ARG B 67 17.54 47.84 -0.45
CA ARG B 67 17.29 46.56 -1.09
C ARG B 67 16.71 45.52 -0.14
N VAL B 68 17.17 45.50 1.12
CA VAL B 68 16.57 44.59 2.08
C VAL B 68 15.13 45.00 2.35
N LYS B 69 14.89 46.31 2.49
CA LYS B 69 13.53 46.78 2.71
C LYS B 69 12.60 46.36 1.57
N GLU B 70 13.03 46.46 0.31
CA GLU B 70 12.11 46.08 -0.76
C GLU B 70 11.91 44.58 -0.82
N LEU B 71 12.94 43.79 -0.52
CA LEU B 71 12.75 42.34 -0.48
C LEU B 71 11.73 41.93 0.58
N MET B 72 11.87 42.48 1.80
CA MET B 72 10.95 42.13 2.89
C MET B 72 9.52 42.46 2.56
N GLU B 73 9.32 43.57 1.86
CA GLU B 73 8.00 44.03 1.52
C GLU B 73 7.47 43.28 0.30
N ASP B 74 8.34 42.69 -0.55
CA ASP B 74 7.88 41.71 -1.54
C ASP B 74 7.42 40.41 -0.88
N TYR B 75 8.14 40.01 0.18
CA TYR B 75 7.75 38.84 0.96
C TYR B 75 6.39 39.06 1.58
N SER B 76 6.11 40.28 2.04
CA SER B 76 4.89 40.54 2.79
C SER B 76 3.64 40.78 1.91
N ARG B 77 3.72 40.52 0.62
CA ARG B 77 2.63 40.50 -0.37
C ARG B 77 2.56 39.14 -1.05
N ALA B 78 2.60 38.12 -0.17
CA ALA B 78 2.26 36.76 -0.48
C ALA B 78 0.85 36.53 0.02
N PRO B 79 -0.06 36.06 -0.85
CA PRO B 79 -1.43 35.75 -0.45
C PRO B 79 -1.51 34.50 0.43
N ASP B 90 -0.72 21.52 0.43
CA ASP B 90 -1.55 20.47 1.06
C ASP B 90 -0.86 20.00 2.33
N ALA B 91 -1.50 20.16 3.47
CA ALA B 91 -0.84 19.89 4.73
C ALA B 91 -1.55 18.74 5.45
N LYS B 92 -1.10 17.53 5.12
CA LYS B 92 -1.37 16.41 5.98
C LYS B 92 -0.55 16.54 7.25
N PHE B 93 0.59 17.23 7.19
CA PHE B 93 1.38 17.38 8.41
C PHE B 93 0.60 18.15 9.48
N GLN B 94 -0.02 19.25 9.07
CA GLN B 94 -0.85 20.03 9.98
C GLN B 94 -1.86 19.12 10.67
N GLN B 95 -2.59 18.33 9.88
CA GLN B 95 -3.64 17.47 10.43
C GLN B 95 -3.09 16.49 11.46
N GLN B 96 -1.96 15.83 11.15
CA GLN B 96 -1.37 14.92 12.14
C GLN B 96 -0.97 15.67 13.40
N PHE B 97 -0.47 16.90 13.23
CA PHE B 97 -0.04 17.67 14.39
C PHE B 97 -1.21 18.03 15.29
N ARG B 98 -2.35 18.42 14.71
CA ARG B 98 -3.45 18.76 15.61
C ARG B 98 -4.04 17.50 16.22
N HIS B 99 -4.02 16.40 15.47
CA HIS B 99 -4.54 15.15 15.99
C HIS B 99 -3.77 14.72 17.22
N LEU B 100 -2.44 14.90 17.22
CA LEU B 100 -1.60 14.48 18.35
C LEU B 100 -1.93 15.29 19.60
N LEU B 101 -2.25 16.56 19.45
CA LEU B 101 -2.68 17.36 20.59
C LEU B 101 -4.16 17.16 20.87
N SER B 102 -4.91 16.63 19.90
CA SER B 102 -6.34 16.43 20.09
C SER B 102 -6.65 15.18 20.93
N VAL B 103 -5.91 14.09 20.72
CA VAL B 103 -6.26 12.81 21.31
C VAL B 103 -5.80 12.74 22.76
N ASN B 104 -6.59 12.04 23.58
CA ASN B 104 -6.25 11.66 24.94
C ASN B 104 -5.48 10.34 24.93
N PHE B 105 -4.89 9.99 26.08
CA PHE B 105 -4.04 8.80 26.13
C PHE B 105 -4.85 7.53 25.95
N GLU B 106 -6.07 7.50 26.49
CA GLU B 106 -6.94 6.37 26.23
C GLU B 106 -7.26 6.28 24.73
N GLU B 107 -7.60 7.42 24.11
CA GLU B 107 -7.85 7.43 22.68
C GLU B 107 -6.60 7.08 21.88
N PHE B 108 -5.44 7.56 22.33
CA PHE B 108 -4.20 7.28 21.60
C PHE B 108 -3.81 5.83 21.70
N VAL B 109 -4.14 5.19 22.82
CA VAL B 109 -3.91 3.76 22.94
C VAL B 109 -4.92 2.99 22.11
N ALA B 110 -6.18 3.44 22.10
CA ALA B 110 -7.19 2.87 21.21
C ALA B 110 -6.74 2.94 19.75
N GLU B 111 -6.44 4.13 19.22
CA GLU B 111 -6.16 4.23 17.78
C GLU B 111 -4.89 3.51 17.40
N THR B 112 -3.93 3.42 18.31
CA THR B 112 -2.73 2.72 17.89
C THR B 112 -2.95 1.22 17.86
N LYS B 113 -4.07 0.73 18.40
CA LYS B 113 -4.28 -0.70 18.33
C LYS B 113 -4.99 -1.09 17.04
N GLU B 114 -5.56 -0.11 16.35
CA GLU B 114 -6.14 -0.38 15.04
C GLU B 114 -5.09 -0.35 13.92
N ARG B 115 -4.06 0.48 14.00
CA ARG B 115 -3.07 0.43 12.92
C ARG B 115 -2.09 -0.72 12.98
N ASN B 116 -1.59 -1.03 14.16
CA ASN B 116 -0.62 -2.10 14.27
C ASN B 116 -1.34 -3.35 14.74
N ALA B 117 -1.98 -4.01 13.77
CA ALA B 117 -2.80 -5.17 14.08
C ALA B 117 -2.29 -6.43 13.38
N ASP B 118 -1.10 -6.39 12.75
CA ASP B 118 -0.65 -7.50 11.90
C ASP B 118 -0.45 -8.82 12.68
N LEU B 119 0.14 -8.79 13.85
CA LEU B 119 0.34 -10.10 14.49
C LEU B 119 -0.93 -10.65 15.15
N ASP B 120 -2.11 -10.06 14.86
CA ASP B 120 -3.36 -10.75 15.12
C ASP B 120 -3.61 -11.88 14.13
N TRP B 121 -2.86 -11.93 13.03
CA TRP B 121 -3.09 -12.89 11.95
C TRP B 121 -1.94 -13.90 11.92
N VAL B 122 -2.30 -15.17 11.81
CA VAL B 122 -1.30 -16.23 11.69
C VAL B 122 -1.56 -16.96 10.39
N ASN B 123 -0.58 -17.72 9.94
CA ASN B 123 -0.73 -18.45 8.68
C ASN B 123 -0.44 -19.91 8.95
N PRO B 124 -1.48 -20.76 9.00
CA PRO B 124 -1.28 -22.14 9.47
C PRO B 124 -0.46 -23.01 8.53
N LYS B 125 -0.47 -22.77 7.21
CA LYS B 125 0.33 -23.60 6.32
C LYS B 125 1.81 -23.30 6.48
N LEU B 126 2.14 -22.08 6.91
CA LEU B 126 3.52 -21.76 7.27
C LEU B 126 3.89 -22.42 8.59
N ASP B 127 2.95 -22.43 9.54
CA ASP B 127 3.17 -23.12 10.81
C ASP B 127 3.45 -24.60 10.58
N GLU B 128 2.66 -25.23 9.71
CA GLU B 128 2.84 -26.65 9.45
C GLU B 128 4.14 -26.92 8.67
N ARG B 129 4.60 -25.98 7.85
CA ARG B 129 5.78 -26.31 7.06
C ARG B 129 7.06 -26.04 7.81
N LEU B 130 7.13 -24.98 8.61
CA LEU B 130 8.31 -24.81 9.45
C LEU B 130 8.41 -25.89 10.51
N GLN B 131 7.29 -26.41 10.98
CA GLN B 131 7.33 -27.52 11.92
C GLN B 131 7.97 -28.74 11.26
N LEU B 132 7.62 -29.01 10.02
CA LEU B 132 8.15 -30.17 9.32
C LEU B 132 9.64 -30.02 8.98
N GLU B 133 10.06 -28.82 8.57
CA GLU B 133 11.47 -28.60 8.30
C GLU B 133 12.30 -28.72 9.57
N LEU B 134 11.75 -28.32 10.72
CA LEU B 134 12.46 -28.51 11.97
C LEU B 134 12.64 -30.00 12.25
N GLY B 135 11.58 -30.78 12.10
CA GLY B 135 11.70 -32.21 12.24
C GLY B 135 12.76 -32.80 11.32
N GLN B 136 12.90 -32.23 10.12
CA GLN B 136 13.88 -32.79 9.17
C GLN B 136 15.31 -32.34 9.48
N ARG B 137 15.52 -31.10 9.95
CA ARG B 137 16.83 -30.77 10.47
C ARG B 137 17.23 -31.55 11.71
N GLN B 138 16.29 -32.02 12.50
CA GLN B 138 16.70 -32.85 13.63
C GLN B 138 16.76 -34.31 13.29
N LEU B 139 16.99 -34.64 12.02
CA LEU B 139 17.52 -35.94 11.66
C LEU B 139 18.80 -35.78 10.85
N GLU B 140 19.28 -34.57 10.60
CA GLU B 140 20.47 -34.46 9.76
C GLU B 140 21.69 -34.22 10.67
N GLU B 141 22.90 -34.43 10.17
CA GLU B 141 24.11 -34.27 10.99
C GLU B 141 24.97 -33.05 10.71
N ASN B 142 24.48 -32.14 9.86
CA ASN B 142 24.89 -30.72 9.89
C ASN B 142 24.57 -30.13 11.27
N ALA B 143 23.28 -30.23 11.68
CA ALA B 143 22.87 -30.07 13.07
C ALA B 143 23.22 -31.42 13.73
N LYS B 144 22.73 -31.63 14.95
CA LYS B 144 22.68 -32.91 15.66
C LYS B 144 24.06 -33.31 16.17
N LYS B 145 25.07 -32.54 15.78
CA LYS B 145 26.27 -32.13 16.50
C LYS B 145 26.14 -30.68 16.96
N ARG B 146 25.56 -29.83 16.08
CA ARG B 146 25.29 -28.45 16.46
C ARG B 146 24.56 -28.36 17.79
N LEU B 147 23.66 -29.30 18.04
CA LEU B 147 22.80 -29.13 19.19
C LEU B 147 23.47 -29.64 20.45
N GLU B 148 24.33 -30.67 20.35
CA GLU B 148 25.03 -31.10 21.56
C GLU B 148 26.15 -30.16 21.95
N ALA B 149 26.72 -29.46 20.98
CA ALA B 149 27.66 -28.39 21.30
C ALA B 149 26.92 -27.21 21.91
N ARG B 150 25.65 -27.04 21.53
CA ARG B 150 24.78 -26.08 22.21
C ARG B 150 24.42 -26.56 23.62
N LYS B 151 24.09 -27.84 23.79
CA LYS B 151 23.72 -28.35 25.10
C LYS B 151 24.91 -28.36 26.07
N LYS B 152 26.10 -28.04 25.60
CA LYS B 152 27.27 -27.90 26.44
C LYS B 152 27.38 -26.51 27.07
N LEU B 153 26.40 -25.57 26.79
CA LEU B 153 26.26 -24.26 27.40
C LEU B 153 25.22 -24.25 28.51
N PRO B 154 25.51 -23.61 29.65
CA PRO B 154 24.64 -23.77 30.83
C PRO B 154 23.21 -23.31 30.62
N THR B 155 23.00 -22.25 29.83
CA THR B 155 21.65 -21.79 29.58
C THR B 155 20.75 -22.93 29.14
N MET B 156 21.30 -23.87 28.38
CA MET B 156 20.50 -24.92 27.79
C MET B 156 20.00 -25.92 28.81
N LYS B 157 20.64 -26.03 29.97
CA LYS B 157 20.08 -26.92 30.99
C LYS B 157 18.80 -26.36 31.58
N TYR B 158 18.50 -25.09 31.34
CA TYR B 158 17.29 -24.47 31.84
C TYR B 158 16.29 -24.22 30.73
N ALA B 159 16.49 -24.83 29.56
CA ALA B 159 15.63 -24.58 28.42
C ALA B 159 14.14 -24.67 28.80
N ASP B 160 13.75 -25.78 29.43
CA ASP B 160 12.31 -25.96 29.66
C ASP B 160 11.81 -25.09 30.82
N ASP B 161 12.61 -24.91 31.88
CA ASP B 161 12.16 -24.04 32.97
C ASP B 161 11.91 -22.62 32.48
N ILE B 162 12.65 -22.19 31.45
CA ILE B 162 12.46 -20.85 30.91
C ILE B 162 11.21 -20.78 30.07
N ILE B 163 11.05 -21.75 29.16
CA ILE B 163 9.82 -21.84 28.37
C ILE B 163 8.59 -21.80 29.27
N GLN B 164 8.62 -22.57 30.35
CA GLN B 164 7.50 -22.58 31.28
C GLN B 164 7.38 -21.26 32.01
N ALA B 165 8.51 -20.65 32.37
CA ALA B 165 8.45 -19.34 33.02
C ALA B 165 7.94 -18.27 32.06
N VAL B 166 8.33 -18.34 30.78
CA VAL B 166 7.82 -17.34 29.84
C VAL B 166 6.32 -17.51 29.62
N ARG B 167 5.82 -18.75 29.65
CA ARG B 167 4.39 -18.94 29.50
C ARG B 167 3.62 -18.44 30.73
N GLU B 168 4.18 -18.57 31.93
CA GLU B 168 3.45 -18.20 33.13
C GLU B 168 3.58 -16.73 33.51
N ASN B 169 4.61 -16.01 33.06
CA ASN B 169 4.80 -14.62 33.46
C ASN B 169 5.07 -13.70 32.27
N GLN B 170 4.61 -12.46 32.41
CA GLN B 170 4.79 -11.48 31.36
C GLN B 170 6.22 -10.95 31.37
N VAL B 171 6.84 -10.89 32.54
CA VAL B 171 8.22 -10.44 32.73
C VAL B 171 8.98 -11.48 33.53
N ILE B 172 10.08 -11.99 32.96
CA ILE B 172 11.07 -12.79 33.70
C ILE B 172 12.44 -12.11 33.57
N LEU B 173 13.39 -12.57 34.39
CA LEU B 173 14.73 -12.00 34.43
C LEU B 173 15.76 -13.12 34.46
N ILE B 174 16.67 -13.12 33.48
CA ILE B 174 17.72 -14.13 33.38
C ILE B 174 19.04 -13.46 33.73
N VAL B 175 19.70 -13.97 34.76
CA VAL B 175 20.98 -13.43 35.24
C VAL B 175 22.08 -14.43 34.93
N GLY B 176 23.17 -13.95 34.33
CA GLY B 176 24.27 -14.84 34.05
C GLY B 176 25.51 -14.11 33.57
N SER B 177 26.69 -14.57 33.99
CA SER B 177 27.94 -13.97 33.55
C SER B 177 28.23 -14.38 32.09
N THR B 178 29.25 -13.74 31.52
CA THR B 178 29.56 -13.99 30.11
C THR B 178 30.02 -15.44 29.93
N GLY B 179 29.75 -15.97 28.75
CA GLY B 179 30.03 -17.36 28.46
C GLY B 179 28.93 -18.32 28.84
N CYS B 180 27.86 -17.84 29.48
CA CYS B 180 26.75 -18.71 29.83
C CYS B 180 25.77 -18.89 28.68
N GLY B 181 25.82 -18.04 27.66
CA GLY B 181 24.92 -18.25 26.52
C GLY B 181 23.50 -17.72 26.61
N LYS B 182 23.16 -16.81 27.53
CA LYS B 182 21.80 -16.26 27.58
C LYS B 182 21.39 -15.72 26.21
N THR B 183 22.33 -15.01 25.60
CA THR B 183 22.09 -14.20 24.40
C THR B 183 21.99 -15.05 23.14
N THR B 184 22.95 -15.95 22.94
CA THR B 184 22.85 -16.89 21.84
C THR B 184 21.61 -17.77 21.95
N GLN B 185 21.33 -18.32 23.14
CA GLN B 185 20.42 -19.46 23.27
C GLN B 185 18.97 -19.12 23.64
N VAL B 186 18.72 -18.11 24.50
CA VAL B 186 17.35 -17.83 24.91
C VAL B 186 16.43 -17.49 23.75
N PRO B 187 16.82 -16.67 22.77
CA PRO B 187 15.92 -16.46 21.64
C PRO B 187 15.63 -17.74 20.87
N GLN B 188 16.62 -18.63 20.71
CA GLN B 188 16.35 -19.84 19.94
C GLN B 188 15.57 -20.87 20.72
N ILE B 189 15.69 -20.87 22.05
CA ILE B 189 14.83 -21.72 22.87
C ILE B 189 13.38 -21.36 22.63
N LEU B 190 13.08 -20.06 22.66
CA LEU B 190 11.71 -19.59 22.51
C LEU B 190 11.20 -19.82 21.09
N LEU B 191 12.04 -19.52 20.10
CA LEU B 191 11.63 -19.69 18.71
C LEU B 191 11.42 -21.16 18.38
N ASP B 192 12.41 -22.00 18.68
CA ASP B 192 12.29 -23.42 18.32
C ASP B 192 11.11 -24.07 19.02
N ASP B 193 10.72 -23.57 20.19
CA ASP B 193 9.55 -24.10 20.87
C ASP B 193 8.26 -23.71 20.13
N ALA B 194 8.12 -22.44 19.74
CA ALA B 194 6.95 -21.99 18.99
C ALA B 194 6.84 -22.73 17.66
N ILE B 195 7.97 -22.97 16.99
CA ILE B 195 7.94 -23.72 15.74
C ILE B 195 7.48 -25.15 16.02
N SER B 196 7.98 -25.72 17.12
CA SER B 196 7.62 -27.09 17.49
C SER B 196 6.15 -27.22 17.86
N ARG B 197 5.63 -26.31 18.70
CA ARG B 197 4.23 -26.44 19.07
C ARG B 197 3.27 -26.14 17.93
N GLY B 198 3.76 -25.75 16.75
CA GLY B 198 2.88 -25.43 15.63
C GLY B 198 2.38 -24.00 15.60
N CYS B 199 3.09 -23.08 16.25
CA CYS B 199 2.69 -21.68 16.38
C CYS B 199 3.80 -20.76 15.86
N ALA B 200 4.51 -21.20 14.82
CA ALA B 200 5.69 -20.49 14.34
C ALA B 200 5.36 -19.06 13.92
N SER B 201 4.30 -18.88 13.14
CA SER B 201 4.08 -17.57 12.51
C SER B 201 3.55 -16.52 13.48
N SER B 202 3.18 -16.89 14.69
CA SER B 202 2.82 -15.91 15.71
C SER B 202 4.05 -15.37 16.46
N CYS B 203 5.25 -15.86 16.13
CA CYS B 203 6.41 -15.66 16.98
C CYS B 203 7.40 -14.72 16.29
N ARG B 204 7.57 -13.52 16.86
CA ARG B 204 8.56 -12.57 16.37
C ARG B 204 9.32 -12.02 17.58
N ILE B 205 10.62 -12.32 17.66
CA ILE B 205 11.44 -11.99 18.81
C ILE B 205 12.41 -10.86 18.45
N ILE B 206 12.36 -9.77 19.21
CA ILE B 206 13.36 -8.71 19.12
C ILE B 206 14.25 -8.78 20.34
N CYS B 207 15.55 -8.88 20.13
CA CYS B 207 16.49 -8.83 21.25
C CYS B 207 17.43 -7.63 21.08
N THR B 208 17.39 -6.72 22.04
CA THR B 208 18.21 -5.53 21.99
C THR B 208 19.63 -5.81 22.51
N GLN B 209 20.57 -4.97 22.08
CA GLN B 209 21.97 -4.98 22.48
C GLN B 209 22.49 -3.55 22.65
N PRO B 210 23.44 -3.35 23.51
CA PRO B 210 23.94 -1.99 23.71
C PRO B 210 24.87 -1.54 22.59
N ARG B 211 25.70 -2.41 22.03
CA ARG B 211 26.73 -2.01 21.09
C ARG B 211 26.41 -2.47 19.67
N ARG B 212 26.71 -1.61 18.70
CA ARG B 212 26.51 -1.97 17.30
C ARG B 212 27.26 -3.24 16.95
N ILE B 213 28.52 -3.31 17.38
CA ILE B 213 29.39 -4.43 17.04
C ILE B 213 28.82 -5.75 17.58
N SER B 214 28.16 -5.69 18.75
CA SER B 214 27.61 -6.88 19.38
C SER B 214 26.41 -7.43 18.59
N ALA B 215 25.46 -6.56 18.26
CA ALA B 215 24.25 -6.98 17.55
C ALA B 215 24.59 -7.69 16.23
N ILE B 216 25.62 -7.21 15.53
CA ILE B 216 25.98 -7.81 14.24
C ILE B 216 26.55 -9.21 14.45
N ALA B 217 27.60 -9.31 15.28
CA ALA B 217 28.30 -10.59 15.44
C ALA B 217 27.43 -11.64 16.10
N ILE B 218 26.61 -11.24 17.09
CA ILE B 218 25.73 -12.22 17.71
C ILE B 218 24.72 -12.71 16.68
N ALA B 219 24.19 -11.81 15.84
CA ALA B 219 23.26 -12.29 14.81
C ALA B 219 23.96 -13.27 13.88
N GLU B 220 25.22 -13.01 13.54
CA GLU B 220 25.96 -13.92 12.69
C GLU B 220 26.33 -15.23 13.39
N TRP B 221 26.42 -15.25 14.73
CA TRP B 221 26.73 -16.49 15.43
C TRP B 221 25.51 -17.42 15.46
N VAL B 222 24.38 -16.89 15.95
CA VAL B 222 23.16 -17.69 16.05
C VAL B 222 22.70 -18.14 14.68
N SER B 223 22.85 -17.28 13.66
CA SER B 223 22.52 -17.70 12.31
C SER B 223 23.40 -18.87 11.86
N TYR B 224 24.70 -18.80 12.15
CA TYR B 224 25.61 -19.90 11.82
C TYR B 224 25.21 -21.17 12.54
N GLU B 225 24.89 -21.07 13.84
CA GLU B 225 24.47 -22.23 14.63
C GLU B 225 23.25 -22.93 14.07
N ARG B 226 22.50 -22.28 13.19
CA ARG B 226 21.27 -22.85 12.65
C ARG B 226 21.44 -23.29 11.20
N CYS B 227 22.68 -23.29 10.71
CA CYS B 227 23.04 -23.72 9.35
C CYS B 227 22.30 -22.91 8.29
N GLU B 228 22.11 -21.62 8.57
CA GLU B 228 21.43 -20.71 7.67
C GLU B 228 22.33 -19.52 7.40
N SER B 229 22.30 -19.03 6.17
CA SER B 229 22.88 -17.73 5.90
C SER B 229 22.06 -16.68 6.62
N LEU B 230 22.70 -15.59 7.01
CA LEU B 230 22.02 -14.58 7.81
C LEU B 230 20.91 -13.96 6.98
N GLY B 231 19.77 -13.71 7.62
CA GLY B 231 18.58 -13.23 6.95
C GLY B 231 17.41 -14.20 6.84
N ASN B 232 17.55 -15.50 7.18
CA ASN B 232 16.27 -16.22 7.19
C ASN B 232 15.56 -16.29 8.55
N SER B 233 16.17 -16.89 9.57
CA SER B 233 15.49 -16.92 10.87
C SER B 233 16.08 -15.91 11.81
N VAL B 234 17.27 -15.44 11.49
CA VAL B 234 18.00 -14.50 12.33
C VAL B 234 18.41 -13.34 11.44
N GLY B 235 18.25 -12.13 11.97
CA GLY B 235 18.68 -10.92 11.29
C GLY B 235 19.14 -9.91 12.32
N TYR B 236 19.67 -8.81 11.81
CA TYR B 236 20.02 -7.70 12.67
C TYR B 236 19.53 -6.38 12.05
N GLN B 237 19.30 -5.41 12.91
CA GLN B 237 18.97 -4.06 12.45
C GLN B 237 19.73 -3.07 13.32
N ILE B 238 20.73 -2.44 12.71
CA ILE B 238 21.56 -1.40 13.31
C ILE B 238 21.19 -0.12 12.57
N ARG B 239 21.65 1.03 13.08
CA ARG B 239 21.26 2.27 12.40
C ARG B 239 21.99 2.38 11.05
N LEU B 240 21.21 2.67 10.00
CA LEU B 240 21.67 2.71 8.61
C LEU B 240 22.45 1.48 8.21
N GLU B 241 22.09 0.33 8.76
CA GLU B 241 22.62 -0.94 8.27
C GLU B 241 21.73 -2.05 8.81
N SER B 242 21.24 -2.90 7.93
CA SER B 242 20.40 -4.00 8.37
C SER B 242 20.52 -5.15 7.40
N ARG B 243 20.58 -6.36 7.94
CA ARG B 243 20.21 -7.54 7.17
C ARG B 243 19.03 -8.16 7.91
N LYS B 244 17.83 -7.77 7.49
CA LYS B 244 16.60 -8.08 8.24
C LYS B 244 16.22 -9.56 8.13
N ALA B 245 15.75 -10.11 9.24
CA ALA B 245 15.21 -11.47 9.24
C ALA B 245 13.86 -11.51 8.55
N ARG B 246 13.47 -12.74 8.14
CA ARG B 246 12.11 -13.05 7.66
C ARG B 246 11.06 -12.52 8.62
N GLU B 247 9.88 -12.19 8.09
CA GLU B 247 8.87 -11.47 8.86
C GLU B 247 8.48 -12.24 10.13
N ARG B 248 8.17 -13.54 10.01
CA ARG B 248 7.72 -14.31 11.17
C ARG B 248 8.54 -15.55 11.43
N ALA B 249 8.43 -16.04 12.67
CA ALA B 249 9.28 -17.11 13.17
C ALA B 249 10.74 -16.71 13.05
N SER B 250 11.10 -15.64 13.75
CA SER B 250 12.39 -15.01 13.53
C SER B 250 12.88 -14.33 14.78
N ILE B 251 14.21 -14.18 14.85
CA ILE B 251 14.88 -13.41 15.89
C ILE B 251 15.63 -12.26 15.22
N THR B 252 15.38 -11.03 15.69
CA THR B 252 16.16 -9.89 15.23
C THR B 252 16.92 -9.30 16.42
N TYR B 253 18.22 -9.13 16.23
CA TYR B 253 19.07 -8.42 17.16
C TYR B 253 19.26 -6.98 16.68
N CYS B 254 19.11 -6.04 17.60
CA CYS B 254 19.17 -4.62 17.23
C CYS B 254 19.79 -3.85 18.39
N THR B 255 20.36 -2.70 18.06
CA THR B 255 20.75 -1.79 19.12
C THR B 255 19.52 -1.23 19.80
N THR B 256 19.66 -0.93 21.09
CA THR B 256 18.50 -0.51 21.87
C THR B 256 17.86 0.73 21.27
N GLY B 257 18.67 1.63 20.72
CA GLY B 257 18.14 2.86 20.14
C GLY B 257 17.24 2.66 18.93
N VAL B 258 17.53 1.64 18.09
CA VAL B 258 16.63 1.36 16.96
C VAL B 258 15.21 1.09 17.47
N LEU B 259 15.11 0.21 18.46
CA LEU B 259 13.80 -0.11 19.03
C LEU B 259 13.10 1.13 19.56
N LEU B 260 13.83 1.99 20.27
CA LEU B 260 13.20 3.21 20.79
C LEU B 260 12.69 4.08 19.65
N GLN B 261 13.41 4.17 18.54
CA GLN B 261 12.87 4.96 17.43
C GLN B 261 11.62 4.31 16.82
N GLN B 262 11.53 2.98 16.76
CA GLN B 262 10.34 2.40 16.11
C GLN B 262 9.11 2.50 16.99
N LEU B 263 9.23 2.95 18.25
CA LEU B 263 8.03 3.23 19.06
C LEU B 263 7.23 4.41 18.53
N GLN B 264 7.86 5.37 17.83
CA GLN B 264 7.10 6.46 17.21
C GLN B 264 5.98 5.90 16.33
N SER B 265 6.25 4.81 15.61
CA SER B 265 5.25 4.16 14.75
C SER B 265 4.46 3.08 15.45
N ASP B 266 5.03 2.45 16.48
CA ASP B 266 4.39 1.33 17.15
C ASP B 266 4.58 1.52 18.65
N PRO B 267 3.76 2.38 19.26
CA PRO B 267 4.04 2.82 20.64
C PRO B 267 3.65 1.82 21.70
N LEU B 268 2.86 0.81 21.37
CA LEU B 268 2.56 -0.24 22.32
C LEU B 268 3.05 -1.60 21.84
N MET B 269 4.05 -1.62 20.96
CA MET B 269 4.81 -2.84 20.70
C MET B 269 3.93 -3.99 20.17
N HIS B 270 3.11 -3.70 19.17
CA HIS B 270 2.25 -4.72 18.58
C HIS B 270 2.90 -5.53 17.47
N ASN B 271 4.08 -5.14 17.02
CA ASN B 271 4.71 -5.83 15.91
C ASN B 271 5.78 -6.80 16.39
N LEU B 272 5.78 -7.14 17.67
CA LEU B 272 6.70 -8.14 18.17
C LEU B 272 6.02 -8.89 19.29
N SER B 273 6.32 -10.19 19.40
CA SER B 273 5.66 -11.06 20.36
C SER B 273 6.48 -11.29 21.62
N VAL B 274 7.79 -11.22 21.53
CA VAL B 274 8.72 -11.40 22.64
C VAL B 274 9.79 -10.33 22.53
N LEU B 275 10.07 -9.66 23.62
CA LEU B 275 11.13 -8.66 23.60
C LEU B 275 12.14 -9.02 24.66
N ILE B 276 13.41 -9.04 24.26
CA ILE B 276 14.50 -9.44 25.15
C ILE B 276 15.43 -8.24 25.27
N LEU B 277 15.65 -7.76 26.49
CA LEU B 277 16.63 -6.70 26.73
C LEU B 277 17.87 -7.24 27.43
N ASP B 278 19.03 -6.90 26.89
CA ASP B 278 20.32 -7.41 27.32
C ASP B 278 21.20 -6.32 27.95
N GLU B 279 22.19 -6.78 28.70
CA GLU B 279 23.14 -5.94 29.43
C GLU B 279 22.49 -4.73 30.11
N ILE B 280 21.31 -4.95 30.70
CA ILE B 280 20.63 -3.86 31.36
C ILE B 280 21.35 -3.43 32.63
N HIS B 281 22.18 -4.30 33.22
CA HIS B 281 23.01 -3.94 34.36
C HIS B 281 23.98 -2.83 34.01
N GLU B 282 24.30 -2.65 32.72
CA GLU B 282 25.14 -1.52 32.36
C GLU B 282 24.45 -0.19 32.57
N ARG B 283 23.14 -0.19 32.79
CA ARG B 283 22.31 1.00 32.95
C ARG B 283 22.68 2.11 31.96
N SER B 284 22.63 1.75 30.69
CA SER B 284 22.66 2.74 29.64
C SER B 284 21.39 3.59 29.67
N VAL B 285 21.49 4.80 29.11
CA VAL B 285 20.30 5.64 28.92
C VAL B 285 19.18 4.85 28.24
N GLU B 286 19.51 4.17 27.15
CA GLU B 286 18.49 3.56 26.30
C GLU B 286 17.73 2.48 27.06
N THR B 287 18.42 1.55 27.73
CA THR B 287 17.65 0.52 28.41
C THR B 287 17.00 1.02 29.69
N ASP B 288 17.49 2.09 30.31
CA ASP B 288 16.74 2.60 31.45
C ASP B 288 15.44 3.25 30.99
N LEU B 289 15.42 3.84 29.81
CA LEU B 289 14.17 4.39 29.31
C LEU B 289 13.19 3.29 28.96
N LEU B 290 13.65 2.23 28.30
CA LEU B 290 12.75 1.18 27.83
C LEU B 290 12.03 0.55 29.01
N MET B 291 12.76 0.32 30.10
CA MET B 291 12.12 -0.24 31.29
C MET B 291 11.11 0.73 31.86
N GLY B 292 11.38 2.03 31.76
CA GLY B 292 10.35 3.00 32.09
C GLY B 292 9.11 2.84 31.24
N LEU B 293 9.28 2.67 29.93
CA LEU B 293 8.11 2.68 29.08
C LEU B 293 7.38 1.36 29.11
N LEU B 294 8.07 0.28 29.47
CA LEU B 294 7.40 -1.00 29.64
C LEU B 294 6.38 -0.95 30.75
N LYS B 295 6.59 -0.09 31.77
CA LYS B 295 5.58 0.02 32.81
C LYS B 295 4.41 0.90 32.41
N VAL B 296 4.49 1.58 31.28
CA VAL B 296 3.33 2.19 30.62
C VAL B 296 2.68 1.23 29.63
N ILE B 297 3.49 0.41 28.95
CA ILE B 297 3.00 -0.38 27.83
C ILE B 297 2.32 -1.66 28.30
N LEU B 298 2.95 -2.42 29.21
CA LEU B 298 2.41 -3.75 29.50
C LEU B 298 1.04 -3.80 30.18
N PRO B 299 0.62 -2.79 30.94
CA PRO B 299 -0.79 -2.75 31.36
C PRO B 299 -1.78 -2.73 30.19
N HIS B 300 -1.34 -2.40 28.98
CA HIS B 300 -2.17 -2.43 27.80
C HIS B 300 -1.79 -3.51 26.80
N ARG B 301 -0.85 -4.39 27.12
CA ARG B 301 -0.45 -5.48 26.23
C ARG B 301 -0.31 -6.77 27.02
N PRO B 302 -1.41 -7.42 27.35
CA PRO B 302 -1.30 -8.62 28.18
C PRO B 302 -0.59 -9.77 27.48
N ASP B 303 -0.61 -9.82 26.15
CA ASP B 303 -0.04 -10.94 25.42
C ASP B 303 1.45 -10.82 25.16
N LEU B 304 2.05 -9.67 25.41
CA LEU B 304 3.46 -9.49 25.09
C LEU B 304 4.33 -9.99 26.24
N LYS B 305 5.41 -10.70 25.91
CA LYS B 305 6.34 -11.25 26.89
C LYS B 305 7.69 -10.57 26.81
N VAL B 306 8.23 -10.23 27.97
CA VAL B 306 9.52 -9.55 28.12
C VAL B 306 10.47 -10.43 28.92
N ILE B 307 11.71 -10.47 28.49
CA ILE B 307 12.76 -11.21 29.16
C ILE B 307 13.91 -10.25 29.37
N LEU B 308 14.11 -9.84 30.62
CA LEU B 308 15.24 -8.99 30.97
C LEU B 308 16.46 -9.86 31.10
N MET B 309 17.58 -9.39 30.58
CA MET B 309 18.79 -10.17 30.74
C MET B 309 19.87 -9.26 31.28
N SER B 310 20.65 -9.78 32.23
CA SER B 310 21.50 -8.96 33.06
C SER B 310 22.75 -9.74 33.43
N ALA B 311 23.81 -9.01 33.78
CA ALA B 311 24.98 -9.60 34.42
C ALA B 311 24.75 -9.66 35.94
N THR B 312 25.74 -10.19 36.65
CA THR B 312 25.65 -10.29 38.10
C THR B 312 26.07 -8.97 38.74
N VAL B 313 25.45 -7.88 38.30
CA VAL B 313 25.77 -6.51 38.74
C VAL B 313 24.49 -5.83 39.20
N ARG B 314 24.24 -5.86 40.51
CA ARG B 314 22.98 -5.37 41.09
C ARG B 314 21.74 -5.92 40.37
N GLU B 315 21.77 -7.21 40.01
CA GLU B 315 20.61 -7.90 39.47
C GLU B 315 19.34 -7.60 40.29
N GLN B 316 19.47 -7.49 41.62
CA GLN B 316 18.25 -7.40 42.41
C GLN B 316 17.51 -6.11 42.13
N ASP B 317 18.22 -5.06 41.70
CA ASP B 317 17.54 -3.81 41.33
C ASP B 317 16.42 -4.03 40.31
N PHE B 318 16.65 -4.86 39.28
CA PHE B 318 15.67 -5.07 38.21
C PHE B 318 14.53 -5.99 38.65
N CYS B 319 14.84 -7.02 39.41
CA CYS B 319 13.80 -7.84 40.02
C CYS B 319 12.85 -6.96 40.83
N ASP B 320 13.40 -6.07 41.66
CA ASP B 320 12.59 -5.18 42.49
C ASP B 320 11.77 -4.20 41.65
N TYR B 321 12.35 -3.69 40.57
CA TYR B 321 11.67 -2.73 39.68
C TYR B 321 10.40 -3.32 39.08
N PHE B 322 10.40 -4.62 38.78
CA PHE B 322 9.28 -5.28 38.13
C PHE B 322 8.55 -6.22 39.10
N ASN B 323 8.43 -5.81 40.37
CA ASN B 323 7.48 -6.40 41.30
C ASN B 323 7.82 -7.88 41.56
N ASN B 324 9.10 -8.12 41.82
CA ASN B 324 9.69 -9.42 42.17
C ASN B 324 9.24 -10.53 41.20
N CYS B 325 9.66 -10.35 39.94
CA CYS B 325 9.39 -11.32 38.88
C CYS B 325 10.37 -12.49 39.00
N PRO B 326 10.04 -13.63 38.39
CA PRO B 326 10.97 -14.78 38.41
C PRO B 326 12.37 -14.39 37.97
N MET B 327 13.38 -14.95 38.62
CA MET B 327 14.76 -14.60 38.30
C MET B 327 15.54 -15.91 38.17
N PHE B 328 16.00 -16.21 36.96
CA PHE B 328 16.91 -17.33 36.76
C PHE B 328 18.32 -16.84 37.01
N ARG B 329 19.12 -17.69 37.63
CA ARG B 329 20.55 -17.49 37.72
C ARG B 329 21.25 -18.58 36.93
N ILE B 330 21.97 -18.19 35.91
CA ILE B 330 22.69 -19.15 35.08
C ILE B 330 24.15 -19.08 35.46
N GLU B 331 24.64 -20.20 35.97
CA GLU B 331 26.04 -20.45 36.25
C GLU B 331 26.85 -20.36 34.97
N GLY B 332 28.15 -20.38 35.14
CA GLY B 332 29.05 -20.46 34.02
C GLY B 332 29.65 -19.17 33.52
N VAL B 333 30.95 -19.33 33.47
CA VAL B 333 32.08 -18.50 33.14
C VAL B 333 32.95 -19.40 32.27
N MET B 334 34.13 -18.88 31.96
CA MET B 334 35.04 -19.05 30.85
C MET B 334 36.19 -19.17 31.85
N PHE B 335 37.40 -19.16 31.46
CA PHE B 335 38.29 -19.87 32.36
C PHE B 335 38.58 -19.06 33.64
N PRO B 336 38.93 -19.75 34.72
CA PRO B 336 39.13 -19.05 36.00
C PRO B 336 40.25 -18.03 35.92
N VAL B 337 39.99 -16.86 36.48
CA VAL B 337 40.98 -15.81 36.64
C VAL B 337 41.24 -15.58 38.14
N LYS B 338 42.48 -15.75 38.55
CA LYS B 338 42.89 -15.50 39.93
C LYS B 338 43.00 -13.99 40.14
N MET B 339 42.56 -13.50 41.30
CA MET B 339 42.63 -12.06 41.58
C MET B 339 43.64 -11.78 42.67
N LEU B 340 44.60 -10.90 42.35
CA LEU B 340 45.59 -10.41 43.28
C LEU B 340 45.32 -8.93 43.55
N TYR B 341 45.57 -8.49 44.78
CA TYR B 341 45.42 -7.08 45.12
C TYR B 341 46.80 -6.49 45.38
N LEU B 342 46.82 -5.19 45.68
CA LEU B 342 48.09 -4.49 45.76
C LEU B 342 49.04 -5.18 46.73
N GLU B 343 48.52 -5.60 47.90
CA GLU B 343 49.37 -6.26 48.89
C GLU B 343 49.99 -7.55 48.37
N ASP B 344 49.30 -8.26 47.46
CA ASP B 344 49.88 -9.47 46.86
C ASP B 344 50.90 -9.14 45.79
N VAL B 345 50.61 -8.15 44.94
CA VAL B 345 51.55 -7.71 43.90
C VAL B 345 52.86 -7.26 44.53
N LEU B 346 52.78 -6.38 45.53
CA LEU B 346 53.97 -5.90 46.24
C LEU B 346 54.76 -7.06 46.82
N SER B 347 54.05 -8.07 47.35
CA SER B 347 54.73 -9.21 47.96
C SER B 347 55.45 -10.10 46.94
N LYS B 348 55.15 -9.97 45.65
CA LYS B 348 55.85 -10.75 44.64
C LYS B 348 56.91 -9.97 43.87
N THR B 349 56.67 -8.68 43.57
CA THR B 349 57.65 -7.88 42.82
C THR B 349 58.66 -7.18 43.71
N ASN B 350 58.28 -6.90 44.95
CA ASN B 350 59.11 -6.17 45.91
C ASN B 350 59.56 -4.81 45.36
N TYR B 351 58.80 -4.24 44.44
CA TYR B 351 59.09 -2.91 43.96
C TYR B 351 58.96 -1.93 45.13
N GLU B 352 59.77 -0.87 45.09
CA GLU B 352 59.76 0.15 46.13
C GLU B 352 59.72 1.52 45.52
N PHE B 353 58.98 2.43 46.15
CA PHE B 353 58.55 3.69 45.58
C PHE B 353 59.44 4.85 46.02
N GLN B 354 59.45 5.92 45.19
CA GLN B 354 60.26 7.11 45.43
C GLN B 354 59.46 8.39 45.09
N PRO B 365 50.01 17.96 48.80
CA PRO B 365 48.55 17.92 48.95
C PRO B 365 48.16 17.87 50.43
N PRO B 366 47.11 18.61 50.81
CA PRO B 366 46.98 19.01 52.23
C PRO B 366 46.82 17.90 53.26
N GLU B 367 45.83 17.01 53.07
CA GLU B 367 45.51 15.99 54.06
C GLU B 367 45.59 14.59 53.49
N ARG B 368 46.41 14.35 52.46
CA ARG B 368 46.25 13.08 51.77
C ARG B 368 46.82 11.92 52.59
N ARG B 369 48.00 12.10 53.17
CA ARG B 369 48.50 11.06 54.06
C ARG B 369 47.48 10.72 55.13
N MET B 370 46.84 11.73 55.70
CA MET B 370 45.90 11.46 56.78
C MET B 370 44.69 10.68 56.28
N LYS B 371 44.02 11.20 55.23
CA LYS B 371 42.84 10.52 54.68
C LYS B 371 43.17 9.09 54.21
N HIS B 372 44.30 8.89 53.53
CA HIS B 372 44.71 7.55 53.14
C HIS B 372 44.94 6.64 54.35
N GLU B 373 45.65 7.14 55.36
CA GLU B 373 45.92 6.31 56.51
C GLU B 373 44.62 5.90 57.18
N ALA B 374 43.68 6.84 57.29
CA ALA B 374 42.43 6.57 58.00
C ALA B 374 41.58 5.52 57.32
N MET B 375 41.84 5.26 56.03
CA MET B 375 41.12 4.24 55.28
C MET B 375 41.78 2.87 55.38
N ILE B 376 43.11 2.82 55.30
CA ILE B 376 43.81 1.57 55.08
C ILE B 376 44.35 0.97 56.37
N GLU B 377 44.42 1.75 57.42
CA GLU B 377 45.08 1.29 58.64
C GLU B 377 44.25 0.28 59.43
N PRO B 378 42.93 0.43 59.53
CA PRO B 378 42.14 -0.69 60.07
C PRO B 378 42.42 -2.00 59.37
N TYR B 379 42.45 -1.98 58.04
CA TYR B 379 42.73 -3.21 57.29
C TYR B 379 44.12 -3.75 57.60
N LEU B 380 45.15 -2.93 57.41
CA LEU B 380 46.53 -3.40 57.61
C LEU B 380 46.76 -3.96 59.00
N ARG B 381 45.90 -3.62 59.95
CA ARG B 381 46.07 -4.18 61.27
C ARG B 381 45.46 -5.56 61.38
N ARG B 382 44.44 -5.88 60.59
CA ARG B 382 43.87 -7.22 60.66
C ARG B 382 44.57 -8.23 59.75
N ILE B 383 45.56 -7.82 58.94
CA ILE B 383 46.30 -8.75 58.11
C ILE B 383 47.78 -8.77 58.41
N ARG B 384 48.21 -8.14 59.52
CA ARG B 384 49.63 -7.95 59.79
C ARG B 384 50.41 -9.27 59.68
N ASN B 385 49.77 -10.41 59.98
CA ASN B 385 50.41 -11.72 59.96
C ASN B 385 50.31 -12.43 58.61
N SER B 386 49.61 -11.89 57.63
CA SER B 386 49.52 -12.53 56.32
C SER B 386 50.46 -11.92 55.28
N TYR B 387 51.18 -10.86 55.63
CA TYR B 387 52.07 -10.17 54.71
C TYR B 387 53.28 -9.67 55.49
N ASP B 388 54.41 -9.60 54.80
CA ASP B 388 55.63 -9.03 55.35
C ASP B 388 55.40 -7.61 55.86
N SER B 389 56.14 -7.24 56.89
CA SER B 389 56.04 -5.88 57.43
C SER B 389 56.43 -4.83 56.39
N ARG B 390 57.32 -5.17 55.45
CA ARG B 390 57.76 -4.20 54.45
C ARG B 390 56.65 -3.94 53.44
N VAL B 391 55.84 -4.95 53.16
CA VAL B 391 54.73 -4.80 52.23
C VAL B 391 53.68 -3.84 52.78
N LEU B 392 53.27 -4.04 54.03
CA LEU B 392 52.18 -3.22 54.55
C LEU B 392 52.59 -1.74 54.69
N ASP B 393 53.86 -1.42 54.95
CA ASP B 393 54.20 -0.01 54.87
C ASP B 393 54.13 0.60 53.49
N LYS B 394 54.29 -0.18 52.46
CA LYS B 394 54.17 0.48 51.18
C LYS B 394 52.72 0.79 50.86
N LEU B 395 51.80 0.01 51.43
CA LEU B 395 50.39 0.32 51.33
C LEU B 395 50.06 1.65 52.03
N ARG B 396 50.81 2.00 53.08
CA ARG B 396 50.63 3.30 53.73
C ARG B 396 51.02 4.46 52.83
N LEU B 397 51.83 4.22 51.80
CA LEU B 397 52.15 5.26 50.82
C LEU B 397 50.93 5.51 49.94
N PRO B 398 50.41 6.74 49.88
CA PRO B 398 49.28 7.00 48.96
C PRO B 398 49.61 6.79 47.48
N GLU B 399 50.89 6.80 47.13
CA GLU B 399 51.33 6.61 45.74
C GLU B 399 51.39 5.14 45.37
N SER B 400 51.28 4.22 46.32
CA SER B 400 51.29 2.81 45.97
C SER B 400 50.04 2.39 45.21
N GLU B 401 48.89 3.02 45.49
CA GLU B 401 47.62 2.66 44.86
C GLU B 401 47.33 3.47 43.58
N GLY B 402 46.73 2.82 42.61
CA GLY B 402 46.35 3.45 41.35
C GLY B 402 47.46 3.45 40.32
N CYS B 403 47.65 4.54 39.59
CA CYS B 403 48.69 4.60 38.57
C CYS B 403 49.51 5.85 38.72
N GLU B 404 49.88 6.22 39.96
CA GLU B 404 50.66 7.43 40.12
C GLU B 404 52.12 7.19 39.79
N ASP B 405 52.64 6.01 40.09
CA ASP B 405 53.97 5.61 39.67
C ASP B 405 53.84 4.59 38.54
N ILE B 406 54.01 5.05 37.30
CA ILE B 406 53.96 4.15 36.14
C ILE B 406 55.23 3.31 36.07
N ASP B 407 56.32 3.74 36.71
CA ASP B 407 57.47 2.86 36.90
C ASP B 407 57.11 1.61 37.70
N PHE B 408 56.11 1.69 38.57
CA PHE B 408 55.72 0.49 39.28
C PHE B 408 54.87 -0.40 38.39
N ILE B 409 54.08 0.21 37.50
CA ILE B 409 53.37 -0.58 36.50
C ILE B 409 54.33 -1.19 35.49
N ALA B 410 55.39 -0.45 35.11
CA ALA B 410 56.37 -1.02 34.20
C ALA B 410 57.09 -2.19 34.84
N ASP B 411 57.37 -2.10 36.15
CA ASP B 411 58.05 -3.20 36.83
C ASP B 411 57.18 -4.46 36.85
N LEU B 412 55.88 -4.32 37.12
CA LEU B 412 55.01 -5.49 37.15
C LEU B 412 54.81 -6.10 35.76
N VAL B 413 54.86 -5.28 34.71
CA VAL B 413 54.86 -5.83 33.36
C VAL B 413 56.11 -6.67 33.14
N TYR B 414 57.27 -6.14 33.52
CA TYR B 414 58.50 -6.92 33.43
C TYR B 414 58.43 -8.18 34.28
N TYR B 415 57.68 -8.14 35.39
CA TYR B 415 57.60 -9.31 36.26
C TYR B 415 56.78 -10.43 35.62
N ILE B 416 55.67 -10.09 34.96
CA ILE B 416 54.89 -11.12 34.26
C ILE B 416 55.70 -11.69 33.10
N CYS B 417 56.54 -10.85 32.47
CA CYS B 417 57.37 -11.33 31.36
C CYS B 417 58.36 -12.39 31.81
N GLU B 418 58.85 -12.30 33.04
CA GLU B 418 59.89 -13.18 33.56
C GLU B 418 59.35 -14.45 34.21
N ASN B 419 58.25 -14.39 34.96
CA ASN B 419 57.78 -15.53 35.75
C ASN B 419 56.43 -16.15 35.35
N GLU B 420 55.80 -15.76 34.26
CA GLU B 420 54.51 -16.35 33.92
C GLU B 420 54.43 -16.88 32.50
N PRO B 421 53.52 -17.82 32.24
CA PRO B 421 53.45 -18.46 30.91
C PRO B 421 53.04 -17.48 29.83
N GLU B 422 53.18 -17.92 28.58
CA GLU B 422 52.92 -17.05 27.44
C GLU B 422 51.47 -16.56 27.49
N GLY B 423 51.27 -15.35 27.03
CA GLY B 423 49.93 -14.79 26.93
C GLY B 423 50.04 -13.29 27.19
N ALA B 424 49.11 -12.55 26.61
CA ALA B 424 49.24 -11.10 26.51
C ALA B 424 48.82 -10.37 27.79
N ILE B 425 49.36 -9.15 27.94
CA ILE B 425 49.11 -8.31 29.09
C ILE B 425 48.27 -7.13 28.63
N LEU B 426 47.17 -6.90 29.33
CA LEU B 426 46.26 -5.79 29.07
C LEU B 426 46.34 -4.84 30.27
N VAL B 427 46.86 -3.63 30.09
CA VAL B 427 46.99 -2.70 31.21
C VAL B 427 45.94 -1.60 31.07
N PHE B 428 45.08 -1.46 32.09
CA PHE B 428 44.00 -0.48 32.12
C PHE B 428 44.49 0.76 32.85
N LEU B 429 44.73 1.83 32.10
CA LEU B 429 45.06 3.14 32.65
C LEU B 429 43.95 4.13 32.36
N PRO B 430 43.91 5.27 33.08
CA PRO B 430 42.76 6.19 32.92
C PRO B 430 42.61 6.75 31.52
N GLY B 431 43.66 7.35 30.98
CA GLY B 431 43.50 8.13 29.77
C GLY B 431 44.73 8.29 28.90
N TYR B 432 44.59 9.11 27.85
CA TYR B 432 45.65 9.28 26.86
C TYR B 432 46.99 9.61 27.51
N ASP B 433 47.00 10.53 28.49
CA ASP B 433 48.28 10.98 29.03
C ASP B 433 49.05 9.84 29.70
N LYS B 434 48.37 8.98 30.47
CA LYS B 434 49.16 7.96 31.16
C LYS B 434 49.34 6.71 30.33
N ILE B 435 48.58 6.56 29.23
CA ILE B 435 49.00 5.61 28.20
C ILE B 435 50.30 6.04 27.57
N SER B 436 50.37 7.29 27.10
CA SER B 436 51.59 7.73 26.46
C SER B 436 52.81 7.52 27.36
N GLN B 437 52.65 7.80 28.65
CA GLN B 437 53.80 7.76 29.57
C GLN B 437 54.36 6.36 29.69
N LEU B 438 53.49 5.36 29.89
CA LEU B 438 54.02 4.03 30.09
C LEU B 438 54.41 3.38 28.77
N TYR B 439 53.76 3.76 27.69
CA TYR B 439 54.26 3.35 26.37
C TYR B 439 55.71 3.76 26.16
N ASN B 440 56.06 5.00 26.51
CA ASN B 440 57.41 5.47 26.25
C ASN B 440 58.39 4.91 27.26
N ILE B 441 57.92 4.52 28.45
CA ILE B 441 58.82 3.82 29.37
C ILE B 441 59.14 2.43 28.84
N LEU B 442 58.15 1.74 28.26
CA LEU B 442 58.48 0.43 27.69
C LEU B 442 59.20 0.54 26.35
N ASP B 443 59.05 1.66 25.65
CA ASP B 443 59.69 1.81 24.35
C ASP B 443 61.13 2.32 24.48
N LYS B 444 61.39 3.25 25.40
CA LYS B 444 62.72 3.83 25.60
C LYS B 444 63.08 3.69 27.08
N PRO B 445 63.43 2.47 27.52
CA PRO B 445 63.58 2.24 28.97
C PRO B 445 64.85 2.84 29.56
N LYS B 446 64.71 3.35 30.80
CA LYS B 446 65.84 3.87 31.54
C LYS B 446 66.43 2.84 32.48
N THR B 447 65.60 1.98 33.05
CA THR B 447 66.08 0.88 33.89
C THR B 447 66.75 -0.24 33.08
N SER B 448 67.75 -0.88 33.69
CA SER B 448 68.41 -1.99 33.00
C SER B 448 67.48 -3.19 32.87
N LYS B 449 66.59 -3.41 33.85
CA LYS B 449 65.54 -4.42 33.69
C LYS B 449 64.72 -4.22 32.42
N GLY B 450 64.33 -2.97 32.14
CA GLY B 450 63.51 -2.71 30.97
C GLY B 450 64.25 -2.83 29.67
N GLN B 451 65.56 -2.58 29.68
CA GLN B 451 66.35 -2.75 28.45
C GLN B 451 66.44 -4.23 28.08
N ARG B 452 66.67 -5.09 29.06
CA ARG B 452 66.56 -6.54 28.92
C ARG B 452 65.31 -6.93 28.14
N TRP B 453 64.16 -6.30 28.45
CA TRP B 453 62.86 -6.70 27.90
C TRP B 453 62.36 -5.86 26.71
N ARG B 454 63.05 -4.77 26.33
CA ARG B 454 62.54 -3.84 25.33
C ARG B 454 62.20 -4.54 24.00
N ASP B 455 63.05 -5.44 23.55
CA ASP B 455 62.90 -6.06 22.24
C ASP B 455 62.01 -7.30 22.23
N HIS B 456 61.63 -7.82 23.39
CA HIS B 456 60.83 -9.03 23.46
C HIS B 456 59.38 -8.73 23.84
N MET B 457 58.94 -7.48 23.68
CA MET B 457 57.55 -7.09 23.85
C MET B 457 57.04 -6.38 22.61
N ALA B 458 55.79 -6.68 22.26
CA ALA B 458 55.06 -5.97 21.22
C ALA B 458 53.99 -5.11 21.90
N VAL B 459 54.22 -3.81 21.91
CA VAL B 459 53.40 -2.90 22.71
C VAL B 459 52.43 -2.17 21.81
N PHE B 460 51.15 -2.26 22.16
CA PHE B 460 50.07 -1.63 21.41
C PHE B 460 49.28 -0.76 22.36
N PRO B 461 49.25 0.54 22.15
CA PRO B 461 48.32 1.39 22.87
C PRO B 461 46.93 1.33 22.22
N LEU B 462 45.89 1.41 23.05
CA LEU B 462 44.51 1.28 22.58
C LEU B 462 43.66 2.35 23.24
N HIS B 463 42.98 3.16 22.42
CA HIS B 463 42.33 4.39 22.83
C HIS B 463 41.41 4.82 21.68
N SER B 464 40.24 5.38 22.03
CA SER B 464 39.21 5.67 21.01
C SER B 464 39.64 6.72 19.99
N LEU B 465 40.72 7.45 20.22
CA LEU B 465 41.31 8.30 19.20
C LEU B 465 42.58 7.74 18.56
N MET B 466 42.92 6.47 18.77
CA MET B 466 44.14 5.91 18.18
C MET B 466 43.74 4.88 17.13
N GLN B 467 44.56 4.65 16.09
CA GLN B 467 43.91 3.79 15.10
C GLN B 467 44.06 2.32 15.42
N SER B 468 45.00 1.91 16.28
CA SER B 468 45.24 0.49 16.52
C SER B 468 43.93 -0.27 16.76
N GLY B 469 42.91 0.41 17.31
CA GLY B 469 41.63 -0.25 17.50
C GLY B 469 40.95 -0.67 16.21
N GLU B 470 41.26 0.00 15.09
CA GLU B 470 40.63 -0.27 13.79
C GLU B 470 41.63 -0.82 12.75
N GLN B 471 42.81 -1.28 13.18
CA GLN B 471 43.65 -2.18 12.40
C GLN B 471 43.52 -3.55 13.05
N GLN B 472 44.14 -4.59 12.47
CA GLN B 472 43.71 -5.91 12.93
C GLN B 472 44.90 -6.61 13.59
N ALA B 473 45.91 -5.84 13.98
CA ALA B 473 47.19 -6.32 14.52
C ALA B 473 47.26 -6.42 16.04
N VAL B 474 46.74 -5.42 16.76
CA VAL B 474 46.49 -5.55 18.19
C VAL B 474 45.69 -6.80 18.51
N PHE B 475 44.86 -7.30 17.58
CA PHE B 475 44.08 -8.51 17.87
C PHE B 475 44.78 -9.80 17.47
N ARG B 476 45.92 -9.69 16.78
CA ARG B 476 46.70 -10.81 16.32
C ARG B 476 47.60 -11.32 17.43
N ARG B 477 48.07 -12.65 17.28
CA ARG B 477 48.98 -13.05 18.34
C ARG B 477 50.41 -12.69 17.92
N PRO B 478 51.29 -12.35 18.86
CA PRO B 478 52.54 -11.66 18.47
C PRO B 478 53.53 -12.60 17.82
N PRO B 479 54.56 -12.06 17.16
CA PRO B 479 55.57 -12.94 16.56
C PRO B 479 56.29 -13.75 17.62
N ALA B 480 56.88 -14.85 17.17
CA ALA B 480 57.58 -15.77 18.05
C ALA B 480 58.67 -15.05 18.84
N GLY B 481 58.69 -15.28 20.16
CA GLY B 481 59.67 -14.66 21.04
C GLY B 481 59.32 -13.27 21.54
N GLN B 482 58.16 -12.73 21.17
CA GLN B 482 57.66 -11.47 21.71
C GLN B 482 56.33 -11.71 22.42
N ARG B 483 56.09 -10.95 23.48
CA ARG B 483 54.83 -11.00 24.20
C ARG B 483 54.06 -9.69 23.98
N LYS B 484 52.77 -9.81 23.69
CA LYS B 484 51.95 -8.64 23.41
C LYS B 484 51.54 -7.98 24.72
N VAL B 485 51.73 -6.67 24.82
CA VAL B 485 51.26 -5.90 25.96
C VAL B 485 50.47 -4.71 25.42
N ILE B 486 49.21 -4.61 25.83
CA ILE B 486 48.28 -3.61 25.33
C ILE B 486 48.04 -2.59 26.44
N ILE B 487 48.20 -1.31 26.11
CA ILE B 487 48.05 -0.23 27.08
C ILE B 487 46.80 0.54 26.72
N SER B 488 45.73 0.30 27.47
CA SER B 488 44.40 0.63 27.01
C SER B 488 43.64 1.47 28.04
N THR B 489 42.72 2.31 27.53
CA THR B 489 41.70 2.93 28.37
C THR B 489 40.59 1.92 28.62
N ILE B 490 39.48 2.38 29.20
CA ILE B 490 38.40 1.49 29.57
C ILE B 490 37.79 0.83 28.34
N ILE B 491 38.21 1.29 27.15
CA ILE B 491 37.71 0.79 25.87
C ILE B 491 37.77 -0.73 25.77
N ALA B 492 38.80 -1.35 26.34
CA ALA B 492 38.94 -2.80 26.20
C ALA B 492 38.14 -3.56 27.24
N GLU B 493 37.37 -2.85 28.08
CA GLU B 493 36.47 -3.51 29.03
C GLU B 493 35.29 -4.16 28.31
N THR B 494 34.51 -3.37 27.53
CA THR B 494 33.48 -4.02 26.70
C THR B 494 33.56 -3.71 25.21
N SER B 495 33.87 -2.47 24.84
CA SER B 495 33.70 -2.04 23.45
C SER B 495 34.59 -2.84 22.50
N VAL B 496 35.88 -2.93 22.82
CA VAL B 496 36.88 -3.65 22.04
C VAL B 496 37.29 -4.87 22.85
N THR B 497 37.57 -5.96 22.16
CA THR B 497 37.80 -7.25 22.81
C THR B 497 39.02 -7.92 22.22
N ILE B 498 40.02 -8.16 23.07
CA ILE B 498 41.26 -8.82 22.67
C ILE B 498 41.20 -10.22 23.26
N ASP B 499 41.31 -11.24 22.42
CA ASP B 499 40.97 -12.58 22.88
C ASP B 499 42.11 -13.31 23.56
N ASP B 500 43.37 -13.02 23.23
CA ASP B 500 44.50 -13.76 23.80
C ASP B 500 45.08 -13.10 25.06
N VAL B 501 44.36 -12.16 25.67
CA VAL B 501 44.79 -11.60 26.94
C VAL B 501 44.72 -12.69 28.01
N VAL B 502 45.80 -12.85 28.76
CA VAL B 502 45.86 -13.77 29.90
C VAL B 502 46.10 -13.04 31.21
N TYR B 503 46.72 -11.86 31.16
CA TYR B 503 47.04 -11.10 32.35
C TYR B 503 46.49 -9.70 32.21
N VAL B 504 45.70 -9.25 33.19
CA VAL B 504 45.14 -7.91 33.22
C VAL B 504 45.73 -7.17 34.41
N ILE B 505 46.25 -5.97 34.15
CA ILE B 505 46.68 -5.03 35.20
C ILE B 505 45.64 -3.92 35.31
N ASN B 506 44.91 -3.88 36.40
CA ASN B 506 43.85 -2.92 36.62
C ASN B 506 44.38 -1.84 37.56
N SER B 507 44.89 -0.75 37.00
CA SER B 507 45.15 0.47 37.78
C SER B 507 44.02 0.76 38.76
N GLY B 508 42.76 0.66 38.33
CA GLY B 508 41.64 1.08 39.13
C GLY B 508 41.27 2.52 38.91
N ARG B 509 41.78 3.15 37.86
CA ARG B 509 41.54 4.55 37.60
C ARG B 509 40.98 4.73 36.19
N THR B 510 39.96 5.58 36.09
CA THR B 510 39.35 5.96 34.82
C THR B 510 39.11 7.47 34.84
N LYS B 511 38.60 7.98 33.74
CA LYS B 511 38.16 9.35 33.65
C LYS B 511 36.67 9.33 33.42
N ALA B 512 35.99 10.31 33.99
CA ALA B 512 34.55 10.41 33.86
C ALA B 512 34.16 11.86 33.71
N THR B 513 33.03 12.07 33.05
CA THR B 513 32.46 13.40 32.90
C THR B 513 31.46 13.65 34.00
N ASN B 514 31.61 14.77 34.69
CA ASN B 514 30.74 15.15 35.79
C ASN B 514 30.19 16.52 35.45
N TYR B 515 28.91 16.59 35.15
CA TYR B 515 28.27 17.87 34.95
C TYR B 515 27.74 18.39 36.27
N ASP B 516 28.18 19.59 36.66
CA ASP B 516 27.68 20.24 37.86
C ASP B 516 26.60 21.21 37.44
N ILE B 517 25.37 20.95 37.90
CA ILE B 517 24.19 21.67 37.46
C ILE B 517 24.21 23.15 37.85
N GLU B 518 24.83 23.48 39.00
CA GLU B 518 24.71 24.84 39.53
C GLU B 518 25.57 25.82 38.76
N THR B 519 26.78 25.42 38.37
CA THR B 519 27.71 26.27 37.67
C THR B 519 27.72 26.07 36.15
N ASN B 520 26.94 25.12 35.64
CA ASN B 520 27.03 24.67 34.25
C ASN B 520 28.50 24.59 33.82
N ILE B 521 29.28 23.83 34.57
CA ILE B 521 30.64 23.47 34.17
C ILE B 521 30.73 21.95 34.12
N GLN B 522 30.89 21.41 32.91
CA GLN B 522 31.19 20.00 32.75
C GLN B 522 32.69 19.78 32.84
N SER B 523 33.09 18.81 33.66
CA SER B 523 34.50 18.55 33.86
C SER B 523 34.81 17.09 33.57
N LEU B 524 36.08 16.84 33.29
CA LEU B 524 36.61 15.51 33.04
C LEU B 524 37.66 15.26 34.11
N ASP B 525 37.36 14.35 35.04
CA ASP B 525 38.18 14.10 36.21
C ASP B 525 38.63 12.65 36.23
N GLU B 526 39.82 12.40 36.79
CA GLU B 526 40.28 11.04 36.99
C GLU B 526 39.72 10.54 38.32
N VAL B 527 39.16 9.32 38.30
CA VAL B 527 38.39 8.79 39.41
C VAL B 527 38.69 7.31 39.57
N TRP B 528 38.28 6.78 40.72
CA TRP B 528 38.27 5.33 40.91
C TRP B 528 37.16 4.66 40.12
N VAL B 529 37.46 3.48 39.60
CA VAL B 529 36.51 2.59 38.96
C VAL B 529 35.60 1.94 40.00
N THR B 530 34.52 1.31 39.56
CA THR B 530 33.61 0.65 40.47
C THR B 530 33.89 -0.85 40.55
N LYS B 531 33.27 -1.50 41.51
CA LYS B 531 33.41 -2.95 41.57
C LYS B 531 32.83 -3.63 40.32
N ALA B 532 31.73 -3.13 39.77
CA ALA B 532 31.27 -3.67 38.48
C ALA B 532 32.34 -3.53 37.39
N ASN B 533 33.04 -2.41 37.38
CA ASN B 533 34.17 -2.25 36.46
C ASN B 533 35.21 -3.35 36.71
N THR B 534 35.70 -3.48 37.95
CA THR B 534 36.83 -4.38 38.13
C THR B 534 36.41 -5.79 37.76
N GLN B 535 35.13 -6.11 37.94
CA GLN B 535 34.80 -7.49 37.75
C GLN B 535 34.67 -7.77 36.25
N GLN B 536 34.28 -6.74 35.50
CA GLN B 536 34.33 -6.83 34.05
C GLN B 536 35.75 -7.01 33.54
N ARG B 537 36.72 -6.30 34.13
CA ARG B 537 38.10 -6.41 33.66
C ARG B 537 38.70 -7.76 33.99
N ARG B 538 38.30 -8.34 35.13
CA ARG B 538 38.88 -9.62 35.50
C ARG B 538 38.45 -10.70 34.52
N GLY B 539 37.23 -10.59 34.00
CA GLY B 539 36.77 -11.54 32.99
C GLY B 539 37.59 -11.48 31.72
N ARG B 540 38.08 -10.30 31.37
CA ARG B 540 38.86 -10.15 30.14
C ARG B 540 40.15 -10.97 30.15
N ALA B 541 40.49 -11.62 31.26
CA ALA B 541 41.69 -12.44 31.31
C ALA B 541 41.40 -13.93 31.18
N GLY B 542 40.14 -14.34 31.17
CA GLY B 542 39.84 -15.75 31.13
C GLY B 542 39.05 -16.22 29.93
N ARG B 543 39.32 -15.65 28.76
CA ARG B 543 38.64 -16.05 27.53
C ARG B 543 39.37 -17.10 26.72
N VAL B 544 40.67 -17.37 26.99
CA VAL B 544 41.41 -18.44 26.35
C VAL B 544 41.93 -19.46 27.37
N ARG B 545 42.62 -19.00 28.41
CA ARG B 545 43.11 -19.91 29.46
C ARG B 545 42.86 -19.34 30.85
N PRO B 546 43.12 -20.13 31.93
CA PRO B 546 43.27 -19.52 33.26
C PRO B 546 44.21 -18.32 33.28
N GLY B 547 43.67 -17.16 33.66
CA GLY B 547 44.41 -15.92 33.72
C GLY B 547 44.63 -15.38 35.13
N ILE B 548 45.32 -14.26 35.19
CA ILE B 548 45.56 -13.54 36.44
C ILE B 548 45.13 -12.10 36.21
N CYS B 549 44.55 -11.49 37.24
CA CYS B 549 44.18 -10.08 37.24
C CYS B 549 44.84 -9.43 38.45
N TYR B 550 45.71 -8.48 38.22
CA TYR B 550 46.43 -7.79 39.29
C TYR B 550 45.79 -6.41 39.42
N ASN B 551 45.23 -6.12 40.58
CA ASN B 551 44.61 -4.83 40.83
C ASN B 551 45.57 -4.00 41.68
N LEU B 552 45.93 -2.82 41.17
CA LEU B 552 46.95 -2.01 41.84
C LEU B 552 46.34 -1.15 42.95
N PHE B 553 45.62 -1.79 43.88
CA PHE B 553 45.02 -1.12 45.04
C PHE B 553 44.68 -2.17 46.10
N SER B 554 44.63 -1.74 47.36
CA SER B 554 44.35 -2.68 48.46
C SER B 554 42.90 -3.20 48.45
N ARG B 555 42.68 -4.34 49.11
CA ARG B 555 41.30 -4.77 49.32
C ARG B 555 40.53 -3.77 50.16
N ALA B 556 41.22 -3.00 51.02
CA ALA B 556 40.56 -1.96 51.77
C ALA B 556 40.03 -0.87 50.84
N ARG B 557 40.76 -0.58 49.76
CA ARG B 557 40.28 0.38 48.76
C ARG B 557 39.03 -0.15 48.05
N GLU B 558 39.07 -1.42 47.65
CA GLU B 558 37.91 -2.04 47.00
C GLU B 558 36.63 -1.88 47.82
N ASP B 559 36.75 -2.02 49.14
CA ASP B 559 35.57 -1.90 49.99
C ASP B 559 34.91 -0.54 49.88
N ARG B 560 35.69 0.51 49.64
CA ARG B 560 35.11 1.84 49.56
C ARG B 560 34.74 2.25 48.15
N MET B 561 34.97 1.38 47.16
CA MET B 561 34.54 1.65 45.80
C MET B 561 33.02 1.51 45.70
N ASP B 562 32.43 2.25 44.75
CA ASP B 562 31.00 2.13 44.46
C ASP B 562 30.68 0.77 43.85
N ASP B 563 29.39 0.42 43.92
CA ASP B 563 28.88 -0.78 43.26
C ASP B 563 28.95 -0.64 41.75
N ILE B 564 28.31 0.40 41.21
CA ILE B 564 28.23 0.59 39.76
C ILE B 564 28.58 2.04 39.45
N PRO B 565 28.95 2.33 38.21
CA PRO B 565 29.14 3.74 37.81
C PRO B 565 27.80 4.47 37.86
N THR B 566 27.88 5.77 38.08
CA THR B 566 26.69 6.61 38.11
C THR B 566 25.84 6.32 36.87
N PRO B 567 24.60 5.89 37.04
CA PRO B 567 23.78 5.54 35.87
C PRO B 567 23.68 6.71 34.89
N GLU B 568 23.84 6.40 33.60
CA GLU B 568 24.13 7.42 32.62
C GLU B 568 22.98 8.43 32.45
N ILE B 569 21.74 8.05 32.78
CA ILE B 569 20.62 8.98 32.68
C ILE B 569 20.74 10.15 33.66
N LEU B 570 21.46 9.98 34.77
CA LEU B 570 21.63 11.12 35.66
C LEU B 570 22.73 12.09 35.17
N ARG B 571 23.58 11.69 34.23
CA ARG B 571 24.66 12.53 33.72
C ARG B 571 24.27 13.29 32.46
N SER B 572 23.16 12.91 31.83
CA SER B 572 22.82 13.31 30.48
C SER B 572 22.01 14.59 30.43
N LYS B 573 22.03 15.21 29.27
CA LYS B 573 21.12 16.30 28.97
C LYS B 573 19.80 15.70 28.51
N LEU B 574 18.69 16.32 28.89
CA LEU B 574 17.39 15.69 28.73
C LEU B 574 16.53 16.31 27.65
N GLU B 575 17.03 17.34 26.96
CA GLU B 575 16.26 17.99 25.89
C GLU B 575 15.78 16.98 24.86
N SER B 576 16.64 16.05 24.46
CA SER B 576 16.26 15.09 23.43
C SER B 576 15.20 14.11 23.94
N ILE B 577 15.32 13.65 25.20
CA ILE B 577 14.38 12.68 25.77
C ILE B 577 12.98 13.29 25.86
N ILE B 578 12.89 14.50 26.43
CA ILE B 578 11.61 15.17 26.65
C ILE B 578 10.84 15.31 25.35
N LEU B 579 11.54 15.69 24.27
CA LEU B 579 10.90 15.83 22.98
C LEU B 579 10.40 14.49 22.44
N SER B 580 11.21 13.43 22.56
CA SER B 580 10.80 12.13 22.06
C SER B 580 9.57 11.61 22.80
N LEU B 581 9.48 11.86 24.11
CA LEU B 581 8.34 11.39 24.87
C LEU B 581 7.05 12.04 24.38
N LYS B 582 7.11 13.31 23.95
CA LYS B 582 5.88 13.99 23.56
C LYS B 582 5.22 13.33 22.36
N LEU B 583 6.00 12.63 21.51
CA LEU B 583 5.48 11.86 20.39
C LEU B 583 4.87 10.54 20.79
N LEU B 584 5.18 10.04 21.98
CA LEU B 584 4.49 8.89 22.56
C LEU B 584 3.38 9.30 23.51
N HIS B 585 2.96 10.56 23.46
CA HIS B 585 1.87 11.09 24.26
C HIS B 585 2.17 10.99 25.76
N ILE B 586 3.45 10.96 26.12
CA ILE B 586 3.89 11.15 27.50
C ILE B 586 4.17 12.65 27.59
N ASP B 587 3.15 13.40 28.01
CA ASP B 587 3.24 14.85 27.87
C ASP B 587 3.86 15.52 29.09
N ASP B 588 3.82 14.86 30.24
CA ASP B 588 4.41 15.41 31.44
C ASP B 588 5.72 14.68 31.70
N PRO B 589 6.89 15.31 31.51
CA PRO B 589 8.16 14.56 31.63
C PRO B 589 8.56 14.36 33.09
N TYR B 590 8.14 15.28 33.96
CA TYR B 590 8.40 15.11 35.39
C TYR B 590 7.74 13.85 35.93
N ARG B 591 6.46 13.62 35.60
CA ARG B 591 5.79 12.42 36.10
C ARG B 591 6.51 11.15 35.64
N PHE B 592 6.75 11.04 34.33
CA PHE B 592 7.23 9.76 33.81
C PHE B 592 8.67 9.54 34.20
N LEU B 593 9.51 10.58 34.09
CA LEU B 593 10.92 10.42 34.43
C LEU B 593 11.12 10.06 35.89
N GLN B 594 10.22 10.50 36.77
CA GLN B 594 10.29 10.14 38.18
C GLN B 594 10.13 8.65 38.39
N THR B 595 9.55 7.93 37.42
CA THR B 595 9.27 6.51 37.59
C THR B 595 10.39 5.61 37.13
N LEU B 596 11.53 6.14 36.67
CA LEU B 596 12.58 5.19 36.30
C LEU B 596 13.36 4.72 37.52
N ILE B 597 14.21 3.72 37.28
CA ILE B 597 14.94 3.09 38.37
C ILE B 597 15.67 4.15 39.18
N ASN B 598 16.39 5.02 38.48
CA ASN B 598 17.02 6.20 39.06
C ASN B 598 16.42 7.43 38.41
N ALA B 599 15.63 8.16 39.19
CA ALA B 599 14.92 9.31 38.67
C ALA B 599 15.91 10.45 38.45
N PRO B 600 15.92 11.07 37.29
CA PRO B 600 16.83 12.19 37.07
C PRO B 600 16.44 13.37 37.95
N ASN B 601 17.40 14.25 38.16
CA ASN B 601 17.15 15.44 38.95
C ASN B 601 16.11 16.32 38.27
N PRO B 602 15.04 16.69 38.96
CA PRO B 602 14.07 17.64 38.38
C PRO B 602 14.68 18.98 37.97
N GLU B 603 15.88 19.33 38.45
CA GLU B 603 16.57 20.48 37.87
C GLU B 603 17.03 20.19 36.45
N ALA B 604 17.48 18.97 36.19
CA ALA B 604 17.86 18.59 34.84
C ALA B 604 16.66 18.61 33.90
N ILE B 605 15.51 18.21 34.39
CA ILE B 605 14.30 18.24 33.58
C ILE B 605 13.86 19.67 33.30
N LYS B 606 13.81 20.52 34.34
CA LYS B 606 13.46 21.93 34.13
C LYS B 606 14.38 22.58 33.11
N MET B 607 15.68 22.27 33.16
CA MET B 607 16.60 22.86 32.20
C MET B 607 16.32 22.36 30.79
N GLY B 608 15.95 21.10 30.65
CA GLY B 608 15.62 20.60 29.33
C GLY B 608 14.40 21.27 28.76
N VAL B 609 13.36 21.44 29.58
CA VAL B 609 12.15 22.08 29.08
C VAL B 609 12.45 23.52 28.71
N GLU B 610 13.30 24.22 29.48
CA GLU B 610 13.53 25.61 29.10
C GLU B 610 14.42 25.74 27.88
N LEU B 611 15.37 24.83 27.69
CA LEU B 611 16.11 24.81 26.43
C LEU B 611 15.14 24.58 25.27
N LEU B 612 14.27 23.58 25.40
CA LEU B 612 13.28 23.35 24.35
C LEU B 612 12.34 24.55 24.21
N LYS B 613 12.04 25.27 25.29
CA LYS B 613 11.21 26.47 25.15
C LYS B 613 11.96 27.56 24.39
N ARG B 614 13.26 27.69 24.67
CA ARG B 614 14.08 28.72 24.02
C ARG B 614 14.15 28.51 22.51
N ILE B 615 14.48 27.29 22.07
CA ILE B 615 14.53 27.00 20.63
C ILE B 615 13.15 26.86 20.01
N GLU B 616 12.09 26.95 20.82
CA GLU B 616 10.69 26.96 20.39
C GLU B 616 10.23 25.63 19.79
N ALA B 617 10.75 24.53 20.32
CA ALA B 617 10.13 23.22 20.12
C ALA B 617 8.96 23.00 21.07
N LEU B 618 8.94 23.70 22.20
CA LEU B 618 7.76 23.83 23.04
C LEU B 618 7.37 25.31 23.14
N ASP B 619 6.07 25.54 23.30
CA ASP B 619 5.54 26.87 23.56
C ASP B 619 5.68 27.18 25.05
N GLN B 620 5.05 28.27 25.51
CA GLN B 620 5.28 28.66 26.90
C GLN B 620 4.48 27.85 27.92
N THR B 621 3.58 26.98 27.49
CA THR B 621 2.90 26.07 28.39
C THR B 621 3.53 24.70 28.40
N GLY B 622 4.55 24.47 27.58
CA GLY B 622 5.20 23.18 27.50
C GLY B 622 4.62 22.24 26.46
N THR B 623 3.71 22.71 25.61
CA THR B 623 3.11 21.88 24.57
C THR B 623 3.98 21.91 23.31
N LEU B 624 4.01 20.76 22.63
CA LEU B 624 4.80 20.59 21.41
C LEU B 624 4.40 21.59 20.35
N THR B 625 5.37 22.22 19.72
CA THR B 625 5.07 23.05 18.55
C THR B 625 5.23 22.25 17.29
N PRO B 626 4.72 22.75 16.16
CA PRO B 626 5.00 22.07 14.90
C PRO B 626 6.49 21.85 14.66
N LEU B 627 7.32 22.87 14.88
CA LEU B 627 8.77 22.66 14.77
C LEU B 627 9.22 21.56 15.72
N GLY B 628 8.75 21.61 16.96
CA GLY B 628 9.14 20.61 17.94
C GLY B 628 8.79 19.19 17.52
N MET B 629 7.65 19.03 16.84
CA MET B 629 7.30 17.71 16.34
C MET B 629 8.29 17.24 15.28
N HIS B 630 8.77 18.14 14.41
CA HIS B 630 9.74 17.71 13.42
C HIS B 630 11.08 17.36 14.07
N LEU B 631 11.53 18.18 15.02
CA LEU B 631 12.78 17.86 15.70
C LEU B 631 12.68 16.53 16.45
N ALA B 632 11.52 16.20 17.00
CA ALA B 632 11.40 14.94 17.72
C ALA B 632 11.51 13.73 16.79
N LYS B 633 11.19 13.89 15.51
CA LYS B 633 11.25 12.80 14.54
C LYS B 633 12.62 12.61 13.91
N LEU B 634 13.63 13.54 14.18
CA LEU B 634 15.00 13.40 13.65
C LEU B 634 15.90 12.72 14.65
N PRO B 635 16.61 11.85 14.27
CA PRO B 635 17.48 11.08 15.16
C PRO B 635 18.78 11.82 15.51
N ILE B 636 18.64 13.01 16.10
CA ILE B 636 19.78 13.86 16.41
C ILE B 636 19.27 14.86 17.45
N ASP B 637 20.15 15.28 18.33
CA ASP B 637 19.82 16.26 19.37
C ASP B 637 19.10 17.47 18.76
N PRO B 638 18.20 18.12 19.51
CA PRO B 638 17.27 19.08 18.88
C PRO B 638 17.91 20.35 18.36
N GLN B 639 19.00 20.84 18.97
CA GLN B 639 19.66 22.02 18.43
C GLN B 639 20.21 21.74 17.04
N MET B 640 20.97 20.65 16.87
CA MET B 640 21.50 20.32 15.55
C MET B 640 20.41 19.87 14.58
N GLY B 641 19.33 19.29 15.07
CA GLY B 641 18.20 19.05 14.20
C GLY B 641 17.69 20.34 13.59
N LYS B 642 17.51 21.37 14.44
CA LYS B 642 17.05 22.68 13.97
C LYS B 642 18.03 23.30 12.97
N MET B 643 19.32 23.22 13.25
CA MET B 643 20.34 23.67 12.31
C MET B 643 20.19 22.95 10.97
N ILE B 644 19.86 21.65 11.00
CA ILE B 644 19.72 20.88 9.76
C ILE B 644 18.53 21.38 8.94
N LEU B 645 17.38 21.61 9.59
CA LEU B 645 16.24 22.26 8.93
C LEU B 645 16.62 23.61 8.35
N MET B 646 17.31 24.44 9.15
CA MET B 646 17.69 25.76 8.65
C MET B 646 18.43 25.62 7.34
N SER B 647 19.35 24.65 7.26
CA SER B 647 20.16 24.52 6.07
C SER B 647 19.34 24.06 4.88
N ALA B 648 18.21 23.38 5.11
CA ALA B 648 17.33 23.08 3.99
C ALA B 648 16.69 24.35 3.45
N LEU B 649 16.19 25.21 4.35
CA LEU B 649 15.55 26.43 3.87
C LEU B 649 16.53 27.46 3.35
N PHE B 650 17.81 27.35 3.74
CA PHE B 650 18.85 28.28 3.30
C PHE B 650 19.82 27.68 2.30
N CYS B 651 19.50 26.51 1.73
CA CYS B 651 20.23 25.96 0.57
C CYS B 651 21.72 25.75 0.83
N CYS B 652 22.05 25.30 2.04
CA CYS B 652 23.44 25.00 2.39
C CYS B 652 23.51 23.63 3.09
N LEU B 653 22.85 22.64 2.50
CA LEU B 653 22.50 21.42 3.22
C LEU B 653 23.68 20.47 3.40
N ASP B 654 24.62 20.43 2.49
CA ASP B 654 25.63 19.39 2.63
C ASP B 654 26.69 19.73 3.69
N PRO B 655 27.25 20.94 3.68
CA PRO B 655 28.19 21.31 4.75
C PRO B 655 27.57 21.34 6.13
N ILE B 656 26.30 21.72 6.21
CA ILE B 656 25.70 21.85 7.53
C ILE B 656 25.42 20.47 8.12
N THR B 657 24.97 19.51 7.30
CA THR B 657 24.84 18.15 7.85
C THR B 657 26.20 17.51 8.15
N SER B 658 27.27 17.96 7.50
CA SER B 658 28.58 17.47 7.91
C SER B 658 28.92 17.96 9.30
N ALA B 659 28.72 19.26 9.55
CA ALA B 659 28.90 19.79 10.90
C ALA B 659 28.00 19.09 11.90
N ALA B 660 26.73 18.85 11.54
CA ALA B 660 25.80 18.19 12.43
C ALA B 660 26.21 16.74 12.71
N ALA B 661 26.48 15.97 11.65
CA ALA B 661 26.85 14.58 11.83
C ALA B 661 28.09 14.44 12.72
N ALA B 662 29.10 15.26 12.48
CA ALA B 662 30.34 15.13 13.25
C ALA B 662 30.11 15.47 14.72
N LEU B 663 29.30 16.48 15.01
CA LEU B 663 29.07 16.78 16.41
C LEU B 663 28.19 15.75 17.04
N SER B 664 27.35 15.09 16.26
CA SER B 664 26.57 14.12 16.96
C SER B 664 27.29 12.80 17.05
N PHE B 665 27.92 12.27 15.98
CA PHE B 665 28.80 11.16 16.31
C PHE B 665 30.25 11.38 16.80
N LYS B 666 31.12 11.93 15.96
CA LYS B 666 32.52 12.16 16.36
C LYS B 666 33.30 12.85 15.23
N SER B 667 34.54 13.23 15.54
CA SER B 667 35.47 13.70 14.52
C SER B 667 36.16 12.50 13.88
N PRO B 668 36.45 12.55 12.57
CA PRO B 668 37.07 11.40 11.90
C PRO B 668 38.58 11.30 12.05
N PHE B 669 39.24 12.20 12.79
CA PHE B 669 40.69 12.24 12.88
C PHE B 669 41.18 11.34 14.01
N TYR B 670 42.21 10.53 13.70
CA TYR B 670 42.98 9.88 14.75
C TYR B 670 43.94 10.86 15.39
N SER B 671 44.43 10.49 16.57
CA SER B 671 45.43 11.27 17.30
C SER B 671 46.51 10.32 17.82
N PRO B 672 47.28 9.73 16.92
CA PRO B 672 48.21 8.67 17.34
C PRO B 672 49.40 9.19 18.15
N LEU B 673 50.00 8.28 18.90
CA LEU B 673 51.06 8.66 19.83
C LEU B 673 52.28 9.16 19.10
N GLY B 674 52.93 10.17 19.68
CA GLY B 674 54.13 10.74 19.12
C GLY B 674 53.90 11.70 17.97
N LYS B 675 52.69 11.72 17.42
CA LYS B 675 52.38 12.43 16.19
C LYS B 675 51.51 13.64 16.44
N GLU B 676 51.59 14.23 17.64
CA GLU B 676 50.69 15.35 18.00
C GLU B 676 50.98 16.60 17.16
N SER B 677 52.25 16.89 16.85
CA SER B 677 52.62 18.09 16.12
C SER B 677 51.99 18.01 14.76
N ARG B 678 51.98 16.79 14.28
CA ARG B 678 51.35 16.55 13.01
C ARG B 678 49.88 16.61 12.93
N VAL B 679 49.22 16.05 13.90
CA VAL B 679 47.81 16.14 13.75
C VAL B 679 47.45 17.60 13.67
N ASP B 680 48.17 18.46 14.39
CA ASP B 680 47.89 19.90 14.36
C ASP B 680 48.00 20.49 12.93
N GLU B 681 49.05 20.12 12.18
CA GLU B 681 49.22 20.66 10.84
C GLU B 681 48.09 20.24 9.91
N ILE B 682 47.74 18.94 9.90
CA ILE B 682 46.73 18.40 8.99
C ILE B 682 45.39 19.07 9.22
N LYS B 683 45.00 19.23 10.48
CA LYS B 683 43.74 19.87 10.74
C LYS B 683 43.76 21.33 10.30
N ARG B 684 44.86 22.04 10.56
CA ARG B 684 44.93 23.44 10.11
C ARG B 684 44.75 23.54 8.61
N ARG B 685 45.33 22.59 7.88
CA ARG B 685 45.27 22.66 6.44
C ARG B 685 43.89 22.30 5.92
N MET B 686 43.23 21.34 6.57
CA MET B 686 41.91 20.96 6.14
C MET B 686 40.88 21.99 6.52
N ALA B 687 41.21 22.86 7.48
CA ALA B 687 40.36 23.99 7.85
C ALA B 687 40.41 25.12 6.83
N ARG B 688 41.38 25.12 5.91
CA ARG B 688 41.47 26.12 4.83
C ARG B 688 41.31 27.54 5.36
N ASN B 689 41.92 27.79 6.51
CA ASN B 689 41.96 29.11 7.15
C ASN B 689 40.56 29.66 7.49
N MET B 690 39.53 28.84 7.56
CA MET B 690 38.20 29.37 7.87
C MET B 690 37.84 29.37 9.36
N ARG B 691 38.78 29.04 10.25
CA ARG B 691 38.60 29.26 11.69
C ARG B 691 37.38 28.55 12.26
N SER B 692 37.17 27.30 11.84
CA SER B 692 36.06 26.54 12.39
C SER B 692 36.34 25.04 12.35
N ASP B 693 36.13 24.36 13.46
CA ASP B 693 36.26 22.92 13.45
C ASP B 693 35.10 22.28 12.69
N HIS B 694 33.94 22.91 12.71
CA HIS B 694 32.77 22.35 12.01
C HIS B 694 32.98 22.34 10.50
N LEU B 695 33.31 23.50 9.91
CA LEU B 695 33.54 23.47 8.47
C LEU B 695 34.84 22.75 8.12
N MET B 696 35.75 22.63 9.09
CA MET B 696 36.95 21.83 8.88
C MET B 696 36.57 20.37 8.62
N VAL B 697 35.68 19.81 9.46
CA VAL B 697 35.16 18.47 9.21
C VAL B 697 34.56 18.39 7.80
N HIS B 698 33.72 19.37 7.44
CA HIS B 698 33.02 19.26 6.16
C HIS B 698 34.02 19.13 5.03
N ASN B 699 35.10 19.92 5.07
CA ASN B 699 36.11 19.84 4.00
C ASN B 699 36.83 18.52 3.96
N THR B 700 37.07 17.87 5.11
CA THR B 700 37.72 16.57 5.04
C THR B 700 36.81 15.58 4.33
N ILE B 701 35.49 15.75 4.47
CA ILE B 701 34.56 14.90 3.74
C ILE B 701 34.62 15.18 2.23
N ILE B 702 34.74 16.45 1.86
CA ILE B 702 34.89 16.83 0.45
C ILE B 702 36.18 16.23 -0.13
N ALA B 703 37.24 16.20 0.67
CA ALA B 703 38.47 15.54 0.23
C ALA B 703 38.33 14.01 0.24
N TYR B 704 37.54 13.45 1.18
CA TYR B 704 37.39 11.99 1.19
C TYR B 704 36.61 11.52 -0.04
N ARG B 705 35.63 12.32 -0.50
CA ARG B 705 34.93 11.93 -1.72
C ARG B 705 35.84 12.04 -2.93
N ASP B 706 36.75 13.00 -2.93
CA ASP B 706 37.75 13.04 -3.99
C ASP B 706 38.68 11.86 -3.98
N SER B 707 39.04 11.39 -2.80
CA SER B 707 39.87 10.21 -2.77
C SER B 707 39.16 9.03 -3.40
N ARG B 708 37.85 8.93 -3.21
CA ARG B 708 37.16 7.75 -3.75
C ARG B 708 36.95 7.84 -5.25
N TYR B 709 36.50 8.99 -5.75
CA TYR B 709 36.39 9.18 -7.20
C TYR B 709 37.74 8.95 -7.88
N SER B 710 38.83 9.26 -7.18
CA SER B 710 40.18 9.15 -7.70
C SER B 710 40.82 7.79 -7.43
N HIS B 711 40.11 6.87 -6.78
CA HIS B 711 40.67 5.56 -6.39
C HIS B 711 41.96 5.72 -5.57
N ALA B 712 42.00 6.71 -4.69
CA ALA B 712 43.12 6.92 -3.79
C ALA B 712 42.66 6.97 -2.34
N GLU B 713 41.59 6.23 -2.02
CA GLU B 713 40.94 6.30 -0.70
C GLU B 713 41.91 5.90 0.41
N ARG B 714 42.62 4.79 0.23
CA ARG B 714 43.54 4.34 1.27
C ARG B 714 44.67 5.33 1.47
N ASP B 715 45.38 5.67 0.39
CA ASP B 715 46.50 6.61 0.46
C ASP B 715 46.08 7.92 1.14
N PHE B 716 44.91 8.46 0.77
CA PHE B 716 44.42 9.70 1.36
C PHE B 716 44.23 9.56 2.86
N CYS B 717 43.57 8.49 3.32
CA CYS B 717 43.33 8.36 4.76
C CYS B 717 44.60 8.12 5.53
N TYR B 718 45.57 7.42 4.94
CA TYR B 718 46.84 7.19 5.63
C TYR B 718 47.61 8.50 5.79
N LYS B 719 47.72 9.30 4.73
CA LYS B 719 48.52 10.51 4.82
C LYS B 719 47.89 11.58 5.71
N ASN B 720 46.62 11.46 6.05
CA ASN B 720 45.93 12.52 6.77
C ASN B 720 45.43 12.08 8.15
N PHE B 721 45.83 10.90 8.61
CA PHE B 721 45.42 10.39 9.92
C PHE B 721 43.90 10.41 10.09
N LEU B 722 43.23 9.77 9.14
CA LEU B 722 41.77 9.67 9.13
C LEU B 722 41.28 8.24 9.11
N SER B 723 40.13 8.04 9.75
CA SER B 723 39.47 6.74 9.81
C SER B 723 38.48 6.63 8.66
N SER B 724 38.75 5.70 7.73
CA SER B 724 37.79 5.37 6.68
C SER B 724 36.40 5.07 7.25
N MET B 725 36.32 4.24 8.31
CA MET B 725 35.02 3.77 8.76
C MET B 725 34.20 4.89 9.37
N THR B 726 34.85 5.82 10.08
CA THR B 726 34.11 6.95 10.63
C THR B 726 33.61 7.83 9.51
N LEU B 727 34.43 8.04 8.47
CA LEU B 727 34.03 8.88 7.35
C LEU B 727 32.83 8.29 6.61
N GLN B 728 32.85 6.97 6.34
CA GLN B 728 31.69 6.44 5.65
C GLN B 728 30.47 6.41 6.55
N GLN B 729 30.66 6.42 7.86
CA GLN B 729 29.50 6.53 8.73
C GLN B 729 28.94 7.94 8.71
N LEU B 730 29.82 8.96 8.68
CA LEU B 730 29.30 10.33 8.59
C LEU B 730 28.57 10.55 7.28
N GLU B 731 29.00 9.93 6.20
CA GLU B 731 28.17 10.11 5.02
C GLU B 731 26.91 9.27 5.04
N ARG B 732 26.93 8.09 5.67
CA ARG B 732 25.66 7.42 5.81
C ARG B 732 24.72 8.23 6.69
N MET B 733 25.25 8.95 7.68
CA MET B 733 24.40 9.81 8.51
C MET B 733 23.93 11.05 7.77
N LYS B 734 24.79 11.63 6.94
CA LYS B 734 24.37 12.81 6.20
C LYS B 734 23.23 12.47 5.25
N ASN B 735 23.32 11.31 4.60
CA ASN B 735 22.27 10.94 3.67
C ASN B 735 21.01 10.49 4.41
N GLN B 736 21.15 9.95 5.63
CA GLN B 736 19.94 9.67 6.39
C GLN B 736 19.18 10.95 6.72
N PHE B 737 19.92 12.01 7.11
CA PHE B 737 19.25 13.27 7.42
C PHE B 737 18.60 13.87 6.18
N SER B 738 19.31 13.89 5.05
CA SER B 738 18.71 14.55 3.88
C SER B 738 17.48 13.80 3.40
N GLU B 739 17.50 12.47 3.48
CA GLU B 739 16.35 11.72 3.01
C GLU B 739 15.17 11.86 3.96
N LEU B 740 15.43 12.00 5.26
CA LEU B 740 14.34 12.30 6.18
C LEU B 740 13.71 13.62 5.80
N LEU B 741 14.53 14.66 5.60
CA LEU B 741 13.98 15.98 5.29
C LEU B 741 13.21 15.99 3.98
N TYR B 742 13.66 15.18 3.02
CA TYR B 742 12.88 15.01 1.79
C TYR B 742 11.55 14.32 2.07
N ASN B 743 11.53 13.34 2.98
CA ASN B 743 10.28 12.68 3.33
C ASN B 743 9.31 13.64 4.00
N TYR B 744 9.85 14.54 4.82
CA TYR B 744 9.03 15.54 5.52
C TYR B 744 8.72 16.75 4.63
N LYS B 745 9.02 16.68 3.33
CA LYS B 745 8.67 17.72 2.38
C LYS B 745 9.47 19.01 2.59
N PHE B 746 10.71 18.94 3.09
CA PHE B 746 11.56 20.12 3.20
C PHE B 746 12.57 20.26 2.07
N LEU B 747 12.85 19.19 1.33
CA LEU B 747 13.78 19.25 0.21
C LEU B 747 13.11 18.74 -1.06
N ALA B 748 13.57 19.30 -2.18
CA ALA B 748 13.15 18.78 -3.47
C ALA B 748 13.77 17.42 -3.74
N SER B 749 14.98 17.19 -3.22
CA SER B 749 15.71 15.95 -3.47
C SER B 749 16.15 15.30 -2.17
N SER B 750 16.26 13.97 -2.19
CA SER B 750 16.83 13.23 -1.06
C SER B 750 18.35 13.21 -1.08
N ASN B 751 18.96 13.61 -2.19
CA ASN B 751 20.42 13.54 -2.35
C ASN B 751 21.06 14.75 -1.66
N CYS B 752 21.84 14.49 -0.61
CA CYS B 752 22.26 15.63 0.17
C CYS B 752 23.34 16.47 -0.49
N LYS B 753 23.96 16.00 -1.57
CA LYS B 753 24.84 16.87 -2.35
C LYS B 753 24.15 17.44 -3.58
N ASP B 754 22.81 17.46 -3.60
CA ASP B 754 22.09 17.98 -4.75
C ASP B 754 22.33 19.47 -4.95
N ALA B 755 22.44 19.86 -6.23
CA ALA B 755 22.75 21.25 -6.57
C ALA B 755 21.70 22.22 -6.02
N ALA B 756 20.42 21.84 -6.10
CA ALA B 756 19.36 22.74 -5.68
C ALA B 756 19.36 22.98 -4.18
N SER B 757 19.79 22.00 -3.39
CA SER B 757 19.88 22.15 -1.94
C SER B 757 21.17 22.80 -1.49
N ASN B 758 22.06 23.23 -2.41
CA ASN B 758 23.36 23.75 -2.02
C ASN B 758 23.73 25.01 -2.80
N LYS B 759 22.74 25.80 -3.21
CA LYS B 759 23.06 27.02 -3.97
C LYS B 759 23.91 27.98 -3.17
N ASN B 760 23.88 27.89 -1.84
CA ASN B 760 24.64 28.79 -0.98
C ASN B 760 25.79 28.10 -0.27
N SER B 761 26.14 26.88 -0.68
CA SER B 761 27.04 26.10 0.16
C SER B 761 28.48 26.59 0.14
N GLU B 762 28.83 27.48 -0.78
CA GLU B 762 30.16 28.07 -0.78
C GLU B 762 30.19 29.44 -0.12
N LYS B 763 29.04 29.95 0.31
CA LYS B 763 29.00 31.27 0.94
C LYS B 763 29.32 31.09 2.42
N ILE B 764 30.61 31.16 2.76
CA ILE B 764 31.08 30.89 4.12
C ILE B 764 30.32 31.70 5.16
N PRO B 765 30.20 33.04 5.03
CA PRO B 765 29.47 33.79 6.08
C PRO B 765 28.06 33.32 6.31
N LEU B 766 27.39 32.83 5.24
CA LEU B 766 26.08 32.22 5.43
C LEU B 766 26.18 30.90 6.23
N LEU B 767 27.24 30.09 6.02
CA LEU B 767 27.35 28.86 6.81
C LEU B 767 27.70 29.11 8.26
N ARG B 768 28.50 30.15 8.57
CA ARG B 768 28.71 30.42 9.99
C ARG B 768 27.41 30.89 10.64
N ALA B 769 26.55 31.55 9.86
CA ALA B 769 25.25 31.95 10.39
C ALA B 769 24.45 30.74 10.84
N ILE B 770 24.39 29.70 9.97
CA ILE B 770 23.58 28.54 10.28
C ILE B 770 24.21 27.73 11.40
N ILE B 771 25.55 27.57 11.37
CA ILE B 771 26.26 26.98 12.50
C ILE B 771 25.89 27.73 13.79
N GLY B 772 25.98 29.06 13.76
CA GLY B 772 25.64 29.83 14.95
C GLY B 772 24.20 29.63 15.40
N ALA B 773 23.27 29.55 14.44
CA ALA B 773 21.86 29.33 14.77
C ALA B 773 21.64 28.01 15.50
N GLY B 774 22.54 27.05 15.34
CA GLY B 774 22.40 25.76 16.01
C GLY B 774 23.11 25.69 17.35
N LEU B 775 24.30 26.29 17.41
CA LEU B 775 25.14 26.27 18.59
C LEU B 775 24.77 27.33 19.62
N TYR B 776 24.04 28.36 19.20
CA TYR B 776 23.55 29.39 20.11
C TYR B 776 22.74 28.75 21.25
N PRO B 777 22.90 29.22 22.50
CA PRO B 777 23.61 30.44 22.88
C PRO B 777 25.04 30.27 23.35
N ASN B 778 25.72 29.19 23.02
CA ASN B 778 27.10 29.00 23.51
C ASN B 778 28.00 29.91 22.67
N MET B 779 28.26 31.10 23.18
CA MET B 779 29.12 32.08 22.55
C MET B 779 30.31 32.35 23.44
N ALA B 780 31.42 32.75 22.82
CA ALA B 780 32.55 33.26 23.57
C ALA B 780 33.17 34.43 22.83
N HIS B 781 33.77 35.34 23.57
CA HIS B 781 34.33 36.58 23.01
C HIS B 781 35.82 36.65 23.31
N LEU B 782 36.63 36.86 22.26
CA LEU B 782 38.07 36.99 22.42
C LEU B 782 38.43 38.47 22.55
N ARG B 783 39.34 38.79 23.47
CA ARG B 783 39.56 40.20 23.81
C ARG B 783 40.99 40.66 23.68
N LYS B 784 41.97 39.78 23.84
CA LYS B 784 43.33 40.17 23.56
C LYS B 784 44.04 38.95 22.98
N SER B 785 45.12 39.23 22.28
CA SER B 785 45.83 38.16 21.63
C SER B 785 47.27 38.63 21.60
N ARG B 786 48.10 38.19 22.54
CA ARG B 786 49.43 38.69 22.25
C ARG B 786 50.31 37.53 21.71
N GLN B 787 51.36 37.87 20.99
CA GLN B 787 52.42 36.89 20.77
C GLN B 787 53.72 37.22 21.53
N ARG B 793 52.81 30.72 18.08
CA ARG B 793 51.61 30.51 18.89
C ARG B 793 51.30 31.78 19.70
N ALA B 794 50.06 31.95 20.12
CA ALA B 794 49.62 33.19 20.75
C ALA B 794 48.79 32.91 21.99
N ILE B 795 48.76 33.87 22.92
CA ILE B 795 48.03 33.72 24.18
C ILE B 795 46.70 34.43 24.09
N HIS B 796 45.62 33.77 24.52
CA HIS B 796 44.28 34.28 24.29
C HIS B 796 43.65 34.81 25.56
N THR B 797 43.09 36.02 25.50
CA THR B 797 42.19 36.52 26.54
C THR B 797 40.79 36.50 25.95
N MET B 798 40.05 35.44 26.26
CA MET B 798 38.71 35.20 25.75
C MET B 798 37.85 34.69 26.90
N ALA B 799 36.54 34.86 26.78
CA ALA B 799 35.61 34.47 27.82
C ALA B 799 34.26 34.12 27.20
N THR B 800 33.59 33.12 27.77
CA THR B 800 32.23 32.84 27.34
C THR B 800 31.24 33.90 27.87
N ASP B 801 30.03 33.90 27.28
CA ASP B 801 28.96 34.88 27.57
C ASP B 801 28.60 34.94 29.05
N ASP B 802 28.88 33.88 29.82
CA ASP B 802 28.57 33.84 31.24
C ASP B 802 29.64 34.49 32.09
N GLY B 803 30.76 34.89 31.47
CA GLY B 803 31.79 35.64 32.14
C GLY B 803 33.01 34.84 32.49
N ARG B 804 32.93 33.51 32.41
CA ARG B 804 34.09 32.67 32.71
C ARG B 804 35.17 32.80 31.63
N ARG B 805 36.43 32.82 32.08
CA ARG B 805 37.56 32.64 31.19
C ARG B 805 37.66 31.27 30.62
N VAL B 806 37.83 31.21 29.29
CA VAL B 806 37.99 29.98 28.54
C VAL B 806 39.22 30.07 27.64
N ASN B 807 39.63 28.93 27.10
CA ASN B 807 40.60 28.87 26.02
C ASN B 807 40.15 27.79 25.04
N PHE B 808 40.58 27.87 23.78
CA PHE B 808 40.22 26.78 22.86
C PHE B 808 41.05 25.55 23.21
N HIS B 809 40.42 24.39 23.16
CA HIS B 809 41.14 23.17 23.46
C HIS B 809 42.24 23.00 22.43
N PRO B 810 43.45 22.61 22.85
CA PRO B 810 44.57 22.51 21.89
C PRO B 810 44.28 21.60 20.69
N SER B 811 43.27 20.74 20.77
CA SER B 811 42.84 19.94 19.62
C SER B 811 41.92 20.70 18.66
N SER B 812 41.45 21.90 19.01
CA SER B 812 40.66 22.71 18.10
C SER B 812 41.57 23.43 17.11
N VAL B 813 41.07 23.67 15.90
CA VAL B 813 41.90 24.42 14.95
C VAL B 813 42.20 25.83 15.43
N ASN B 814 41.44 26.38 16.38
CA ASN B 814 41.66 27.78 16.70
C ASN B 814 42.64 27.97 17.85
N SER B 815 43.08 26.88 18.47
CA SER B 815 44.05 26.97 19.54
C SER B 815 45.30 27.67 19.03
N GLY B 816 45.69 28.75 19.72
CA GLY B 816 46.95 29.42 19.43
C GLY B 816 47.01 30.32 18.20
N GLU B 817 45.93 30.41 17.41
CA GLU B 817 45.93 31.24 16.20
C GLU B 817 45.76 32.72 16.56
N SER B 818 46.14 33.59 15.62
CA SER B 818 46.06 35.03 15.89
C SER B 818 45.22 35.84 14.92
N GLY B 819 45.27 35.57 13.63
CA GLY B 819 44.62 36.46 12.69
C GLY B 819 43.11 36.35 12.57
N PHE B 820 42.36 36.61 13.64
CA PHE B 820 40.92 36.40 13.55
C PHE B 820 40.21 37.62 12.95
N ASP B 821 39.40 37.36 11.92
CA ASP B 821 38.63 38.43 11.28
C ASP B 821 37.54 38.97 12.21
N SER B 822 37.01 38.10 13.08
CA SER B 822 35.99 38.46 14.06
C SER B 822 36.40 37.95 15.44
N ALA B 823 35.97 38.64 16.48
CA ALA B 823 36.35 38.22 17.82
C ALA B 823 35.32 37.29 18.49
N TYR B 824 34.32 36.80 17.76
CA TYR B 824 33.25 36.04 18.40
C TYR B 824 33.21 34.59 17.89
N PHE B 825 32.90 33.68 18.80
CA PHE B 825 32.86 32.27 18.48
C PHE B 825 31.61 31.64 19.07
N VAL B 826 31.17 30.59 18.42
CA VAL B 826 30.20 29.67 18.99
C VAL B 826 30.88 28.32 19.18
N TYR B 827 30.32 27.52 20.08
CA TYR B 827 30.92 26.24 20.43
C TYR B 827 29.81 25.27 20.82
N PHE B 828 30.12 23.99 20.70
CA PHE B 828 29.18 22.96 21.12
C PHE B 828 29.43 22.52 22.56
N GLN B 829 30.69 22.28 22.94
CA GLN B 829 31.01 21.71 24.24
C GLN B 829 32.13 22.46 24.95
N ARG B 830 31.80 23.05 26.09
CA ARG B 830 32.73 23.55 27.09
C ARG B 830 33.10 22.45 28.07
N GLN B 831 34.39 22.35 28.39
CA GLN B 831 34.85 21.30 29.27
C GLN B 831 36.06 21.80 30.05
N LYS B 832 36.05 21.58 31.37
CA LYS B 832 37.17 21.87 32.26
C LYS B 832 37.91 20.58 32.55
N SER B 833 39.17 20.44 32.11
CA SER B 833 40.02 19.51 32.85
C SER B 833 41.22 20.13 33.57
N THR B 834 42.09 20.81 32.84
CA THR B 834 43.21 21.57 33.38
C THR B 834 42.92 23.06 33.42
N ASP B 835 41.87 23.45 32.71
CA ASP B 835 41.44 24.80 32.43
C ASP B 835 40.06 24.62 31.84
N LEU B 836 39.38 25.73 31.59
CA LEU B 836 38.05 25.71 31.00
C LEU B 836 38.17 25.85 29.48
N PHE B 837 37.97 24.75 28.75
CA PHE B 837 38.22 24.75 27.31
C PHE B 837 36.94 24.72 26.49
N LEU B 838 37.05 25.23 25.27
CA LEU B 838 36.06 24.99 24.23
C LEU B 838 36.58 23.88 23.33
N LEU B 839 35.84 22.78 23.22
CA LEU B 839 36.36 21.61 22.50
C LEU B 839 36.24 21.72 21.00
N ASP B 840 35.52 22.72 20.52
CA ASP B 840 35.17 22.88 19.12
C ASP B 840 34.65 24.29 18.97
N SER B 841 34.88 24.90 17.80
CA SER B 841 34.41 26.28 17.70
C SER B 841 34.38 26.73 16.26
N THR B 842 33.41 27.59 15.98
CA THR B 842 33.31 28.36 14.75
C THR B 842 33.34 29.83 15.10
N MET B 843 34.26 30.57 14.45
CA MET B 843 34.21 32.02 14.38
C MET B 843 32.91 32.55 13.78
N VAL B 844 32.25 33.48 14.48
CA VAL B 844 30.97 33.99 13.99
C VAL B 844 30.99 35.51 13.91
N PHE B 845 30.13 36.03 13.08
CA PHE B 845 30.07 37.49 12.93
C PHE B 845 28.89 38.07 13.71
N PRO B 846 29.03 39.28 14.27
CA PRO B 846 27.94 39.85 15.08
C PRO B 846 26.59 39.91 14.37
N MET B 847 26.58 40.24 13.08
CA MET B 847 25.31 40.36 12.39
C MET B 847 24.57 39.02 12.34
N ALA B 848 25.31 37.92 12.20
CA ALA B 848 24.66 36.61 12.15
C ALA B 848 24.06 36.24 13.51
N LEU B 849 24.77 36.53 14.60
CA LEU B 849 24.18 36.28 15.91
C LEU B 849 22.90 37.10 16.10
N ILE B 850 22.94 38.39 15.75
CA ILE B 850 21.78 39.23 15.97
C ILE B 850 20.57 38.70 15.20
N ILE B 851 20.79 38.25 13.97
CA ILE B 851 19.66 37.84 13.14
C ILE B 851 19.01 36.58 13.67
N PHE B 852 19.81 35.65 14.18
CA PHE B 852 19.32 34.33 14.56
C PHE B 852 19.22 34.10 16.05
N GLY B 853 19.66 35.04 16.89
CA GLY B 853 19.63 34.88 18.33
C GLY B 853 18.39 35.50 18.96
N ASP B 854 18.45 35.66 20.28
CA ASP B 854 17.38 36.34 20.99
C ASP B 854 17.97 37.42 21.89
N GLY B 855 17.15 38.06 22.70
CA GLY B 855 17.63 39.16 23.52
C GLY B 855 18.14 40.31 22.70
N VAL B 856 17.51 40.56 21.55
CA VAL B 856 17.91 41.61 20.62
C VAL B 856 17.03 42.83 20.88
N GLU B 857 17.66 43.97 21.15
CA GLU B 857 16.95 45.24 21.25
C GLU B 857 17.84 46.34 20.68
N ALA B 858 17.20 47.47 20.33
CA ALA B 858 17.87 48.66 19.81
C ALA B 858 17.62 49.83 20.76
N GLY B 859 18.61 50.69 20.92
CA GLY B 859 18.48 51.85 21.79
C GLY B 859 19.78 52.62 21.86
N VAL B 860 19.89 53.50 22.88
CA VAL B 860 21.08 54.36 23.02
C VAL B 860 21.68 54.24 24.43
N THR B 861 22.99 54.04 24.47
CA THR B 861 23.85 54.17 25.64
C THR B 861 24.94 55.14 25.25
N GLN B 862 26.00 55.30 26.04
CA GLN B 862 26.21 56.56 26.76
C GLN B 862 25.83 57.76 25.86
N ASN B 863 26.38 57.90 24.63
CA ASN B 863 25.50 58.62 23.72
C ASN B 863 25.47 58.02 22.33
N THR B 864 25.66 56.73 22.20
CA THR B 864 25.75 55.98 20.97
C THR B 864 24.53 55.09 20.81
N PRO B 865 24.02 54.89 19.60
CA PRO B 865 22.92 53.92 19.45
C PRO B 865 23.50 52.51 19.43
N TYR B 866 22.82 51.61 20.12
CA TYR B 866 23.29 50.24 20.31
C TYR B 866 22.42 49.30 19.51
N LEU B 867 22.92 48.09 19.31
CA LEU B 867 22.04 46.98 19.02
C LEU B 867 22.66 45.72 19.58
N CYS B 868 21.89 44.97 20.35
CA CYS B 868 22.50 43.96 21.19
C CYS B 868 21.92 42.58 20.87
N VAL B 869 22.60 41.57 21.39
CA VAL B 869 22.13 40.19 21.30
C VAL B 869 22.40 39.52 22.64
N ALA B 870 21.43 38.69 23.08
CA ALA B 870 21.33 38.03 24.39
C ALA B 870 21.40 39.01 25.56
N LYS B 871 21.14 40.29 25.26
CA LYS B 871 21.41 41.43 26.13
C LYS B 871 22.75 41.21 26.82
N THR B 872 23.72 40.69 26.08
CA THR B 872 25.06 40.47 26.61
C THR B 872 26.15 41.15 25.80
N TYR B 873 26.06 41.11 24.47
CA TYR B 873 26.98 41.76 23.55
C TYR B 873 26.30 42.95 22.89
N TYR B 874 26.85 44.16 23.07
CA TYR B 874 26.22 45.37 22.57
C TYR B 874 27.08 45.92 21.43
N PHE B 875 26.43 46.28 20.32
CA PHE B 875 27.12 46.67 19.10
C PHE B 875 26.69 48.05 18.63
N LYS B 876 27.65 48.85 18.18
CA LYS B 876 27.31 50.13 17.56
C LYS B 876 26.48 49.84 16.33
N CYS B 877 25.36 50.54 16.20
CA CYS B 877 24.51 50.30 15.05
C CYS B 877 23.63 51.51 14.84
N ASN B 878 23.78 52.17 13.70
CA ASN B 878 22.95 53.31 13.39
C ASN B 878 21.47 52.88 13.42
N ARG B 879 20.55 53.83 13.50
CA ARG B 879 19.20 53.36 13.78
C ARG B 879 18.50 52.88 12.53
N GLU B 880 18.90 53.36 11.36
CA GLU B 880 18.23 52.82 10.18
C GLU B 880 18.57 51.35 10.01
N THR B 881 19.79 50.94 10.34
CA THR B 881 20.09 49.50 10.25
C THR B 881 19.30 48.71 11.29
N ALA B 882 19.20 49.22 12.53
CA ALA B 882 18.53 48.43 13.58
C ALA B 882 17.04 48.27 13.30
N ASP B 883 16.38 49.30 12.77
CA ASP B 883 14.97 49.15 12.41
C ASP B 883 14.79 48.03 11.40
N VAL B 884 15.69 47.96 10.40
CA VAL B 884 15.55 46.97 9.33
C VAL B 884 15.83 45.56 9.86
N VAL B 885 16.88 45.41 10.66
CA VAL B 885 17.21 44.10 11.22
C VAL B 885 16.10 43.61 12.15
N ILE B 886 15.47 44.54 12.88
CA ILE B 886 14.37 44.15 13.75
C ILE B 886 13.17 43.70 12.92
N GLN B 887 12.84 44.43 11.85
CA GLN B 887 11.72 43.97 11.05
C GLN B 887 12.08 42.68 10.30
N LEU B 888 13.36 42.51 9.97
CA LEU B 888 13.78 41.30 9.29
C LEU B 888 13.71 40.09 10.22
N ARG B 889 14.00 40.28 11.51
CA ARG B 889 13.85 39.17 12.44
C ARG B 889 12.39 38.78 12.59
N SER B 890 11.51 39.78 12.62
CA SER B 890 10.08 39.52 12.80
C SER B 890 9.53 38.70 11.64
N ASN B 891 9.99 38.99 10.43
CA ASN B 891 9.54 38.21 9.28
C ASN B 891 10.21 36.85 9.22
N LEU B 892 11.43 36.72 9.72
CA LEU B 892 12.02 35.40 9.79
C LEU B 892 11.29 34.49 10.79
N GLU B 893 10.78 35.06 11.89
CA GLU B 893 9.98 34.26 12.81
C GLU B 893 8.69 33.79 12.16
N LYS B 894 8.08 34.65 11.34
CA LYS B 894 6.82 34.27 10.71
C LYS B 894 7.06 33.22 9.62
N LEU B 895 8.18 33.33 8.93
CA LEU B 895 8.49 32.36 7.89
C LEU B 895 8.74 30.98 8.50
N LEU B 896 9.52 30.93 9.58
CA LEU B 896 9.80 29.64 10.21
C LEU B 896 8.52 28.97 10.71
N LEU B 897 7.63 29.75 11.35
CA LEU B 897 6.36 29.21 11.83
C LEU B 897 5.54 28.63 10.69
N LYS B 898 5.61 29.25 9.51
CA LYS B 898 4.80 28.79 8.39
C LYS B 898 5.38 27.50 7.78
N LYS B 899 6.72 27.41 7.65
CA LYS B 899 7.33 26.23 7.05
C LYS B 899 7.30 25.02 8.00
N ALA B 900 7.27 25.24 9.31
CA ALA B 900 7.10 24.11 10.20
C ALA B 900 5.68 23.51 10.08
N LEU B 901 4.66 24.37 10.02
CA LEU B 901 3.28 23.90 10.04
C LEU B 901 2.81 23.38 8.67
N TYR B 902 3.27 23.97 7.57
CA TYR B 902 2.98 23.48 6.21
C TYR B 902 4.29 23.29 5.46
N PRO B 903 4.94 22.15 5.63
CA PRO B 903 6.25 21.92 4.98
C PRO B 903 6.18 21.93 3.46
N ALA B 904 7.14 22.63 2.86
CA ALA B 904 7.36 22.57 1.42
C ALA B 904 8.77 23.09 1.16
N PRO B 905 9.41 22.66 0.07
CA PRO B 905 10.66 23.31 -0.32
C PRO B 905 10.41 24.78 -0.61
N ILE B 906 11.41 25.60 -0.32
CA ILE B 906 11.36 27.01 -0.71
C ILE B 906 11.55 27.13 -2.22
N GLU B 907 10.52 27.63 -2.91
CA GLU B 907 10.58 27.76 -4.36
C GLU B 907 11.61 28.80 -4.76
N GLU B 908 12.34 28.53 -5.85
CA GLU B 908 13.57 29.28 -6.11
C GLU B 908 13.31 30.75 -6.50
N ASN B 909 12.16 31.11 -7.05
CA ASN B 909 11.90 32.52 -7.41
C ASN B 909 10.51 32.95 -6.95
N GLY B 910 10.15 32.62 -5.72
CA GLY B 910 8.88 32.98 -5.16
C GLY B 910 8.99 33.95 -4.01
N TYR B 911 7.88 34.11 -3.29
CA TYR B 911 7.83 35.08 -2.19
C TYR B 911 8.73 34.70 -1.02
N GLU B 912 8.78 33.42 -0.63
CA GLU B 912 9.58 33.13 0.56
C GLU B 912 11.08 33.29 0.27
N LYS B 913 11.52 32.93 -0.94
CA LYS B 913 12.91 33.15 -1.32
C LYS B 913 13.34 34.60 -1.11
N GLN B 914 12.40 35.55 -1.28
CA GLN B 914 12.72 36.98 -1.17
C GLN B 914 13.26 37.35 0.21
N LEU B 915 12.60 36.84 1.26
CA LEU B 915 13.12 37.03 2.60
C LEU B 915 14.48 36.36 2.78
N ILE B 916 14.63 35.14 2.23
CA ILE B 916 15.90 34.43 2.28
C ILE B 916 17.00 35.26 1.60
N LYS B 917 16.72 35.77 0.39
CA LYS B 917 17.71 36.59 -0.30
C LYS B 917 18.11 37.80 0.54
N ALA B 918 17.15 38.38 1.25
CA ALA B 918 17.45 39.53 2.12
C ALA B 918 18.41 39.17 3.24
N ILE B 919 18.35 37.96 3.76
CA ILE B 919 19.27 37.60 4.82
C ILE B 919 20.65 37.32 4.26
N GLU B 920 20.72 36.55 3.16
CA GLU B 920 21.97 36.37 2.42
C GLU B 920 22.69 37.69 2.17
N LEU B 921 21.94 38.70 1.72
CA LEU B 921 22.51 39.99 1.37
C LEU B 921 23.18 40.62 2.59
N LEU B 922 22.47 40.69 3.73
CA LEU B 922 23.05 41.26 4.95
C LEU B 922 24.28 40.44 5.43
N LEU B 923 24.16 39.11 5.47
CA LEU B 923 25.29 38.33 5.96
C LEU B 923 26.48 38.38 5.02
N SER B 924 26.23 38.55 3.71
CA SER B 924 27.33 38.67 2.76
C SER B 924 28.26 39.84 3.07
N LEU B 925 27.79 40.88 3.78
CA LEU B 925 28.64 42.03 4.10
C LEU B 925 29.92 41.65 4.85
N ASP B 926 30.00 40.49 5.49
CA ASP B 926 31.17 40.21 6.31
C ASP B 926 32.21 39.33 5.59
N GLU B 927 32.26 39.36 4.26
CA GLU B 927 33.27 38.54 3.63
C GLU B 927 34.64 39.21 3.70
N ARG B 928 35.67 38.36 3.64
CA ARG B 928 37.06 38.74 3.90
C ARG B 928 37.57 39.82 2.94
N LEU B 929 37.64 39.52 1.65
CA LEU B 929 38.15 40.52 0.73
C LEU B 929 37.01 41.31 0.08
#